data_5HUM
#
_entry.id   5HUM
#
_cell.length_a   117.335
_cell.length_b   76.277
_cell.length_c   117.211
_cell.angle_alpha   90.00
_cell.angle_beta   90.02
_cell.angle_gamma   90.00
#
_symmetry.space_group_name_H-M   'P 1 21 1'
#
loop_
_entity.id
_entity.type
_entity.pdbx_description
1 polymer neuraminidase
2 non-polymer 'CALCIUM ION'
3 non-polymer 2-acetamido-2-deoxy-beta-D-glucopyranose
4 water water
#
_entity_poly.entity_id   1
_entity_poly.type   'polypeptide(L)'
_entity_poly.pdbx_seq_one_letter_code
;PGGHLLNLTKPLCEVNSWHILSKDNAIRIGEDAHIIVTREPYLSCDPQGCRMFALSQGTTLRGKHANGTIHDRSPFRALV
SWEMGQAPSPYNTRVECIGWSSTSCHDGISRMSICISGPNNNASAVVWYGGRPVTEIPSWAGNILRTQESECVCHGGICP
VVMTDGPANNRAETKIIYFKEGKIKKIEELKGDAQHIEECSCYGASEMIKCICRDNWKGANRPVITIDPEMMTHTSKYLC
SKILTDTSRPNDPTNGKCEAPITGGSPDPGVKGFAFLDGENSWLGRTISKDSRSGYEMLKVPNAETDTQSGAISHQIIVN
NQNWSGYSGAFIDYWANKECFNPCFYVELIRGRPKESSVLWTSNSIVALCGSKERLGSWSWHDGAEIIYFK
;
_entity_poly.pdbx_strand_id   A,B,C,D
#
# COMPACT_ATOMS: atom_id res chain seq x y z
N GLY A 3 16.20 19.40 -5.28
CA GLY A 3 16.57 20.01 -3.99
C GLY A 3 17.86 20.80 -4.00
N HIS A 4 18.37 21.08 -2.82
CA HIS A 4 19.59 21.86 -2.59
C HIS A 4 20.43 21.09 -1.56
N LEU A 5 21.75 21.19 -1.66
CA LEU A 5 22.59 20.45 -0.70
C LEU A 5 22.39 20.90 0.74
N LEU A 6 22.33 19.93 1.64
CA LEU A 6 22.34 20.25 3.08
C LEU A 6 23.73 20.74 3.54
N ASN A 7 23.73 21.94 4.11
CA ASN A 7 24.88 22.44 4.85
C ASN A 7 24.55 22.58 6.31
N LEU A 8 25.51 22.13 7.13
CA LEU A 8 25.33 22.09 8.58
C LEU A 8 25.56 23.48 9.22
N THR A 9 24.71 24.42 8.85
CA THR A 9 24.93 25.82 9.23
C THR A 9 24.41 26.16 10.63
N LYS A 10 23.61 25.29 11.21
CA LYS A 10 22.94 25.59 12.47
C LYS A 10 23.64 24.88 13.64
N PRO A 11 23.55 25.46 14.88
CA PRO A 11 23.99 24.83 16.11
C PRO A 11 22.92 23.87 16.60
N LEU A 12 23.27 23.11 17.63
CA LEU A 12 22.34 22.24 18.29
C LEU A 12 21.34 23.06 19.10
N CYS A 13 20.10 22.60 19.14
CA CYS A 13 19.09 23.15 20.06
C CYS A 13 19.43 22.86 21.52
N GLU A 14 19.07 23.80 22.39
CA GLU A 14 19.08 23.58 23.83
C GLU A 14 18.14 22.44 24.14
N VAL A 15 18.61 21.49 24.94
CA VAL A 15 17.79 20.37 25.34
C VAL A 15 17.76 20.23 26.85
N ASN A 16 16.56 20.26 27.43
CA ASN A 16 16.37 20.06 28.85
C ASN A 16 15.60 18.78 29.20
N SER A 17 14.93 18.18 28.21
CA SER A 17 14.28 16.89 28.46
C SER A 17 13.97 16.30 27.10
N TRP A 18 13.37 15.12 27.06
CA TRP A 18 13.13 14.45 25.77
C TRP A 18 11.69 14.10 25.61
N HIS A 19 11.15 14.38 24.42
CA HIS A 19 9.71 14.11 24.13
C HIS A 19 9.56 12.96 23.14
N ILE A 20 8.44 12.27 23.19
CA ILE A 20 8.22 11.09 22.34
C ILE A 20 8.01 11.54 20.85
N LEU A 21 8.76 10.86 19.96
CA LEU A 21 8.70 11.15 18.50
C LEU A 21 7.95 10.03 17.80
N SER A 22 8.38 8.80 18.01
CA SER A 22 7.73 7.72 17.34
C SER A 22 7.94 6.42 18.10
N LYS A 23 7.05 5.48 17.86
CA LYS A 23 7.18 4.15 18.50
C LYS A 23 6.47 3.15 17.59
N ASP A 24 7.10 2.05 17.17
CA ASP A 24 6.34 1.25 16.21
C ASP A 24 5.57 0.02 16.76
N ASN A 25 5.87 -0.39 18.01
CA ASN A 25 5.11 -1.50 18.63
C ASN A 25 5.11 -2.76 17.81
N ALA A 26 6.26 -2.98 17.18
CA ALA A 26 6.38 -4.00 16.15
C ALA A 26 6.16 -5.41 16.63
N ILE A 27 6.64 -5.68 17.85
CA ILE A 27 6.53 -7.07 18.37
C ILE A 27 5.12 -7.35 18.81
N ARG A 28 4.47 -6.37 19.45
CA ARG A 28 3.03 -6.45 19.81
C ARG A 28 2.19 -6.73 18.58
N ILE A 29 2.38 -5.87 17.58
CA ILE A 29 1.58 -6.02 16.36
C ILE A 29 1.90 -7.34 15.64
N GLY A 30 3.19 -7.66 15.59
CA GLY A 30 3.73 -8.82 14.91
C GLY A 30 3.36 -10.16 15.50
N GLU A 31 2.80 -10.14 16.69
CA GLU A 31 2.24 -11.37 17.24
C GLU A 31 1.10 -11.91 16.34
N ASP A 32 0.43 -11.05 15.57
CA ASP A 32 -0.66 -11.56 14.73
C ASP A 32 -0.68 -11.02 13.30
N ALA A 33 0.07 -9.97 13.03
CA ALA A 33 0.09 -9.40 11.67
C ALA A 33 1.38 -9.85 11.01
N HIS A 34 1.54 -9.54 9.72
CA HIS A 34 2.75 -9.94 8.99
C HIS A 34 3.85 -8.92 9.16
N ILE A 35 4.60 -9.05 10.23
CA ILE A 35 5.66 -8.09 10.57
C ILE A 35 7.02 -8.77 10.40
N ILE A 36 7.96 -8.15 9.72
CA ILE A 36 9.22 -8.84 9.46
C ILE A 36 10.12 -8.80 10.66
N VAL A 37 10.95 -9.84 10.80
CA VAL A 37 11.98 -9.83 11.84
C VAL A 37 13.13 -8.90 11.46
N THR A 38 13.56 -8.06 12.40
CA THR A 38 14.66 -7.16 12.16
C THR A 38 15.63 -7.13 13.37
N ARG A 39 16.70 -6.37 13.22
CA ARG A 39 17.52 -5.89 14.34
C ARG A 39 18.39 -4.77 13.77
N GLU A 40 19.12 -4.05 14.63
CA GLU A 40 19.97 -2.91 14.22
C GLU A 40 19.20 -1.80 13.47
N PRO A 41 18.13 -1.28 14.10
CA PRO A 41 17.27 -0.26 13.49
C PRO A 41 17.92 1.07 13.62
N TYR A 42 17.38 2.02 12.91
CA TYR A 42 17.73 3.43 13.13
C TYR A 42 16.69 4.28 12.42
N LEU A 43 16.86 5.61 12.48
CA LEU A 43 16.00 6.52 11.66
C LEU A 43 16.91 7.47 10.91
N SER A 44 16.36 7.96 9.80
CA SER A 44 17.06 8.99 9.01
C SER A 44 16.04 9.80 8.27
N CYS A 45 16.28 11.11 8.19
CA CYS A 45 15.34 12.04 7.57
C CYS A 45 15.83 12.50 6.21
N ASP A 46 14.92 13.09 5.48
CA ASP A 46 15.22 13.76 4.20
C ASP A 46 14.32 15.01 4.16
N PRO A 47 14.38 15.83 3.10
CA PRO A 47 13.57 17.04 3.10
C PRO A 47 12.08 16.75 3.19
N GLN A 48 11.61 15.56 2.83
CA GLN A 48 10.17 15.28 2.81
C GLN A 48 9.66 14.60 4.05
N GLY A 49 10.58 14.15 4.90
CA GLY A 49 10.12 13.44 6.10
C GLY A 49 11.16 12.48 6.68
N CYS A 50 10.79 11.84 7.77
CA CYS A 50 11.71 10.88 8.42
C CYS A 50 11.20 9.47 8.25
N ARG A 51 12.17 8.55 8.12
CA ARG A 51 11.85 7.14 7.96
C ARG A 51 12.57 6.28 8.97
N MET A 52 11.95 5.13 9.23
CA MET A 52 12.63 4.08 9.99
C MET A 52 13.41 3.12 9.09
N PHE A 53 14.50 2.60 9.63
CA PHE A 53 15.41 1.72 8.92
C PHE A 53 15.77 0.55 9.80
N ALA A 54 16.06 -0.55 9.14
CA ALA A 54 16.60 -1.69 9.91
C ALA A 54 17.12 -2.76 8.99
N LEU A 55 17.82 -3.71 9.58
CA LEU A 55 18.24 -4.91 8.86
C LEU A 55 17.23 -6.02 9.03
N SER A 56 16.50 -6.32 7.93
CA SER A 56 15.60 -7.44 7.88
C SER A 56 16.39 -8.77 8.06
N GLN A 57 15.69 -9.81 8.54
CA GLN A 57 16.21 -11.19 8.49
C GLN A 57 15.51 -12.01 7.43
N GLY A 58 14.65 -11.40 6.62
CA GLY A 58 14.12 -12.16 5.49
C GLY A 58 13.06 -13.18 5.92
N THR A 59 12.26 -12.84 6.91
CA THR A 59 11.20 -13.72 7.44
C THR A 59 10.27 -12.89 8.24
N THR A 60 9.03 -13.35 8.44
CA THR A 60 8.14 -12.66 9.38
C THR A 60 8.39 -13.21 10.80
N LEU A 61 7.92 -12.50 11.83
CA LEU A 61 8.10 -12.88 13.22
C LEU A 61 7.41 -14.18 13.62
N ARG A 62 6.18 -14.38 13.13
CA ARG A 62 5.41 -15.60 13.40
C ARG A 62 5.76 -16.72 12.49
N GLY A 63 6.61 -16.45 11.50
CA GLY A 63 6.94 -17.46 10.52
C GLY A 63 7.87 -18.48 11.14
N LYS A 64 7.84 -19.69 10.58
CA LYS A 64 8.81 -20.69 11.03
C LYS A 64 10.29 -20.28 10.77
N HIS A 65 10.54 -19.45 9.76
CA HIS A 65 11.89 -18.99 9.55
C HIS A 65 12.42 -17.96 10.58
N ALA A 66 11.58 -17.55 11.55
CA ALA A 66 12.07 -16.71 12.62
C ALA A 66 12.99 -17.50 13.57
N ASN A 67 12.85 -18.83 13.52
CA ASN A 67 13.75 -19.74 14.24
C ASN A 67 15.20 -19.54 13.80
N GLY A 68 16.10 -19.18 14.73
CA GLY A 68 17.50 -19.01 14.38
C GLY A 68 17.91 -17.56 14.06
N THR A 69 16.99 -16.62 14.29
CA THR A 69 17.32 -15.23 13.92
C THR A 69 18.21 -14.52 14.94
N ILE A 70 18.71 -15.26 15.93
CA ILE A 70 19.71 -14.65 16.76
C ILE A 70 20.99 -14.36 15.98
N HIS A 71 21.22 -15.12 14.92
CA HIS A 71 22.44 -15.00 14.15
C HIS A 71 22.51 -13.73 13.32
N ASP A 72 23.69 -13.12 13.26
CA ASP A 72 23.84 -11.74 12.74
C ASP A 72 24.00 -11.62 11.24
N ARG A 73 24.56 -12.63 10.60
CA ARG A 73 24.93 -12.45 9.19
C ARG A 73 24.47 -13.61 8.33
N SER A 74 23.75 -13.34 7.24
CA SER A 74 23.22 -14.35 6.36
C SER A 74 22.97 -13.65 5.04
N PRO A 75 22.78 -14.42 3.97
CA PRO A 75 22.44 -13.85 2.66
C PRO A 75 20.99 -13.39 2.56
N PHE A 76 20.22 -13.49 3.64
CA PHE A 76 18.79 -13.19 3.62
C PHE A 76 18.47 -11.86 4.28
N ARG A 77 19.52 -11.17 4.71
CA ARG A 77 19.36 -9.87 5.37
C ARG A 77 19.37 -8.73 4.35
N ALA A 78 18.63 -7.67 4.66
CA ALA A 78 18.64 -6.47 3.81
C ALA A 78 18.41 -5.24 4.64
N LEU A 79 18.96 -4.09 4.22
CA LEU A 79 18.50 -2.84 4.80
C LEU A 79 17.17 -2.43 4.22
N VAL A 80 16.15 -2.26 5.07
CA VAL A 80 14.86 -1.82 4.58
C VAL A 80 14.49 -0.55 5.29
N SER A 81 13.69 0.28 4.62
CA SER A 81 13.17 1.45 5.30
C SER A 81 11.63 1.47 5.15
N TRP A 82 10.98 2.19 6.07
CA TRP A 82 9.54 2.37 6.06
C TRP A 82 9.08 3.67 6.70
N GLU A 83 7.85 4.03 6.41
CA GLU A 83 7.30 5.27 6.96
C GLU A 83 7.33 5.29 8.49
N MET A 84 7.83 6.40 9.07
CA MET A 84 8.08 6.44 10.51
C MET A 84 6.80 6.13 11.31
N GLY A 85 6.93 5.21 12.26
CA GLY A 85 5.82 4.89 13.14
C GLY A 85 5.07 3.61 12.82
N GLN A 86 5.03 3.27 11.52
CA GLN A 86 4.44 1.97 11.11
C GLN A 86 5.42 0.89 11.61
N ALA A 87 4.89 -0.32 11.73
CA ALA A 87 5.73 -1.49 11.96
C ALA A 87 6.18 -2.01 10.61
N PRO A 88 7.38 -2.64 10.54
CA PRO A 88 7.85 -3.08 9.22
C PRO A 88 7.17 -4.40 8.78
N SER A 89 6.55 -4.40 7.60
CA SER A 89 5.93 -5.58 7.02
C SER A 89 6.50 -5.83 5.61
N PRO A 90 6.14 -6.96 4.97
CA PRO A 90 6.55 -7.15 3.60
C PRO A 90 5.80 -6.22 2.66
N TYR A 91 4.85 -5.46 3.19
CA TYR A 91 3.99 -4.66 2.35
C TYR A 91 4.31 -3.13 2.39
N ASN A 92 5.08 -2.66 3.38
CA ASN A 92 5.32 -1.20 3.53
C ASN A 92 6.81 -0.85 3.52
N THR A 93 7.68 -1.83 3.22
CA THR A 93 9.11 -1.62 3.33
C THR A 93 9.78 -1.54 1.99
N ARG A 94 10.70 -0.61 1.91
CA ARG A 94 11.54 -0.36 0.77
C ARG A 94 12.88 -1.00 1.04
N VAL A 95 13.38 -1.83 0.11
CA VAL A 95 14.76 -2.36 0.18
C VAL A 95 15.76 -1.32 -0.36
N GLU A 96 16.60 -0.82 0.55
CA GLU A 96 17.67 0.13 0.27
C GLU A 96 18.91 -0.52 -0.36
N CYS A 97 19.29 -1.69 0.17
CA CYS A 97 20.48 -2.40 -0.30
C CYS A 97 20.48 -3.75 0.43
N ILE A 98 21.31 -4.67 -0.03
CA ILE A 98 21.31 -6.03 0.53
C ILE A 98 22.55 -6.23 1.41
N GLY A 99 22.37 -6.73 2.63
CA GLY A 99 23.53 -6.93 3.52
C GLY A 99 23.17 -6.97 4.98
N TRP A 100 24.22 -7.06 5.83
CA TRP A 100 24.08 -7.36 7.27
C TRP A 100 24.80 -6.37 8.10
N SER A 101 25.21 -5.25 7.47
CA SER A 101 25.73 -4.06 8.18
C SER A 101 25.49 -2.86 7.31
N SER A 102 25.03 -1.75 7.89
CA SER A 102 24.57 -0.66 6.99
C SER A 102 24.75 0.77 7.53
N THR A 103 24.65 1.76 6.65
CA THR A 103 24.42 3.16 7.09
C THR A 103 23.65 3.87 5.98
N SER A 104 23.05 5.03 6.25
CA SER A 104 22.36 5.73 5.21
C SER A 104 22.24 7.19 5.63
N CYS A 105 22.25 8.12 4.67
CA CYS A 105 22.02 9.54 4.95
C CYS A 105 21.63 10.25 3.65
N HIS A 106 20.98 11.41 3.78
CA HIS A 106 20.47 12.15 2.66
C HIS A 106 21.22 13.47 2.55
N ASP A 107 21.67 13.83 1.34
CA ASP A 107 22.59 14.97 1.27
C ASP A 107 21.85 16.24 0.91
N GLY A 108 20.51 16.16 0.91
CA GLY A 108 19.65 17.25 0.52
C GLY A 108 19.04 17.05 -0.85
N ILE A 109 19.77 16.31 -1.70
CA ILE A 109 19.29 16.03 -3.04
C ILE A 109 18.86 14.56 -3.13
N SER A 110 19.75 13.65 -2.70
CA SER A 110 19.44 12.22 -2.78
C SER A 110 19.96 11.45 -1.56
N ARG A 111 19.43 10.25 -1.35
CA ARG A 111 19.88 9.39 -0.28
C ARG A 111 21.05 8.53 -0.73
N MET A 112 22.06 8.47 0.15
CA MET A 112 23.15 7.44 0.04
C MET A 112 22.84 6.31 0.99
N SER A 113 22.81 5.05 0.52
CA SER A 113 22.63 3.91 1.47
C SER A 113 23.76 2.96 1.18
N ILE A 114 24.33 2.39 2.24
CA ILE A 114 25.45 1.47 2.09
C ILE A 114 25.14 0.18 2.79
N CYS A 115 25.35 -0.97 2.13
CA CYS A 115 25.17 -2.25 2.78
C CYS A 115 26.39 -3.11 2.49
N ILE A 116 26.83 -3.83 3.50
CA ILE A 116 27.94 -4.76 3.39
C ILE A 116 27.39 -6.18 3.46
N SER A 117 27.86 -7.07 2.59
CA SER A 117 27.40 -8.46 2.62
C SER A 117 28.60 -9.34 2.29
N GLY A 118 28.36 -10.64 2.29
CA GLY A 118 29.36 -11.62 1.93
C GLY A 118 29.85 -12.40 3.14
N PRO A 119 30.81 -13.25 2.91
CA PRO A 119 31.42 -14.05 3.96
C PRO A 119 32.32 -13.23 4.85
N ASN A 120 32.48 -13.70 6.09
CA ASN A 120 33.25 -12.97 7.04
C ASN A 120 34.66 -12.61 6.53
N ASN A 121 35.32 -13.51 5.77
CA ASN A 121 36.69 -13.20 5.35
C ASN A 121 36.81 -12.41 4.04
N ASN A 122 35.67 -12.04 3.45
CA ASN A 122 35.75 -11.36 2.17
C ASN A 122 34.43 -10.63 1.87
N ALA A 123 33.99 -9.86 2.84
CA ALA A 123 32.76 -9.08 2.68
C ALA A 123 33.00 -7.88 1.77
N SER A 124 31.92 -7.22 1.31
CA SER A 124 32.11 -6.03 0.48
C SER A 124 30.99 -5.05 0.71
N ALA A 125 31.30 -3.78 0.64
CA ALA A 125 30.24 -2.71 0.74
C ALA A 125 29.73 -2.36 -0.65
N VAL A 126 28.45 -2.14 -0.80
CA VAL A 126 27.90 -1.59 -2.07
C VAL A 126 27.24 -0.29 -1.64
N VAL A 127 27.65 0.79 -2.30
CA VAL A 127 27.22 2.13 -1.95
C VAL A 127 26.19 2.55 -2.99
N TRP A 128 24.98 2.92 -2.55
CA TRP A 128 23.91 3.35 -3.44
C TRP A 128 23.66 4.80 -3.26
N TYR A 129 23.36 5.47 -4.36
CA TYR A 129 22.98 6.87 -4.29
C TYR A 129 21.80 7.12 -5.18
N GLY A 130 20.76 7.75 -4.63
CA GLY A 130 19.57 7.98 -5.46
C GLY A 130 18.90 6.70 -5.93
N GLY A 131 18.99 5.63 -5.14
CA GLY A 131 18.36 4.39 -5.54
C GLY A 131 19.08 3.45 -6.47
N ARG A 132 20.31 3.82 -6.79
CA ARG A 132 21.13 3.07 -7.73
C ARG A 132 22.47 2.76 -7.09
N PRO A 133 23.00 1.56 -7.35
CA PRO A 133 24.36 1.28 -6.85
C PRO A 133 25.42 2.05 -7.65
N VAL A 134 26.41 2.64 -6.98
CA VAL A 134 27.37 3.47 -7.70
C VAL A 134 28.85 3.11 -7.38
N THR A 135 29.15 2.54 -6.21
CA THR A 135 30.52 2.22 -5.80
C THR A 135 30.55 0.92 -5.03
N GLU A 136 31.62 0.10 -5.19
CA GLU A 136 31.79 -1.10 -4.36
C GLU A 136 33.14 -1.05 -3.63
N ILE A 137 33.18 -1.54 -2.38
CA ILE A 137 34.43 -1.51 -1.58
C ILE A 137 34.71 -2.90 -1.01
N PRO A 138 35.80 -3.56 -1.46
CA PRO A 138 36.18 -4.87 -0.90
C PRO A 138 36.77 -4.76 0.48
N SER A 139 36.54 -5.78 1.26
CA SER A 139 37.21 -5.91 2.53
C SER A 139 38.73 -5.68 2.44
N TRP A 140 39.30 -4.88 3.32
CA TRP A 140 40.73 -4.56 3.27
C TRP A 140 41.48 -5.37 4.33
N ALA A 141 40.76 -6.01 5.24
CA ALA A 141 41.44 -6.80 6.29
C ALA A 141 40.91 -8.20 6.48
N GLY A 142 39.94 -8.61 5.65
CA GLY A 142 39.45 -9.98 5.69
C GLY A 142 38.82 -10.48 6.99
N ASN A 143 38.10 -9.60 7.71
CA ASN A 143 37.48 -10.01 8.95
C ASN A 143 36.30 -9.14 9.31
N ILE A 144 35.17 -9.45 8.70
CA ILE A 144 33.89 -8.79 8.97
C ILE A 144 33.98 -7.24 8.76
N LEU A 145 34.22 -6.81 7.53
CA LEU A 145 34.04 -5.41 7.16
C LEU A 145 32.63 -5.01 7.65
N ARG A 146 32.53 -3.87 8.33
CA ARG A 146 31.30 -3.48 8.98
C ARG A 146 31.23 -1.99 9.20
N THR A 147 29.99 -1.50 9.40
CA THR A 147 29.90 -0.03 9.50
C THR A 147 28.90 0.43 10.60
N GLN A 148 28.32 1.62 10.47
CA GLN A 148 27.78 2.28 11.65
C GLN A 148 26.50 1.71 12.29
N GLU A 149 25.53 1.19 11.50
CA GLU A 149 24.20 0.70 11.98
C GLU A 149 23.35 1.87 12.49
N SER A 150 23.73 3.08 12.05
CA SER A 150 22.82 4.27 12.16
C SER A 150 23.19 5.30 11.10
N GLU A 151 22.50 6.44 11.05
CA GLU A 151 22.72 7.33 9.92
C GLU A 151 24.10 8.00 9.86
N CYS A 152 24.57 8.23 8.62
CA CYS A 152 25.69 9.13 8.35
C CYS A 152 25.19 10.55 8.28
N VAL A 153 26.10 11.49 8.06
CA VAL A 153 25.73 12.93 8.02
C VAL A 153 26.42 13.54 6.83
N CYS A 154 25.74 14.44 6.10
CA CYS A 154 26.26 15.10 4.92
C CYS A 154 26.41 16.58 5.12
N HIS A 155 27.39 17.16 4.44
CA HIS A 155 27.62 18.60 4.52
C HIS A 155 28.19 19.04 3.23
N GLY A 156 27.47 19.90 2.54
CA GLY A 156 27.91 20.40 1.24
C GLY A 156 28.21 19.30 0.23
N GLY A 157 27.40 18.27 0.30
CA GLY A 157 27.46 17.09 -0.57
C GLY A 157 28.47 16.06 -0.15
N ILE A 158 29.27 16.34 0.88
CA ILE A 158 30.20 15.34 1.41
C ILE A 158 29.60 14.58 2.58
N CYS A 159 29.57 13.25 2.49
CA CYS A 159 29.00 12.42 3.55
C CYS A 159 30.04 11.45 4.10
N PRO A 160 30.68 11.78 5.23
CA PRO A 160 31.68 10.85 5.79
C PRO A 160 31.00 9.62 6.40
N VAL A 161 31.67 8.47 6.25
CA VAL A 161 31.21 7.22 6.82
C VAL A 161 32.38 6.52 7.53
N VAL A 162 32.13 5.96 8.69
CA VAL A 162 33.18 5.23 9.42
C VAL A 162 32.98 3.74 9.17
N MET A 163 34.02 2.99 8.74
CA MET A 163 33.94 1.55 8.50
C MET A 163 35.13 0.83 9.17
N THR A 164 34.88 -0.38 9.68
CA THR A 164 35.95 -1.13 10.37
C THR A 164 36.09 -2.49 9.74
N ASP A 165 37.33 -3.03 9.72
CA ASP A 165 37.54 -4.36 9.19
C ASP A 165 38.63 -4.95 10.08
N GLY A 166 38.43 -6.16 10.59
CA GLY A 166 39.38 -6.70 11.59
C GLY A 166 38.75 -7.22 12.87
N PRO A 167 39.59 -7.68 13.81
CA PRO A 167 39.10 -8.34 15.02
C PRO A 167 38.11 -7.47 15.77
N ALA A 168 37.19 -8.17 16.45
CA ALA A 168 36.23 -7.57 17.34
C ALA A 168 36.83 -7.47 18.74
N ASN A 169 37.92 -8.18 18.97
CA ASN A 169 38.48 -8.30 20.34
C ASN A 169 39.98 -7.94 20.41
N ASN A 170 40.43 -7.20 19.40
CA ASN A 170 41.81 -6.78 19.30
C ASN A 170 41.87 -5.62 18.33
N ARG A 171 43.07 -5.08 18.13
CA ARG A 171 43.26 -3.95 17.23
C ARG A 171 42.70 -4.25 15.84
N ALA A 172 41.95 -3.31 15.29
CA ALA A 172 41.38 -3.49 13.95
C ALA A 172 41.80 -2.36 13.03
N GLU A 173 41.31 -2.41 11.80
CA GLU A 173 41.59 -1.37 10.80
C GLU A 173 40.34 -0.56 10.43
N THR A 174 40.24 0.62 11.03
CA THR A 174 39.11 1.54 10.80
C THR A 174 39.51 2.61 9.81
N LYS A 175 38.57 2.97 8.94
CA LYS A 175 38.80 4.02 7.96
C LYS A 175 37.59 4.98 7.92
N ILE A 176 37.88 6.23 7.62
CA ILE A 176 36.86 7.28 7.42
C ILE A 176 36.84 7.53 5.92
N ILE A 177 35.70 7.27 5.31
CA ILE A 177 35.54 7.39 3.85
C ILE A 177 34.62 8.57 3.59
N TYR A 178 35.07 9.50 2.75
CA TYR A 178 34.36 10.72 2.41
C TYR A 178 33.70 10.60 1.06
N PHE A 179 32.39 10.44 1.09
CA PHE A 179 31.61 10.18 -0.12
C PHE A 179 30.99 11.44 -0.73
N LYS A 180 30.88 11.45 -2.04
CA LYS A 180 30.10 12.51 -2.74
C LYS A 180 29.34 11.87 -3.87
N GLU A 181 28.02 11.97 -3.84
CA GLU A 181 27.16 11.23 -4.80
C GLU A 181 27.56 9.74 -4.76
N GLY A 182 27.92 9.26 -3.58
CA GLY A 182 28.26 7.85 -3.40
C GLY A 182 29.60 7.46 -4.00
N LYS A 183 30.38 8.44 -4.41
CA LYS A 183 31.74 8.15 -4.91
C LYS A 183 32.76 8.55 -3.86
N ILE A 184 33.87 7.82 -3.82
CA ILE A 184 34.89 8.11 -2.80
C ILE A 184 35.69 9.34 -3.22
N LYS A 185 35.65 10.39 -2.38
CA LYS A 185 36.47 11.57 -2.68
C LYS A 185 37.80 11.49 -1.93
N LYS A 186 37.83 10.83 -0.78
CA LYS A 186 39.01 10.69 0.08
C LYS A 186 38.78 9.54 1.09
N ILE A 187 39.84 8.80 1.42
CA ILE A 187 39.82 7.79 2.45
C ILE A 187 40.97 8.07 3.41
N GLU A 188 40.68 8.03 4.71
CA GLU A 188 41.71 8.15 5.77
C GLU A 188 41.75 6.96 6.74
N GLU A 189 42.94 6.53 7.15
CA GLU A 189 43.03 5.59 8.25
C GLU A 189 42.71 6.31 9.53
N LEU A 190 42.08 5.61 10.47
CA LEU A 190 41.79 6.17 11.78
C LEU A 190 43.08 6.62 12.45
N LYS A 191 43.02 7.78 13.01
CA LYS A 191 44.17 8.29 13.77
C LYS A 191 43.68 8.84 15.07
N GLY A 192 44.63 9.13 15.97
CA GLY A 192 44.29 9.71 17.28
C GLY A 192 44.29 8.63 18.36
N ASP A 193 43.64 8.92 19.50
CA ASP A 193 43.72 8.08 20.67
C ASP A 193 42.73 6.94 20.80
N ALA A 194 41.67 6.92 19.96
CA ALA A 194 40.72 5.81 20.09
C ALA A 194 41.42 4.51 19.72
N GLN A 195 41.24 3.46 20.54
CA GLN A 195 41.94 2.16 20.33
C GLN A 195 41.20 1.14 19.51
N HIS A 196 39.87 1.27 19.44
CA HIS A 196 39.03 0.33 18.73
C HIS A 196 37.72 1.08 18.44
N ILE A 197 37.22 0.92 17.21
CA ILE A 197 36.06 1.69 16.71
C ILE A 197 35.00 0.75 16.10
N GLU A 198 33.79 0.77 16.64
CA GLU A 198 32.67 0.04 16.06
C GLU A 198 31.41 0.91 16.08
N GLU A 199 30.53 0.71 15.10
CA GLU A 199 29.13 1.14 15.25
C GLU A 199 28.93 2.61 15.62
N CYS A 200 29.56 3.53 14.88
CA CYS A 200 29.51 4.95 15.24
C CYS A 200 28.13 5.54 15.05
N SER A 201 27.74 6.33 16.03
CA SER A 201 26.52 7.15 16.00
C SER A 201 26.89 8.61 15.81
N CYS A 202 26.48 9.17 14.66
CA CYS A 202 26.99 10.45 14.23
C CYS A 202 25.92 11.53 14.10
N TYR A 203 26.29 12.79 14.34
CA TYR A 203 25.37 13.91 14.06
C TYR A 203 26.24 15.14 13.64
N GLY A 204 25.62 16.11 12.96
CA GLY A 204 26.29 17.34 12.57
C GLY A 204 25.68 18.56 13.22
N ALA A 205 26.54 19.57 13.39
CA ALA A 205 26.17 20.87 13.89
C ALA A 205 27.33 21.83 13.65
N SER A 206 27.00 23.05 13.22
CA SER A 206 28.02 24.08 13.04
C SER A 206 29.21 23.61 12.20
N GLU A 207 28.88 22.93 11.09
CA GLU A 207 29.83 22.52 10.06
C GLU A 207 30.80 21.45 10.47
N MET A 208 30.49 20.75 11.56
CA MET A 208 31.32 19.65 12.06
C MET A 208 30.44 18.45 12.36
N ILE A 209 31.03 17.27 12.25
CA ILE A 209 30.34 16.04 12.56
C ILE A 209 31.04 15.38 13.74
N LYS A 210 30.26 14.87 14.67
CA LYS A 210 30.79 14.04 15.78
C LYS A 210 30.18 12.63 15.76
N CYS A 211 31.06 11.65 15.90
CA CYS A 211 30.65 10.26 15.91
C CYS A 211 31.00 9.64 17.26
N ILE A 212 30.03 9.06 17.95
CA ILE A 212 30.27 8.51 19.29
C ILE A 212 30.16 7.01 19.07
N CYS A 213 31.22 6.27 19.38
CA CYS A 213 31.33 4.90 18.87
C CYS A 213 31.45 3.86 20.00
N ARG A 214 31.77 2.63 19.62
CA ARG A 214 31.88 1.51 20.57
C ARG A 214 33.27 0.92 20.51
N ASP A 215 34.00 0.95 21.63
CA ASP A 215 35.30 0.28 21.75
C ASP A 215 35.00 -1.12 22.28
N ASN A 216 35.17 -2.14 21.43
CA ASN A 216 34.77 -3.50 21.80
C ASN A 216 35.98 -4.27 22.38
N TRP A 217 37.11 -3.61 22.38
CA TRP A 217 38.42 -4.19 22.79
C TRP A 217 38.76 -3.88 24.25
N LYS A 218 38.72 -2.60 24.60
CA LYS A 218 39.24 -2.20 25.90
C LYS A 218 38.25 -1.35 26.68
N GLY A 219 37.80 -0.26 26.08
CA GLY A 219 37.13 0.80 26.82
C GLY A 219 35.66 0.60 27.09
N ALA A 220 35.28 0.99 28.31
CA ALA A 220 33.90 1.16 28.75
C ALA A 220 33.48 2.62 28.60
N ASN A 221 34.47 3.47 28.39
CA ASN A 221 34.22 4.83 27.91
C ASN A 221 34.12 4.73 26.39
N ARG A 222 33.33 5.62 25.80
CA ARG A 222 33.12 5.54 24.34
C ARG A 222 34.13 6.40 23.57
N PRO A 223 34.68 5.84 22.47
CA PRO A 223 35.45 6.70 21.57
C PRO A 223 34.64 7.81 20.89
N VAL A 224 35.25 8.97 20.63
CA VAL A 224 34.61 10.07 19.94
C VAL A 224 35.50 10.48 18.76
N ILE A 225 34.96 10.31 17.54
CA ILE A 225 35.64 10.76 16.34
C ILE A 225 35.00 12.10 15.89
N THR A 226 35.86 13.12 15.72
CA THR A 226 35.45 14.45 15.30
C THR A 226 35.88 14.65 13.88
N ILE A 227 34.88 14.86 13.01
CA ILE A 227 35.13 14.91 11.60
C ILE A 227 34.81 16.31 11.04
N ASP A 228 35.76 16.84 10.29
CA ASP A 228 35.59 18.07 9.58
C ASP A 228 35.22 17.70 8.12
N PRO A 229 33.94 17.78 7.73
CA PRO A 229 33.56 17.37 6.36
C PRO A 229 34.08 18.30 5.27
N GLU A 230 34.27 19.60 5.51
CA GLU A 230 34.80 20.41 4.41
C GLU A 230 36.29 20.16 4.18
N MET A 231 37.06 20.07 5.26
CA MET A 231 38.51 19.77 5.10
C MET A 231 38.78 18.28 4.86
N MET A 232 37.73 17.47 5.06
CA MET A 232 37.84 15.99 5.02
C MET A 232 39.01 15.45 5.89
N THR A 233 39.01 15.88 7.15
CA THR A 233 39.99 15.42 8.14
C THR A 233 39.27 15.03 9.43
N HIS A 234 39.94 14.28 10.29
CA HIS A 234 39.33 13.84 11.56
C HIS A 234 40.37 13.76 12.66
N THR A 235 39.88 13.79 13.89
CA THR A 235 40.65 13.44 15.09
C THR A 235 39.85 12.46 15.94
N SER A 236 40.49 11.79 16.89
CA SER A 236 39.75 10.86 17.76
C SER A 236 40.33 10.82 19.15
N LYS A 237 39.44 10.59 20.09
CA LYS A 237 39.82 10.40 21.49
C LYS A 237 38.74 9.58 22.18
N TYR A 238 38.70 9.66 23.51
CA TYR A 238 37.59 9.05 24.26
C TYR A 238 36.74 10.12 24.87
N LEU A 239 35.49 9.79 25.15
CA LEU A 239 34.64 10.69 25.89
C LEU A 239 35.26 10.91 27.29
N CYS A 240 35.54 12.16 27.68
CA CYS A 240 36.33 12.43 28.94
C CYS A 240 35.57 12.09 30.23
N SER A 241 34.24 12.28 30.24
CA SER A 241 33.47 12.14 31.46
C SER A 241 33.66 10.80 32.20
N LYS A 242 33.62 10.88 33.53
CA LYS A 242 33.53 9.69 34.38
C LYS A 242 32.23 8.92 34.26
N ILE A 243 31.19 9.49 33.61
CA ILE A 243 29.95 8.78 33.40
C ILE A 243 30.17 7.85 32.21
N LEU A 244 30.39 6.57 32.48
CA LEU A 244 30.75 5.62 31.44
C LEU A 244 29.45 5.15 30.76
N THR A 245 29.51 4.95 29.45
CA THR A 245 28.23 4.72 28.77
C THR A 245 28.23 3.50 27.84
N ASP A 246 29.32 2.71 27.80
CA ASP A 246 29.27 1.37 27.14
C ASP A 246 28.54 0.33 28.00
N THR A 247 28.31 -0.85 27.45
CA THR A 247 27.71 -1.97 28.20
C THR A 247 28.38 -3.23 27.68
N SER A 248 29.02 -4.05 28.51
CA SER A 248 29.07 -3.88 29.95
C SER A 248 30.09 -2.79 30.38
N ARG A 249 29.95 -2.30 31.62
CA ARG A 249 30.84 -1.27 32.12
C ARG A 249 31.03 -1.45 33.63
N PRO A 250 32.15 -0.95 34.18
CA PRO A 250 32.22 -0.98 35.64
C PRO A 250 31.45 0.19 36.20
N ASN A 251 31.48 0.36 37.52
CA ASN A 251 30.90 1.58 38.11
C ASN A 251 31.62 2.84 37.59
N ASP A 252 30.92 3.97 37.61
CA ASP A 252 31.51 5.25 37.19
C ASP A 252 32.65 5.59 38.19
N PRO A 253 33.85 5.86 37.68
CA PRO A 253 35.01 6.19 38.55
C PRO A 253 35.01 7.63 38.99
N THR A 254 35.98 8.01 39.81
CA THR A 254 36.03 9.39 40.26
C THR A 254 36.49 10.26 39.10
N ASN A 255 37.30 9.70 38.21
CA ASN A 255 37.73 10.46 37.04
C ASN A 255 37.62 9.64 35.77
N GLY A 256 37.06 10.22 34.72
CA GLY A 256 37.16 9.55 33.42
C GLY A 256 38.53 9.76 32.78
N LYS A 257 38.64 9.33 31.53
CA LYS A 257 39.88 9.45 30.76
C LYS A 257 39.58 9.88 29.34
N CYS A 258 40.29 10.90 28.87
CA CYS A 258 40.16 11.44 27.51
C CYS A 258 41.00 10.69 26.48
N GLU A 259 42.14 10.15 26.92
CA GLU A 259 43.17 9.72 25.97
C GLU A 259 43.40 8.25 25.96
N ALA A 260 42.64 7.52 26.75
CA ALA A 260 42.81 6.07 26.85
C ALA A 260 41.54 5.39 27.34
N PRO A 261 41.40 4.10 27.07
CA PRO A 261 40.24 3.36 27.55
C PRO A 261 40.28 3.14 29.05
N ILE A 262 39.09 3.19 29.63
CA ILE A 262 38.83 2.68 30.98
C ILE A 262 38.33 1.25 30.87
N THR A 263 39.10 0.29 31.41
CA THR A 263 38.71 -1.07 31.28
C THR A 263 37.78 -1.52 32.42
N GLY A 264 37.19 -2.69 32.27
CA GLY A 264 36.34 -3.25 33.32
C GLY A 264 34.97 -3.59 32.81
N GLY A 265 34.14 -4.14 33.67
CA GLY A 265 32.82 -4.54 33.21
C GLY A 265 32.79 -6.01 32.84
N SER A 266 31.63 -6.58 33.05
CA SER A 266 31.37 -7.98 32.78
C SER A 266 29.88 -8.16 32.46
N PRO A 267 29.53 -9.07 31.56
CA PRO A 267 30.35 -10.01 30.80
C PRO A 267 30.60 -9.61 29.36
N ASP A 268 29.94 -8.56 28.87
CA ASP A 268 29.94 -8.23 27.43
C ASP A 268 30.92 -7.07 27.12
N PRO A 269 31.57 -7.08 25.94
CA PRO A 269 32.53 -6.04 25.54
C PRO A 269 31.98 -4.69 24.97
N GLY A 270 30.71 -4.64 24.57
CA GLY A 270 30.22 -3.37 24.05
C GLY A 270 28.84 -3.45 23.44
N VAL A 271 28.28 -2.26 23.29
CA VAL A 271 26.93 -2.15 22.66
C VAL A 271 27.01 -0.85 21.85
N LYS A 272 26.31 -0.75 20.71
CA LYS A 272 26.16 0.55 20.05
C LYS A 272 25.42 1.57 20.90
N GLY A 273 25.98 2.77 20.94
CA GLY A 273 25.34 3.89 21.66
C GLY A 273 25.65 5.26 21.08
N PHE A 274 25.37 6.31 21.85
CA PHE A 274 25.52 7.66 21.31
C PHE A 274 25.60 8.72 22.40
N ALA A 275 25.95 9.92 22.01
CA ALA A 275 25.85 11.08 22.87
C ALA A 275 25.78 12.32 22.02
N PHE A 276 25.24 13.38 22.59
CA PHE A 276 25.31 14.70 21.98
C PHE A 276 26.25 15.58 22.81
N LEU A 277 27.30 16.10 22.17
CA LEU A 277 28.44 16.73 22.91
C LEU A 277 28.49 18.19 22.49
N ASP A 278 27.98 19.06 23.37
CA ASP A 278 27.79 20.45 23.01
C ASP A 278 27.97 21.29 24.27
N GLY A 279 29.14 21.13 24.87
CA GLY A 279 29.46 21.90 26.04
C GLY A 279 28.50 21.66 27.18
N GLU A 280 27.93 22.75 27.69
CA GLU A 280 26.98 22.59 28.78
C GLU A 280 25.76 21.78 28.34
N ASN A 281 25.44 21.88 27.05
CA ASN A 281 24.26 21.25 26.45
C ASN A 281 24.55 19.83 25.97
N SER A 282 25.11 18.99 26.84
CA SER A 282 25.55 17.63 26.50
C SER A 282 24.75 16.56 27.18
N TRP A 283 24.41 15.55 26.40
CA TRP A 283 23.57 14.48 26.88
C TRP A 283 24.20 13.14 26.50
N LEU A 284 24.23 12.22 27.46
CA LEU A 284 24.76 10.86 27.27
C LEU A 284 23.68 9.87 27.44
N GLY A 285 23.54 8.92 26.49
CA GLY A 285 22.59 7.83 26.69
C GLY A 285 23.38 6.63 27.21
N ARG A 286 22.70 5.78 27.97
CA ARG A 286 23.25 4.43 28.30
C ARG A 286 22.16 3.46 28.79
N THR A 287 22.46 2.15 28.74
CA THR A 287 21.59 1.16 29.37
C THR A 287 21.61 1.43 30.88
N ILE A 288 20.50 1.14 31.56
CA ILE A 288 20.47 1.36 33.03
C ILE A 288 21.37 0.32 33.71
N SER A 289 21.18 -0.94 33.34
CA SER A 289 22.07 -1.97 33.85
C SER A 289 23.54 -1.74 33.41
N LYS A 290 24.48 -1.95 34.33
CA LYS A 290 25.86 -1.85 33.92
C LYS A 290 26.31 -3.13 33.20
N ASP A 291 25.57 -4.25 33.36
CA ASP A 291 26.02 -5.54 32.77
C ASP A 291 25.30 -5.90 31.46
N SER A 292 24.01 -5.66 31.46
CA SER A 292 23.10 -6.19 30.42
C SER A 292 22.44 -5.07 29.61
N ARG A 293 21.90 -5.47 28.45
CA ARG A 293 21.16 -4.50 27.59
C ARG A 293 19.73 -4.37 28.14
N SER A 294 19.67 -3.81 29.35
CA SER A 294 18.43 -3.59 30.05
C SER A 294 18.30 -2.14 30.47
N GLY A 295 17.11 -1.61 30.31
CA GLY A 295 16.87 -0.23 30.65
C GLY A 295 17.51 0.75 29.68
N TYR A 296 17.12 2.00 29.77
CA TYR A 296 17.78 3.04 29.01
C TYR A 296 17.48 4.37 29.69
N GLU A 297 18.54 5.17 29.84
CA GLU A 297 18.45 6.47 30.51
C GLU A 297 19.23 7.53 29.76
N MET A 298 18.76 8.77 29.85
CA MET A 298 19.51 9.93 29.35
C MET A 298 20.03 10.72 30.51
N LEU A 299 21.29 11.15 30.42
CA LEU A 299 21.92 11.91 31.50
C LEU A 299 22.47 13.20 30.94
N LYS A 300 22.12 14.36 31.51
CA LYS A 300 22.68 15.63 31.05
C LYS A 300 23.97 15.85 31.84
N VAL A 301 25.08 15.85 31.11
CA VAL A 301 26.44 15.84 31.70
C VAL A 301 27.17 16.97 31.06
N PRO A 302 27.03 18.13 31.66
CA PRO A 302 27.71 19.28 31.06
C PRO A 302 29.22 19.06 30.88
N ASN A 303 29.70 19.41 29.69
CA ASN A 303 31.11 19.28 29.30
C ASN A 303 31.68 17.89 29.35
N ALA A 304 30.81 16.91 29.10
CA ALA A 304 31.19 15.50 29.09
C ALA A 304 32.35 15.24 28.21
N GLU A 305 32.44 16.01 27.12
CA GLU A 305 33.46 15.74 26.12
C GLU A 305 34.87 16.13 26.61
N THR A 306 34.97 17.06 27.56
CA THR A 306 36.26 17.66 27.86
C THR A 306 36.64 17.62 29.32
N ASP A 307 35.68 17.29 30.19
CA ASP A 307 35.87 17.39 31.63
C ASP A 307 35.83 15.98 32.27
N THR A 308 37.00 15.47 32.73
CA THR A 308 37.03 14.09 33.27
C THR A 308 36.24 13.91 34.55
N GLN A 309 35.88 15.02 35.18
CA GLN A 309 35.11 14.98 36.41
C GLN A 309 33.63 15.33 36.23
N SER A 310 33.18 15.46 34.99
CA SER A 310 31.77 15.85 34.78
C SER A 310 30.82 14.74 35.22
N GLY A 311 29.79 15.14 35.97
CA GLY A 311 28.68 14.30 36.34
C GLY A 311 27.35 14.82 35.77
N ALA A 312 26.30 14.09 36.14
CA ALA A 312 24.93 14.30 35.62
C ALA A 312 24.25 15.41 36.40
N ILE A 313 23.62 16.37 35.73
CA ILE A 313 22.80 17.34 36.45
C ILE A 313 21.31 17.11 36.23
N SER A 314 20.95 16.21 35.31
CA SER A 314 19.54 15.87 35.15
C SER A 314 19.48 14.48 34.51
N HIS A 315 18.41 13.83 34.43
CA HIS A 315 18.24 12.38 34.34
C HIS A 315 16.87 12.09 33.75
N GLN A 316 16.71 11.32 32.68
CA GLN A 316 15.39 10.86 32.26
C GLN A 316 15.42 9.38 31.94
N ILE A 317 14.56 8.58 32.58
CA ILE A 317 14.46 7.16 32.27
C ILE A 317 13.65 7.04 30.98
N ILE A 318 14.26 6.38 29.98
CA ILE A 318 13.56 6.20 28.69
C ILE A 318 12.86 4.81 28.59
N VAL A 319 13.54 3.78 29.14
CA VAL A 319 13.04 2.40 29.18
C VAL A 319 13.39 1.91 30.58
N ASN A 320 12.40 1.47 31.37
CA ASN A 320 12.75 1.11 32.74
C ASN A 320 13.63 -0.15 32.80
N ASN A 321 14.31 -0.38 33.92
CA ASN A 321 15.30 -1.49 33.96
C ASN A 321 14.64 -2.83 34.15
N GLN A 322 13.32 -2.92 34.04
CA GLN A 322 12.64 -4.22 34.01
C GLN A 322 12.34 -4.66 32.59
N ASN A 323 12.85 -3.87 31.63
CA ASN A 323 12.59 -4.14 30.23
C ASN A 323 13.88 -4.09 29.44
N TRP A 324 13.93 -4.88 28.38
CA TRP A 324 15.11 -4.97 27.52
C TRP A 324 15.28 -3.76 26.62
N SER A 325 16.51 -3.31 26.50
CA SER A 325 16.85 -2.34 25.46
C SER A 325 17.68 -2.98 24.37
N GLY A 326 18.74 -2.33 23.99
CA GLY A 326 19.50 -2.76 22.83
C GLY A 326 20.36 -1.62 22.33
N TYR A 327 20.64 -1.63 21.02
CA TYR A 327 21.39 -0.57 20.38
C TYR A 327 20.65 0.79 20.47
N SER A 328 21.44 1.85 20.44
CA SER A 328 20.87 3.19 20.42
C SER A 328 21.77 4.07 19.54
N GLY A 329 21.13 5.11 18.97
CA GLY A 329 21.84 5.94 18.03
C GLY A 329 21.19 7.32 17.86
N ALA A 330 21.95 8.21 17.20
CA ALA A 330 21.60 9.63 16.98
C ALA A 330 21.02 9.82 15.59
N PHE A 331 20.08 10.75 15.46
CA PHE A 331 19.67 11.27 14.16
C PHE A 331 19.12 12.63 14.40
N ILE A 332 19.02 13.41 13.32
CA ILE A 332 18.42 14.75 13.42
C ILE A 332 17.58 15.00 12.20
N ASP A 333 16.45 15.66 12.37
CA ASP A 333 15.74 16.22 11.18
C ASP A 333 16.39 17.53 10.78
N TYR A 334 17.41 17.45 9.93
CA TYR A 334 18.19 18.62 9.50
C TYR A 334 17.36 19.56 8.64
N TRP A 335 16.13 19.16 8.25
CA TRP A 335 15.29 19.98 7.37
C TRP A 335 14.08 20.57 8.11
N ALA A 336 14.09 20.49 9.44
CA ALA A 336 13.00 21.08 10.20
C ALA A 336 12.97 22.60 10.05
N ASN A 337 11.83 23.16 10.35
CA ASN A 337 11.65 24.60 10.31
C ASN A 337 11.97 25.22 11.71
N LYS A 338 13.25 25.15 12.08
CA LYS A 338 13.78 25.66 13.35
C LYS A 338 15.12 26.31 13.07
N GLU A 339 15.57 27.23 13.93
CA GLU A 339 16.86 27.88 13.65
C GLU A 339 18.08 27.14 14.22
N CYS A 340 17.82 26.02 14.88
CA CYS A 340 18.84 25.14 15.44
C CYS A 340 18.45 23.72 15.03
N PHE A 341 19.44 22.81 15.06
CA PHE A 341 19.22 21.38 14.80
C PHE A 341 18.83 20.69 16.08
N ASN A 342 17.68 20.02 16.12
CA ASN A 342 17.27 19.42 17.39
C ASN A 342 17.71 17.98 17.51
N PRO A 343 18.48 17.65 18.57
CA PRO A 343 18.84 16.23 18.76
C PRO A 343 17.67 15.25 18.86
N CYS A 344 17.77 14.11 18.16
CA CYS A 344 16.87 12.98 18.36
C CYS A 344 17.69 11.72 18.57
N PHE A 345 17.08 10.74 19.17
CA PHE A 345 17.72 9.42 19.24
C PHE A 345 16.66 8.29 19.19
N TYR A 346 17.13 7.08 18.91
CA TYR A 346 16.26 5.89 19.01
C TYR A 346 16.88 4.93 20.01
N VAL A 347 16.00 4.11 20.56
CA VAL A 347 16.44 2.88 21.26
C VAL A 347 15.82 1.66 20.61
N GLU A 348 16.66 0.65 20.31
CA GLU A 348 16.24 -0.69 19.90
C GLU A 348 15.79 -1.48 21.10
N LEU A 349 14.59 -2.01 21.04
CA LEU A 349 14.01 -2.76 22.14
C LEU A 349 14.04 -4.19 21.69
N ILE A 350 15.10 -4.91 22.11
CA ILE A 350 15.36 -6.27 21.62
C ILE A 350 14.47 -7.25 22.37
N ARG A 351 13.79 -8.10 21.63
CA ARG A 351 13.00 -9.18 22.27
C ARG A 351 13.42 -10.57 21.78
N GLY A 352 13.18 -11.59 22.61
CA GLY A 352 13.59 -12.94 22.22
C GLY A 352 15.01 -13.31 22.69
N ARG A 353 15.72 -14.11 21.89
CA ARG A 353 17.03 -14.62 22.29
C ARG A 353 18.12 -13.54 22.24
N PRO A 354 19.14 -13.66 23.07
CA PRO A 354 19.35 -14.70 24.08
C PRO A 354 18.67 -14.45 25.41
N LYS A 355 18.15 -13.27 25.69
CA LYS A 355 17.64 -13.05 27.04
C LYS A 355 16.29 -13.70 27.33
N GLU A 356 15.52 -14.02 26.29
CA GLU A 356 14.19 -14.58 26.45
C GLU A 356 14.13 -15.88 25.66
N SER A 357 14.60 -16.97 26.29
CA SER A 357 14.79 -18.23 25.58
C SER A 357 13.55 -19.12 25.38
N SER A 358 12.37 -18.67 25.82
CA SER A 358 11.14 -19.43 25.56
C SER A 358 10.69 -19.35 24.08
N VAL A 359 11.32 -18.48 23.32
CA VAL A 359 11.06 -18.41 21.89
C VAL A 359 12.31 -18.68 21.09
N LEU A 360 12.12 -18.96 19.81
CA LEU A 360 13.22 -19.37 18.95
C LEU A 360 13.85 -18.21 18.16
N TRP A 361 13.29 -17.03 18.32
CA TRP A 361 13.68 -15.89 17.50
C TRP A 361 14.30 -14.75 18.29
N THR A 362 14.86 -13.81 17.55
CA THR A 362 15.36 -12.53 18.09
C THR A 362 14.79 -11.45 17.18
N SER A 363 14.18 -10.41 17.73
CA SER A 363 13.79 -9.30 16.86
C SER A 363 13.79 -8.05 17.75
N ASN A 364 13.18 -6.98 17.26
CA ASN A 364 13.14 -5.78 18.08
C ASN A 364 11.94 -4.93 17.69
N SER A 365 11.63 -3.99 18.58
CA SER A 365 10.81 -2.86 18.11
C SER A 365 11.65 -1.58 18.27
N ILE A 366 11.02 -0.44 17.95
CA ILE A 366 11.73 0.83 18.05
C ILE A 366 10.98 1.89 18.87
N VAL A 367 11.76 2.70 19.61
CA VAL A 367 11.21 3.95 20.12
C VAL A 367 12.16 5.06 19.77
N ALA A 368 11.62 6.25 19.42
CA ALA A 368 12.43 7.39 19.14
C ALA A 368 11.87 8.61 19.89
N LEU A 369 12.81 9.45 20.33
CA LEU A 369 12.56 10.71 21.08
C LEU A 369 13.39 11.88 20.55
N CYS A 370 12.89 13.09 20.74
CA CYS A 370 13.73 14.26 20.42
C CYS A 370 13.77 15.25 21.59
N GLY A 371 14.72 16.17 21.53
CA GLY A 371 14.83 17.13 22.62
C GLY A 371 13.70 18.14 22.69
N SER A 372 13.50 18.58 23.92
CA SER A 372 12.60 19.67 24.24
C SER A 372 13.36 20.66 25.11
N LYS A 373 12.98 21.94 25.00
CA LYS A 373 13.53 22.93 25.93
C LYS A 373 12.73 22.94 27.22
N GLU A 374 11.55 22.37 27.17
CA GLU A 374 10.72 22.22 28.37
C GLU A 374 11.28 21.16 29.32
N ARG A 375 10.78 21.14 30.54
CA ARG A 375 11.09 20.08 31.48
C ARG A 375 9.87 19.21 31.53
N LEU A 376 9.81 18.26 30.62
CA LEU A 376 8.62 17.44 30.45
C LEU A 376 8.66 16.26 31.42
N GLY A 377 7.49 15.85 31.87
CA GLY A 377 7.35 14.56 32.52
C GLY A 377 7.65 13.43 31.56
N SER A 378 7.86 12.23 32.11
CA SER A 378 8.22 11.08 31.30
C SER A 378 7.73 9.76 31.88
N TRP A 379 7.64 8.73 31.03
CA TRP A 379 7.42 7.37 31.50
C TRP A 379 8.19 6.44 30.60
N SER A 380 8.20 5.16 30.97
CA SER A 380 8.90 4.16 30.23
C SER A 380 8.20 3.79 28.91
N TRP A 381 9.01 3.77 27.86
CA TRP A 381 8.56 3.39 26.50
C TRP A 381 9.10 2.03 26.07
N HIS A 382 8.85 1.03 26.90
CA HIS A 382 9.37 -0.31 26.67
C HIS A 382 8.57 -0.97 25.54
N ASP A 383 9.05 -2.12 25.06
CA ASP A 383 8.46 -2.77 23.91
C ASP A 383 6.96 -3.02 24.06
N GLY A 384 6.57 -3.65 25.16
CA GLY A 384 5.17 -3.87 25.45
C GLY A 384 4.54 -5.19 25.07
N ALA A 385 5.30 -6.08 24.43
CA ALA A 385 4.78 -7.38 24.02
C ALA A 385 4.91 -8.33 25.21
N GLU A 386 3.94 -9.21 25.28
CA GLU A 386 3.91 -10.32 26.26
C GLU A 386 4.50 -11.57 25.67
N ILE A 387 5.67 -11.97 26.19
CA ILE A 387 6.39 -13.11 25.61
C ILE A 387 5.60 -14.42 25.82
N ILE A 388 4.75 -14.49 26.84
CA ILE A 388 3.89 -15.67 27.05
C ILE A 388 3.00 -15.90 25.84
N TYR A 389 2.60 -14.82 25.15
CA TYR A 389 1.76 -15.00 23.97
C TYR A 389 2.46 -15.71 22.80
N PHE A 390 3.80 -15.72 22.83
CA PHE A 390 4.59 -16.34 21.79
C PHE A 390 5.03 -17.75 22.07
N LYS A 391 4.74 -18.25 23.26
CA LYS A 391 5.23 -19.58 23.62
C LYS A 391 4.53 -20.68 22.83
N GLY B 3 -7.70 18.47 -16.23
CA GLY B 3 -8.08 17.81 -17.47
C GLY B 3 -9.04 18.63 -18.32
N HIS B 4 -9.62 17.97 -19.32
CA HIS B 4 -10.56 18.58 -20.25
C HIS B 4 -11.73 17.63 -20.36
N LEU B 5 -12.91 18.19 -20.63
CA LEU B 5 -14.09 17.34 -20.75
C LEU B 5 -14.02 16.30 -21.88
N LEU B 6 -14.45 15.09 -21.54
CA LEU B 6 -14.63 14.04 -22.56
C LEU B 6 -15.82 14.38 -23.46
N ASN B 7 -15.53 14.46 -24.76
CA ASN B 7 -16.59 14.46 -25.78
C ASN B 7 -16.51 13.19 -26.60
N LEU B 8 -17.68 12.58 -26.80
CA LEU B 8 -17.79 11.30 -27.49
C LEU B 8 -17.65 11.48 -29.01
N THR B 9 -16.50 11.93 -29.47
CA THR B 9 -16.33 12.35 -30.87
C THR B 9 -16.01 11.19 -31.82
N LYS B 10 -15.65 10.05 -31.25
CA LYS B 10 -15.15 8.97 -32.03
C LYS B 10 -16.23 7.93 -32.26
N PRO B 11 -16.14 7.21 -33.37
CA PRO B 11 -17.04 6.09 -33.55
C PRO B 11 -16.52 4.88 -32.82
N LEU B 12 -17.29 3.79 -32.82
CA LEU B 12 -16.80 2.54 -32.28
C LEU B 12 -15.75 1.88 -33.21
N CYS B 13 -14.74 1.27 -32.63
CA CYS B 13 -13.83 0.41 -33.39
C CYS B 13 -14.52 -0.84 -33.97
N GLU B 14 -14.03 -1.26 -35.14
CA GLU B 14 -14.36 -2.57 -35.69
C GLU B 14 -13.92 -3.65 -34.74
N VAL B 15 -14.82 -4.61 -34.47
CA VAL B 15 -14.50 -5.74 -33.63
C VAL B 15 -14.81 -7.04 -34.33
N ASN B 16 -13.79 -7.90 -34.45
CA ASN B 16 -13.98 -9.26 -34.99
C ASN B 16 -13.76 -10.37 -33.96
N SER B 17 -13.16 -10.04 -32.80
CA SER B 17 -12.99 -11.05 -31.73
C SER B 17 -12.62 -10.27 -30.46
N TRP B 18 -12.43 -10.98 -29.35
CA TRP B 18 -12.18 -10.35 -28.04
C TRP B 18 -10.92 -10.86 -27.40
N HIS B 19 -10.07 -9.92 -26.92
CA HIS B 19 -8.81 -10.29 -26.30
C HIS B 19 -8.90 -10.04 -24.79
N ILE B 20 -8.12 -10.78 -24.03
CA ILE B 20 -8.13 -10.66 -22.58
C ILE B 20 -7.53 -9.28 -22.14
N LEU B 21 -8.26 -8.62 -21.23
CA LEU B 21 -7.82 -7.31 -20.64
C LEU B 21 -7.33 -7.50 -19.23
N SER B 22 -8.14 -8.13 -18.39
CA SER B 22 -7.77 -8.33 -17.02
C SER B 22 -8.53 -9.49 -16.41
N LYS B 23 -7.98 -10.00 -15.31
CA LYS B 23 -8.64 -11.09 -14.56
C LYS B 23 -8.09 -11.00 -13.14
N ASP B 24 -8.96 -10.94 -12.12
CA ASP B 24 -8.40 -10.76 -10.77
C ASP B 24 -8.21 -12.01 -9.93
N ASN B 25 -8.85 -13.12 -10.35
CA ASN B 25 -8.67 -14.37 -9.62
C ASN B 25 -8.94 -14.27 -8.12
N ALA B 26 -9.92 -13.44 -7.80
CA ALA B 26 -10.14 -13.02 -6.46
C ALA B 26 -10.52 -14.17 -5.54
N ILE B 27 -11.31 -15.15 -6.06
CA ILE B 27 -11.73 -16.25 -5.17
C ILE B 27 -10.58 -17.24 -4.94
N ARG B 28 -9.80 -17.55 -5.97
CA ARG B 28 -8.56 -18.34 -5.81
C ARG B 28 -7.64 -17.69 -4.79
N ILE B 29 -7.37 -16.41 -4.98
CA ILE B 29 -6.45 -15.76 -4.06
C ILE B 29 -7.04 -15.68 -2.65
N GLY B 30 -8.32 -15.32 -2.60
CA GLY B 30 -9.08 -15.10 -1.37
C GLY B 30 -9.30 -16.33 -0.48
N GLU B 31 -8.97 -17.49 -1.01
CA GLU B 31 -8.98 -18.74 -0.22
C GLU B 31 -7.98 -18.63 0.93
N ASP B 32 -6.94 -17.81 0.77
CA ASP B 32 -5.95 -17.71 1.85
C ASP B 32 -5.42 -16.28 2.11
N ALA B 33 -5.71 -15.31 1.24
CA ALA B 33 -5.33 -13.91 1.49
C ALA B 33 -6.55 -13.11 1.97
N HIS B 34 -6.35 -11.87 2.39
CA HIS B 34 -7.47 -11.07 2.93
C HIS B 34 -8.17 -10.38 1.81
N ILE B 35 -9.13 -11.07 1.20
CA ILE B 35 -9.86 -10.55 0.05
C ILE B 35 -11.32 -10.29 0.44
N ILE B 36 -11.83 -9.12 0.13
CA ILE B 36 -13.20 -8.82 0.59
C ILE B 36 -14.24 -9.52 -0.26
N VAL B 37 -15.38 -9.86 0.35
CA VAL B 37 -16.53 -10.36 -0.39
C VAL B 37 -17.20 -9.26 -1.19
N THR B 38 -17.52 -9.51 -2.45
CA THR B 38 -18.19 -8.54 -3.28
C THR B 38 -19.31 -9.16 -4.13
N ARG B 39 -20.01 -8.31 -4.87
CA ARG B 39 -20.82 -8.71 -6.02
C ARG B 39 -21.12 -7.47 -6.83
N GLU B 40 -21.73 -7.62 -8.02
CA GLU B 40 -22.05 -6.50 -8.93
C GLU B 40 -20.84 -5.67 -9.27
N PRO B 41 -19.79 -6.29 -9.81
CA PRO B 41 -18.55 -5.59 -10.19
C PRO B 41 -18.73 -4.91 -11.53
N TYR B 42 -17.75 -4.05 -11.83
CA TYR B 42 -17.68 -3.45 -13.15
C TYR B 42 -16.32 -2.81 -13.31
N LEU B 43 -16.08 -2.20 -14.44
CA LEU B 43 -14.84 -1.42 -14.58
C LEU B 43 -15.20 -0.03 -15.13
N SER B 44 -14.32 0.93 -14.85
CA SER B 44 -14.52 2.27 -15.35
C SER B 44 -13.15 2.89 -15.45
N CYS B 45 -12.96 3.64 -16.55
CA CYS B 45 -11.66 4.29 -16.81
C CYS B 45 -11.72 5.77 -16.55
N ASP B 46 -10.53 6.38 -16.51
CA ASP B 46 -10.39 7.82 -16.41
C ASP B 46 -9.14 8.14 -17.25
N PRO B 47 -8.75 9.40 -17.36
CA PRO B 47 -7.58 9.66 -18.22
C PRO B 47 -6.29 8.96 -17.76
N GLN B 48 -6.17 8.59 -16.47
CA GLN B 48 -4.95 7.99 -15.95
C GLN B 48 -4.96 6.48 -15.96
N GLY B 49 -6.11 5.87 -16.22
CA GLY B 49 -6.11 4.41 -16.20
C GLY B 49 -7.48 3.85 -15.90
N CYS B 50 -7.55 2.52 -15.85
CA CYS B 50 -8.82 1.85 -15.62
C CYS B 50 -8.78 1.20 -14.27
N ARG B 51 -9.94 1.21 -13.64
CA ARG B 51 -10.07 0.58 -12.31
C ARG B 51 -11.24 -0.42 -12.30
N MET B 52 -11.08 -1.41 -11.41
CA MET B 52 -12.21 -2.29 -11.03
C MET B 52 -13.06 -1.68 -9.90
N PHE B 53 -14.35 -2.00 -9.93
CA PHE B 53 -15.35 -1.49 -9.00
C PHE B 53 -16.19 -2.67 -8.54
N ALA B 54 -16.69 -2.56 -7.33
CA ALA B 54 -17.74 -3.56 -6.95
C ALA B 54 -18.41 -3.11 -5.74
N LEU B 55 -19.50 -3.80 -5.37
CA LEU B 55 -20.13 -3.55 -4.07
C LEU B 55 -19.57 -4.53 -3.04
N SER B 56 -18.80 -4.01 -2.10
CA SER B 56 -18.37 -4.79 -0.95
C SER B 56 -19.56 -5.28 -0.10
N GLN B 57 -19.31 -6.39 0.65
CA GLN B 57 -20.25 -6.81 1.70
C GLN B 57 -19.68 -6.54 3.09
N GLY B 58 -18.52 -5.85 3.19
CA GLY B 58 -18.07 -5.49 4.53
C GLY B 58 -17.52 -6.65 5.35
N THR B 59 -16.84 -7.58 4.68
CA THR B 59 -16.22 -8.76 5.31
C THR B 59 -15.25 -9.35 4.33
N THR B 60 -14.29 -10.14 4.81
CA THR B 60 -13.44 -10.90 3.91
C THR B 60 -14.11 -12.24 3.56
N LEU B 61 -13.59 -12.86 2.51
CA LEU B 61 -14.15 -14.14 2.02
C LEU B 61 -14.01 -15.33 3.01
N ARG B 62 -12.85 -15.43 3.66
CA ARG B 62 -12.60 -16.47 4.71
C ARG B 62 -13.13 -16.10 6.09
N GLY B 63 -13.64 -14.89 6.25
CA GLY B 63 -14.09 -14.40 7.53
C GLY B 63 -15.42 -15.04 7.90
N LYS B 64 -15.73 -15.08 9.20
CA LYS B 64 -17.04 -15.60 9.57
C LYS B 64 -18.20 -14.75 9.07
N HIS B 65 -17.98 -13.44 8.87
CA HIS B 65 -19.04 -12.64 8.36
C HIS B 65 -19.39 -12.83 6.85
N ALA B 66 -18.66 -13.72 6.16
CA ALA B 66 -19.04 -14.09 4.78
C ALA B 66 -20.37 -14.90 4.80
N ASN B 67 -20.67 -15.48 5.95
CA ASN B 67 -21.95 -16.18 6.13
C ASN B 67 -23.17 -15.27 5.97
N GLY B 68 -24.04 -15.56 5.01
CA GLY B 68 -25.21 -14.71 4.80
C GLY B 68 -25.03 -13.67 3.70
N THR B 69 -23.87 -13.68 3.02
CA THR B 69 -23.66 -12.69 1.94
C THR B 69 -24.44 -12.97 0.63
N ILE B 70 -25.32 -13.99 0.58
CA ILE B 70 -26.24 -14.05 -0.58
C ILE B 70 -27.19 -12.84 -0.64
N HIS B 71 -27.40 -12.24 0.53
CA HIS B 71 -28.35 -11.16 0.65
C HIS B 71 -27.80 -9.89 0.02
N ASP B 72 -28.67 -9.18 -0.68
CA ASP B 72 -28.24 -8.09 -1.57
C ASP B 72 -28.10 -6.73 -0.89
N ARG B 73 -28.88 -6.44 0.15
CA ARG B 73 -28.88 -5.06 0.70
C ARG B 73 -28.71 -5.04 2.20
N SER B 74 -27.73 -4.26 2.69
CA SER B 74 -27.43 -4.16 4.11
C SER B 74 -26.70 -2.82 4.29
N PRO B 75 -26.57 -2.39 5.53
CA PRO B 75 -25.77 -1.20 5.83
C PRO B 75 -24.27 -1.37 5.76
N PHE B 76 -23.79 -2.56 5.42
CA PHE B 76 -22.36 -2.88 5.48
C PHE B 76 -21.76 -2.92 4.09
N ARG B 77 -22.61 -2.59 3.09
CA ARG B 77 -22.14 -2.58 1.72
C ARG B 77 -21.58 -1.21 1.34
N ALA B 78 -20.61 -1.23 0.43
CA ALA B 78 -20.07 0.04 -0.10
C ALA B 78 -19.61 -0.17 -1.51
N LEU B 79 -19.67 0.89 -2.32
CA LEU B 79 -18.97 0.83 -3.60
C LEU B 79 -17.46 1.07 -3.41
N VAL B 80 -16.63 0.11 -3.78
CA VAL B 80 -15.18 0.26 -3.68
C VAL B 80 -14.56 0.11 -5.03
N SER B 81 -13.43 0.79 -5.23
CA SER B 81 -12.67 0.60 -6.47
C SER B 81 -11.18 0.26 -6.16
N TRP B 82 -10.53 -0.39 -7.12
CA TRP B 82 -9.11 -0.77 -6.96
C TRP B 82 -8.40 -0.87 -8.28
N GLU B 83 -7.07 -0.88 -8.18
CA GLU B 83 -6.29 -0.94 -9.40
C GLU B 83 -6.62 -2.17 -10.25
N MET B 84 -6.86 -1.96 -11.56
CA MET B 84 -7.31 -3.06 -12.40
C MET B 84 -6.36 -4.30 -12.35
N GLY B 85 -6.97 -5.46 -12.12
CA GLY B 85 -6.21 -6.71 -12.13
C GLY B 85 -5.87 -7.25 -10.78
N GLN B 86 -5.70 -6.34 -9.80
CA GLN B 86 -5.54 -6.79 -8.43
C GLN B 86 -6.87 -7.36 -7.97
N ALA B 87 -6.79 -8.22 -6.95
CA ALA B 87 -8.01 -8.65 -6.24
C ALA B 87 -8.31 -7.65 -5.16
N PRO B 88 -9.60 -7.48 -4.77
CA PRO B 88 -9.93 -6.45 -3.77
C PRO B 88 -9.69 -6.89 -2.33
N SER B 89 -8.91 -6.13 -1.58
CA SER B 89 -8.59 -6.45 -0.20
C SER B 89 -8.92 -5.22 0.67
N PRO B 90 -8.82 -5.34 1.99
CA PRO B 90 -9.00 -4.12 2.78
C PRO B 90 -7.86 -3.13 2.65
N TYR B 91 -6.83 -3.51 1.92
CA TYR B 91 -5.60 -2.72 1.86
C TYR B 91 -5.38 -1.98 0.53
N ASN B 92 -6.13 -2.35 -0.51
CA ASN B 92 -5.88 -1.75 -1.85
C ASN B 92 -7.16 -1.11 -2.39
N THR B 93 -8.23 -1.01 -1.59
CA THR B 93 -9.53 -0.54 -2.07
C THR B 93 -9.87 0.84 -1.54
N ARG B 94 -10.42 1.62 -2.44
CA ARG B 94 -10.90 2.99 -2.23
C ARG B 94 -12.42 2.95 -2.10
N VAL B 95 -12.95 3.53 -1.03
CA VAL B 95 -14.40 3.64 -0.84
C VAL B 95 -14.93 4.85 -1.62
N GLU B 96 -15.70 4.57 -2.64
CA GLU B 96 -16.35 5.57 -3.50
C GLU B 96 -17.60 6.19 -2.85
N CYS B 97 -18.42 5.36 -2.21
CA CYS B 97 -19.65 5.82 -1.60
C CYS B 97 -20.24 4.62 -0.88
N ILE B 98 -21.24 4.87 -0.06
CA ILE B 98 -21.77 3.82 0.80
C ILE B 98 -23.16 3.37 0.27
N GLY B 99 -23.36 2.08 0.05
CA GLY B 99 -24.69 1.64 -0.43
C GLY B 99 -24.67 0.32 -1.11
N TRP B 100 -25.81 -0.06 -1.71
CA TRP B 100 -26.05 -1.39 -2.21
C TRP B 100 -26.53 -1.40 -3.64
N SER B 101 -26.40 -0.26 -4.35
CA SER B 101 -26.63 -0.15 -5.82
C SER B 101 -25.87 1.07 -6.30
N SER B 102 -25.17 0.96 -7.47
CA SER B 102 -24.21 2.00 -7.76
C SER B 102 -24.03 2.21 -9.26
N THR B 103 -23.45 3.34 -9.59
CA THR B 103 -22.88 3.59 -10.92
C THR B 103 -21.72 4.55 -10.73
N SER B 104 -20.83 4.65 -11.72
CA SER B 104 -19.74 5.59 -11.60
C SER B 104 -19.27 5.88 -13.04
N CYS B 105 -18.80 7.10 -13.30
CA CYS B 105 -18.17 7.44 -14.58
C CYS B 105 -17.36 8.73 -14.40
N HIS B 106 -16.42 8.93 -15.30
CA HIS B 106 -15.50 10.06 -15.23
C HIS B 106 -15.75 10.99 -16.41
N ASP B 107 -15.82 12.28 -16.13
CA ASP B 107 -16.26 13.20 -17.22
C ASP B 107 -15.08 13.83 -17.93
N GLY B 108 -13.86 13.38 -17.63
CA GLY B 108 -12.66 13.94 -18.20
C GLY B 108 -11.90 14.78 -17.19
N ILE B 109 -12.63 15.35 -16.24
CA ILE B 109 -12.04 16.16 -15.21
C ILE B 109 -12.11 15.42 -13.87
N SER B 110 -13.31 14.92 -13.52
CA SER B 110 -13.50 14.23 -12.23
C SER B 110 -14.44 13.08 -12.35
N ARG B 111 -14.36 12.18 -11.37
CA ARG B 111 -15.26 11.05 -11.29
C ARG B 111 -16.56 11.41 -10.56
N MET B 112 -17.65 10.95 -11.15
CA MET B 112 -18.97 10.94 -10.46
C MET B 112 -19.25 9.51 -9.99
N SER B 113 -19.51 9.32 -8.71
CA SER B 113 -19.95 7.98 -8.20
C SER B 113 -21.27 8.18 -7.48
N ILE B 114 -22.18 7.25 -7.70
CA ILE B 114 -23.49 7.30 -7.05
C ILE B 114 -23.72 5.99 -6.30
N CYS B 115 -24.15 6.05 -5.02
CA CYS B 115 -24.55 4.87 -4.28
C CYS B 115 -25.91 5.11 -3.65
N ILE B 116 -26.76 4.11 -3.75
CA ILE B 116 -28.08 4.16 -3.13
C ILE B 116 -28.03 3.28 -1.88
N SER B 117 -28.58 3.75 -0.75
CA SER B 117 -28.62 2.95 0.49
C SER B 117 -29.96 3.24 1.14
N GLY B 118 -30.17 2.57 2.27
CA GLY B 118 -31.36 2.79 3.10
C GLY B 118 -32.32 1.61 2.99
N PRO B 119 -33.44 1.72 3.66
CA PRO B 119 -34.48 0.69 3.65
C PRO B 119 -35.20 0.64 2.34
N ASN B 120 -35.75 -0.52 2.04
CA ASN B 120 -36.44 -0.75 0.78
C ASN B 120 -37.50 0.29 0.46
N ASN B 121 -38.26 0.72 1.50
CA ASN B 121 -39.31 1.68 1.24
C ASN B 121 -38.92 3.17 1.27
N ASN B 122 -37.62 3.47 1.46
CA ASN B 122 -37.23 4.85 1.53
C ASN B 122 -35.73 5.01 1.33
N ALA B 123 -35.26 4.49 0.22
CA ALA B 123 -33.83 4.59 -0.10
C ALA B 123 -33.46 5.94 -0.65
N SER B 124 -32.15 6.20 -0.74
CA SER B 124 -31.77 7.48 -1.29
C SER B 124 -30.48 7.32 -2.00
N ALA B 125 -30.32 8.05 -3.10
CA ALA B 125 -29.01 8.10 -3.80
C ALA B 125 -28.20 9.25 -3.19
N VAL B 126 -26.89 9.05 -3.05
CA VAL B 126 -25.97 10.14 -2.74
C VAL B 126 -25.02 10.18 -3.93
N VAL B 127 -24.93 11.35 -4.55
CA VAL B 127 -24.15 11.54 -5.77
C VAL B 127 -22.87 12.25 -5.40
N TRP B 128 -21.71 11.63 -5.72
CA TRP B 128 -20.40 12.17 -5.37
C TRP B 128 -19.72 12.65 -6.63
N TYR B 129 -19.01 13.76 -6.54
CA TYR B 129 -18.25 14.22 -7.67
C TYR B 129 -16.92 14.70 -7.17
N GLY B 130 -15.85 14.22 -7.79
CA GLY B 130 -14.50 14.70 -7.37
C GLY B 130 -14.22 14.28 -5.94
N GLY B 131 -14.79 13.16 -5.55
CA GLY B 131 -14.52 12.68 -4.20
C GLY B 131 -15.32 13.21 -3.03
N ARG B 132 -16.22 14.20 -3.39
CA ARG B 132 -17.13 14.75 -2.39
C ARG B 132 -18.55 14.35 -2.65
N PRO B 133 -19.42 14.39 -1.65
CA PRO B 133 -20.85 14.29 -1.97
C PRO B 133 -21.45 15.65 -2.37
N VAL B 134 -22.31 15.67 -3.38
CA VAL B 134 -22.79 16.96 -3.86
C VAL B 134 -24.33 17.03 -4.01
N THR B 135 -24.98 15.89 -4.22
CA THR B 135 -26.45 15.82 -4.43
C THR B 135 -27.04 14.59 -3.78
N GLU B 136 -28.23 14.72 -3.18
CA GLU B 136 -28.94 13.58 -2.62
C GLU B 136 -30.34 13.44 -3.28
N ILE B 137 -30.78 12.20 -3.51
CA ILE B 137 -32.05 11.98 -4.26
C ILE B 137 -32.92 10.98 -3.51
N PRO B 138 -34.07 11.43 -2.97
CA PRO B 138 -34.94 10.51 -2.25
C PRO B 138 -35.67 9.59 -3.19
N SER B 139 -35.94 8.37 -2.72
CA SER B 139 -36.82 7.47 -3.40
C SER B 139 -38.11 8.16 -3.86
N TRP B 140 -38.54 7.98 -5.13
CA TRP B 140 -39.79 8.64 -5.63
C TRP B 140 -40.98 7.70 -5.63
N ALA B 141 -40.72 6.41 -5.49
CA ALA B 141 -41.79 5.40 -5.55
C ALA B 141 -41.80 4.43 -4.35
N GLY B 142 -40.90 4.63 -3.40
CA GLY B 142 -40.86 3.80 -2.20
C GLY B 142 -40.65 2.31 -2.37
N ASN B 143 -39.86 1.91 -3.37
CA ASN B 143 -39.64 0.48 -3.56
C ASN B 143 -38.33 0.19 -4.26
N ILE B 144 -37.27 0.21 -3.45
CA ILE B 144 -35.89 -0.18 -3.87
C ILE B 144 -35.41 0.67 -5.05
N LEU B 145 -35.21 1.94 -4.76
CA LEU B 145 -34.56 2.84 -5.71
C LEU B 145 -33.22 2.19 -6.07
N ARG B 146 -32.89 2.12 -7.37
CA ARG B 146 -31.74 1.31 -7.81
C ARG B 146 -31.26 1.76 -9.15
N THR B 147 -29.98 1.46 -9.42
CA THR B 147 -29.40 1.96 -10.64
C THR B 147 -28.55 0.91 -11.38
N GLN B 148 -27.58 1.36 -12.18
CA GLN B 148 -27.12 0.56 -13.29
C GLN B 148 -26.27 -0.66 -12.93
N GLU B 149 -25.40 -0.56 -11.90
CA GLU B 149 -24.44 -1.60 -11.49
C GLU B 149 -23.37 -1.77 -12.56
N SER B 150 -23.19 -0.71 -13.35
CA SER B 150 -21.96 -0.59 -14.18
C SER B 150 -21.77 0.85 -14.58
N GLU B 151 -20.75 1.15 -15.38
CA GLU B 151 -20.48 2.60 -15.55
C GLU B 151 -21.54 3.42 -16.36
N CYS B 152 -21.67 4.67 -15.97
CA CYS B 152 -22.37 5.65 -16.81
C CYS B 152 -21.42 6.20 -17.85
N VAL B 153 -21.91 7.14 -18.65
CA VAL B 153 -21.09 7.72 -19.73
C VAL B 153 -21.31 9.23 -19.72
N CYS B 154 -20.23 10.00 -19.91
CA CYS B 154 -20.28 11.43 -19.91
C CYS B 154 -19.96 11.99 -21.30
N HIS B 155 -20.55 13.15 -21.62
CA HIS B 155 -20.29 13.87 -22.90
C HIS B 155 -20.42 15.38 -22.71
N GLY B 156 -19.33 16.11 -22.93
CA GLY B 156 -19.34 17.55 -22.67
C GLY B 156 -19.80 17.94 -21.29
N GLY B 157 -19.42 17.11 -20.32
CA GLY B 157 -19.74 17.28 -18.91
C GLY B 157 -21.10 16.79 -18.47
N ILE B 158 -21.91 16.31 -19.41
CA ILE B 158 -23.21 15.76 -19.03
C ILE B 158 -23.15 14.26 -18.92
N CYS B 159 -23.52 13.71 -17.77
CA CYS B 159 -23.45 12.29 -17.55
C CYS B 159 -24.82 11.76 -17.21
N PRO B 160 -25.52 11.19 -18.19
CA PRO B 160 -26.84 10.58 -17.92
C PRO B 160 -26.74 9.29 -17.15
N VAL B 161 -27.70 9.12 -16.24
CA VAL B 161 -27.79 7.91 -15.42
C VAL B 161 -29.23 7.40 -15.44
N VAL B 162 -29.41 6.08 -15.54
CA VAL B 162 -30.78 5.51 -15.57
C VAL B 162 -31.05 4.94 -14.18
N MET B 163 -32.15 5.34 -13.58
CA MET B 163 -32.50 4.84 -12.24
C MET B 163 -33.97 4.41 -12.23
N THR B 164 -34.25 3.38 -11.45
CA THR B 164 -35.57 2.82 -11.38
C THR B 164 -36.04 2.70 -9.93
N ASP B 165 -37.34 2.92 -9.71
CA ASP B 165 -37.91 2.77 -8.36
C ASP B 165 -39.27 2.12 -8.57
N GLY B 166 -39.59 1.08 -7.81
CA GLY B 166 -40.84 0.35 -8.01
C GLY B 166 -40.67 -1.15 -8.14
N PRO B 167 -41.79 -1.84 -8.42
CA PRO B 167 -41.76 -3.29 -8.46
C PRO B 167 -40.71 -3.82 -9.40
N ALA B 168 -40.19 -4.97 -9.03
CA ALA B 168 -39.27 -5.72 -9.87
C ALA B 168 -40.07 -6.65 -10.76
N ASN B 169 -41.35 -6.84 -10.43
CA ASN B 169 -42.17 -7.85 -11.15
C ASN B 169 -43.48 -7.25 -11.72
N ASN B 170 -43.48 -5.93 -11.90
CA ASN B 170 -44.59 -5.19 -12.46
C ASN B 170 -44.05 -3.83 -12.94
N ARG B 171 -44.91 -2.99 -13.50
CA ARG B 171 -44.54 -1.65 -13.98
C ARG B 171 -43.88 -0.83 -12.89
N ALA B 172 -42.77 -0.17 -13.22
CA ALA B 172 -42.00 0.62 -12.27
C ALA B 172 -41.87 2.02 -12.82
N GLU B 173 -41.18 2.87 -12.05
CA GLU B 173 -40.97 4.25 -12.43
C GLU B 173 -39.48 4.53 -12.69
N THR B 174 -39.13 4.56 -13.96
CA THR B 174 -37.73 4.77 -14.36
C THR B 174 -37.52 6.21 -14.80
N LYS B 175 -36.35 6.76 -14.46
CA LYS B 175 -36.05 8.13 -14.83
C LYS B 175 -34.64 8.16 -15.39
N ILE B 176 -34.42 9.09 -16.29
CA ILE B 176 -33.12 9.41 -16.87
C ILE B 176 -32.73 10.71 -16.22
N ILE B 177 -31.64 10.70 -15.48
CA ILE B 177 -31.20 11.87 -14.77
C ILE B 177 -29.92 12.36 -15.45
N TYR B 178 -29.87 13.61 -15.88
CA TYR B 178 -28.73 14.19 -16.57
C TYR B 178 -27.89 15.01 -15.60
N PHE B 179 -26.71 14.52 -15.29
CA PHE B 179 -25.87 15.15 -14.24
C PHE B 179 -24.79 16.04 -14.82
N LYS B 180 -24.42 17.11 -14.15
CA LYS B 180 -23.21 17.91 -14.51
C LYS B 180 -22.54 18.31 -13.22
N GLU B 181 -21.29 17.92 -13.07
CA GLU B 181 -20.55 18.05 -11.79
C GLU B 181 -21.43 17.44 -10.65
N GLY B 182 -22.16 16.36 -10.94
CA GLY B 182 -22.94 15.64 -9.95
C GLY B 182 -24.22 16.36 -9.52
N LYS B 183 -24.54 17.44 -10.23
CA LYS B 183 -25.81 18.21 -10.01
C LYS B 183 -26.81 17.90 -11.10
N ILE B 184 -28.09 17.94 -10.76
CA ILE B 184 -29.13 17.55 -11.72
C ILE B 184 -29.43 18.68 -12.66
N LYS B 185 -29.18 18.47 -13.96
CA LYS B 185 -29.47 19.52 -14.94
C LYS B 185 -30.87 19.27 -15.51
N LYS B 186 -31.31 18.00 -15.56
CA LYS B 186 -32.62 17.63 -16.11
C LYS B 186 -32.97 16.22 -15.64
N ILE B 187 -34.26 15.97 -15.41
CA ILE B 187 -34.73 14.63 -15.14
C ILE B 187 -35.87 14.36 -16.09
N GLU B 188 -35.88 13.17 -16.71
CA GLU B 188 -36.99 12.76 -17.58
C GLU B 188 -37.63 11.44 -17.11
N GLU B 189 -38.95 11.35 -17.19
CA GLU B 189 -39.56 10.03 -17.01
C GLU B 189 -39.28 9.15 -18.25
N LEU B 190 -39.09 7.86 -18.04
CA LEU B 190 -38.85 6.96 -19.17
C LEU B 190 -40.00 7.09 -20.22
N LYS B 191 -39.63 7.18 -21.50
CA LYS B 191 -40.59 7.19 -22.62
C LYS B 191 -40.29 6.08 -23.61
N GLY B 192 -41.26 5.77 -24.48
CA GLY B 192 -41.02 4.76 -25.52
C GLY B 192 -41.58 3.38 -25.20
N ASP B 193 -41.09 2.36 -25.90
CA ASP B 193 -41.70 1.03 -25.89
C ASP B 193 -41.18 0.06 -24.82
N ALA B 194 -40.05 0.39 -24.17
CA ALA B 194 -39.55 -0.50 -23.12
C ALA B 194 -40.53 -0.54 -21.96
N GLN B 195 -40.86 -1.74 -21.47
CA GLN B 195 -41.93 -1.87 -20.48
C GLN B 195 -41.41 -1.87 -19.08
N HIS B 196 -40.11 -2.18 -18.95
CA HIS B 196 -39.49 -2.32 -17.63
C HIS B 196 -38.01 -2.15 -17.83
N ILE B 197 -37.38 -1.40 -16.94
CA ILE B 197 -35.95 -1.04 -17.05
C ILE B 197 -35.16 -1.31 -15.77
N GLU B 198 -34.14 -2.16 -15.85
CA GLU B 198 -33.22 -2.43 -14.70
C GLU B 198 -31.78 -2.46 -15.20
N GLU B 199 -30.84 -2.05 -14.36
CA GLU B 199 -29.42 -2.42 -14.54
C GLU B 199 -28.80 -2.13 -15.90
N CYS B 200 -28.98 -0.92 -16.39
CA CYS B 200 -28.53 -0.55 -17.74
C CYS B 200 -27.00 -0.58 -17.88
N SER B 201 -26.57 -1.19 -18.98
CA SER B 201 -25.16 -1.21 -19.37
C SER B 201 -25.01 -0.25 -20.55
N CYS B 202 -24.23 0.80 -20.33
CA CYS B 202 -24.21 1.89 -21.28
C CYS B 202 -22.82 2.12 -21.90
N TYR B 203 -22.79 2.62 -23.16
CA TYR B 203 -21.54 3.09 -23.77
C TYR B 203 -21.85 4.30 -24.71
N GLY B 204 -20.82 5.06 -25.00
CA GLY B 204 -20.98 6.17 -25.95
C GLY B 204 -20.14 6.06 -27.21
N ALA B 205 -20.65 6.67 -28.29
CA ALA B 205 -19.97 6.71 -29.56
C ALA B 205 -20.67 7.75 -30.44
N SER B 206 -19.90 8.55 -31.15
CA SER B 206 -20.44 9.53 -32.09
C SER B 206 -21.55 10.41 -31.47
N GLU B 207 -21.23 10.87 -30.26
CA GLU B 207 -22.05 11.83 -29.53
C GLU B 207 -23.39 11.32 -29.04
N MET B 208 -23.54 10.00 -28.95
CA MET B 208 -24.75 9.36 -28.49
C MET B 208 -24.40 8.24 -27.53
N ILE B 209 -25.31 7.97 -26.60
CA ILE B 209 -25.17 6.91 -25.60
C ILE B 209 -26.23 5.91 -25.79
N LYS B 210 -25.87 4.63 -25.73
CA LYS B 210 -26.81 3.55 -25.83
C LYS B 210 -26.72 2.76 -24.55
N CYS B 211 -27.90 2.48 -23.99
CA CYS B 211 -28.02 1.70 -22.75
C CYS B 211 -28.78 0.45 -23.01
N ILE B 212 -28.17 -0.70 -22.71
CA ILE B 212 -28.79 -1.98 -23.02
C ILE B 212 -29.13 -2.55 -21.65
N CYS B 213 -30.42 -2.83 -21.42
CA CYS B 213 -30.82 -3.07 -20.03
C CYS B 213 -31.50 -4.41 -19.79
N ARG B 214 -32.09 -4.53 -18.63
CA ARG B 214 -32.79 -5.78 -18.22
C ARG B 214 -34.28 -5.51 -17.98
N ASP B 215 -35.19 -6.17 -18.71
CA ASP B 215 -36.63 -6.08 -18.44
C ASP B 215 -36.88 -7.28 -17.51
N ASN B 216 -37.23 -7.00 -16.26
CA ASN B 216 -37.41 -8.04 -15.29
C ASN B 216 -38.90 -8.45 -15.21
N TRP B 217 -39.77 -7.76 -15.94
CA TRP B 217 -41.23 -7.97 -15.85
C TRP B 217 -41.70 -8.96 -16.94
N LYS B 218 -41.32 -8.68 -18.18
CA LYS B 218 -41.92 -9.38 -19.30
C LYS B 218 -40.89 -9.97 -20.25
N GLY B 219 -40.01 -9.12 -20.77
CA GLY B 219 -39.18 -9.48 -21.90
C GLY B 219 -37.92 -10.30 -21.67
N ALA B 220 -37.63 -11.25 -22.60
CA ALA B 220 -36.34 -11.96 -22.67
C ALA B 220 -35.44 -11.31 -23.70
N ASN B 221 -36.05 -10.45 -24.51
CA ASN B 221 -35.32 -9.50 -25.29
C ASN B 221 -35.01 -8.27 -24.39
N ARG B 222 -33.89 -7.63 -24.68
CA ARG B 222 -33.46 -6.53 -23.82
C ARG B 222 -33.93 -5.19 -24.33
N PRO B 223 -34.39 -4.35 -23.41
CA PRO B 223 -34.65 -2.97 -23.73
C PRO B 223 -33.38 -2.24 -24.11
N VAL B 224 -33.54 -1.29 -25.01
CA VAL B 224 -32.47 -0.41 -25.43
C VAL B 224 -32.90 1.05 -25.30
N ILE B 225 -32.22 1.81 -24.45
CA ILE B 225 -32.47 3.23 -24.29
C ILE B 225 -31.38 3.98 -25.04
N THR B 226 -31.79 4.82 -25.97
CA THR B 226 -30.89 5.67 -26.72
C THR B 226 -30.94 7.11 -26.20
N ILE B 227 -29.78 7.64 -25.76
CA ILE B 227 -29.73 8.93 -25.10
C ILE B 227 -28.86 9.91 -25.90
N ASP B 228 -29.42 11.10 -26.13
CA ASP B 228 -28.68 12.23 -26.71
C ASP B 228 -28.26 13.13 -25.56
N PRO B 229 -26.99 13.06 -25.16
CA PRO B 229 -26.51 13.83 -23.99
C PRO B 229 -26.47 15.33 -24.26
N GLU B 230 -26.30 15.80 -25.49
CA GLU B 230 -26.29 17.26 -25.69
C GLU B 230 -27.73 17.79 -25.64
N MET B 231 -28.68 17.09 -26.26
CA MET B 231 -30.05 17.56 -26.23
C MET B 231 -30.76 17.16 -24.95
N MET B 232 -30.15 16.22 -24.20
CA MET B 232 -30.75 15.64 -23.00
C MET B 232 -32.17 15.08 -23.21
N THR B 233 -32.28 14.23 -24.21
CA THR B 233 -33.47 13.52 -24.52
C THR B 233 -33.13 12.05 -24.78
N HIS B 234 -34.17 11.23 -24.70
CA HIS B 234 -33.99 9.78 -24.92
C HIS B 234 -35.21 9.21 -25.62
N THR B 235 -34.98 8.06 -26.23
CA THR B 235 -36.03 7.17 -26.73
C THR B 235 -35.76 5.73 -26.22
N SER B 236 -36.78 4.86 -26.27
CA SER B 236 -36.57 3.46 -25.92
C SER B 236 -37.35 2.51 -26.77
N LYS B 237 -36.76 1.33 -26.93
CA LYS B 237 -37.39 0.21 -27.62
C LYS B 237 -36.81 -1.08 -27.06
N TYR B 238 -36.99 -2.16 -27.79
CA TYR B 238 -36.34 -3.41 -27.49
C TYR B 238 -35.32 -3.69 -28.56
N LEU B 239 -34.32 -4.48 -28.21
CA LEU B 239 -33.39 -5.01 -29.18
C LEU B 239 -34.16 -5.88 -30.22
N CYS B 240 -34.05 -5.55 -31.52
CA CYS B 240 -34.94 -6.17 -32.54
C CYS B 240 -34.62 -7.61 -32.77
N SER B 241 -33.34 -7.98 -32.60
CA SER B 241 -32.86 -9.30 -33.00
C SER B 241 -33.61 -10.48 -32.40
N LYS B 242 -33.77 -11.53 -33.20
CA LYS B 242 -34.27 -12.82 -32.70
C LYS B 242 -33.32 -13.53 -31.72
N ILE B 243 -32.07 -13.07 -31.62
CA ILE B 243 -31.11 -13.66 -30.67
C ILE B 243 -31.37 -13.09 -29.28
N LEU B 244 -31.98 -13.87 -28.40
CA LEU B 244 -32.43 -13.32 -27.14
C LEU B 244 -31.27 -13.35 -26.14
N THR B 245 -31.15 -12.31 -25.32
CA THR B 245 -29.93 -12.24 -24.50
C THR B 245 -30.17 -12.02 -23.00
N ASP B 246 -31.43 -12.03 -22.54
CA ASP B 246 -31.67 -12.06 -21.10
C ASP B 246 -31.47 -13.51 -20.55
N THR B 247 -31.53 -13.68 -19.24
CA THR B 247 -31.49 -14.99 -18.60
C THR B 247 -32.49 -14.86 -17.45
N SER B 248 -33.53 -15.69 -17.33
CA SER B 248 -33.84 -16.81 -18.25
C SER B 248 -34.48 -16.33 -19.51
N ARG B 249 -34.43 -17.17 -20.54
CA ARG B 249 -34.99 -16.86 -21.83
C ARG B 249 -35.46 -18.15 -22.50
N PRO B 250 -36.44 -18.01 -23.42
CA PRO B 250 -36.77 -19.17 -24.26
C PRO B 250 -35.77 -19.32 -25.40
N ASN B 251 -35.98 -20.32 -26.25
CA ASN B 251 -35.15 -20.50 -27.43
C ASN B 251 -35.32 -19.31 -28.33
N ASP B 252 -34.30 -19.01 -29.14
CA ASP B 252 -34.41 -17.91 -30.10
C ASP B 252 -35.53 -18.23 -31.08
N PRO B 253 -36.48 -17.31 -31.22
CA PRO B 253 -37.61 -17.47 -32.18
C PRO B 253 -37.18 -17.13 -33.61
N THR B 254 -38.07 -17.28 -34.59
CA THR B 254 -37.67 -16.92 -35.96
C THR B 254 -37.58 -15.39 -36.20
N ASN B 255 -38.39 -14.61 -35.48
CA ASN B 255 -38.35 -13.17 -35.60
C ASN B 255 -38.33 -12.53 -34.24
N GLY B 256 -37.44 -11.57 -34.06
CA GLY B 256 -37.47 -10.79 -32.84
C GLY B 256 -38.55 -9.73 -32.86
N LYS B 257 -38.53 -8.88 -31.85
CA LYS B 257 -39.51 -7.82 -31.68
C LYS B 257 -38.86 -6.54 -31.21
N CYS B 258 -39.09 -5.46 -31.94
CA CYS B 258 -38.54 -4.13 -31.68
C CYS B 258 -39.36 -3.39 -30.66
N GLU B 259 -40.66 -3.62 -30.68
CA GLU B 259 -41.58 -2.67 -30.03
C GLU B 259 -42.31 -3.29 -28.84
N ALA B 260 -42.00 -4.54 -28.52
CA ALA B 260 -42.67 -5.22 -27.44
C ALA B 260 -41.83 -6.35 -26.90
N PRO B 261 -42.07 -6.73 -25.64
CA PRO B 261 -41.31 -7.85 -25.10
C PRO B 261 -41.71 -9.19 -25.68
N ILE B 262 -40.69 -10.02 -25.80
CA ILE B 262 -40.84 -11.44 -26.05
C ILE B 262 -40.82 -12.19 -24.72
N THR B 263 -41.95 -12.82 -24.39
CA THR B 263 -42.03 -13.49 -23.10
C THR B 263 -41.53 -14.92 -23.17
N GLY B 264 -41.36 -15.53 -22.00
CA GLY B 264 -40.91 -16.91 -21.93
C GLY B 264 -39.66 -17.06 -21.09
N GLY B 265 -39.21 -18.30 -20.93
CA GLY B 265 -38.04 -18.59 -20.14
C GLY B 265 -38.40 -19.04 -18.75
N SER B 266 -37.55 -19.86 -18.18
CA SER B 266 -37.71 -20.33 -16.81
C SER B 266 -36.34 -20.68 -16.21
N PRO B 267 -36.14 -20.44 -14.91
CA PRO B 267 -37.07 -19.92 -13.89
C PRO B 267 -36.93 -18.45 -13.51
N ASP B 268 -35.91 -17.74 -13.98
CA ASP B 268 -35.61 -16.39 -13.48
C ASP B 268 -35.99 -15.29 -14.45
N PRO B 269 -36.44 -14.14 -13.93
CA PRO B 269 -36.91 -13.10 -14.83
C PRO B 269 -35.79 -12.27 -15.51
N GLY B 270 -34.53 -12.37 -15.07
CA GLY B 270 -33.55 -11.50 -15.69
C GLY B 270 -32.15 -11.50 -15.09
N VAL B 271 -31.21 -10.94 -15.85
CA VAL B 271 -29.85 -10.73 -15.40
C VAL B 271 -29.35 -9.46 -16.06
N LYS B 272 -28.48 -8.72 -15.37
CA LYS B 272 -27.78 -7.63 -16.06
C LYS B 272 -26.90 -8.12 -17.21
N GLY B 273 -27.04 -7.42 -18.35
CA GLY B 273 -26.21 -7.74 -19.52
C GLY B 273 -25.93 -6.52 -20.36
N PHE B 274 -25.43 -6.77 -21.59
CA PHE B 274 -25.02 -5.68 -22.43
C PHE B 274 -24.96 -6.08 -23.88
N ALA B 275 -24.83 -5.08 -24.74
CA ALA B 275 -24.49 -5.29 -26.15
C ALA B 275 -23.88 -4.05 -26.73
N PHE B 276 -23.13 -4.22 -27.82
CA PHE B 276 -22.68 -3.08 -28.58
C PHE B 276 -23.41 -3.05 -29.90
N LEU B 277 -24.07 -1.93 -30.19
CA LEU B 277 -25.01 -1.82 -31.35
C LEU B 277 -24.51 -0.79 -32.35
N ASP B 278 -23.97 -1.26 -33.46
CA ASP B 278 -23.29 -0.42 -34.39
C ASP B 278 -23.43 -0.98 -35.79
N GLY B 279 -24.69 -1.10 -36.22
CA GLY B 279 -24.95 -1.62 -37.54
C GLY B 279 -24.35 -3.02 -37.73
N GLU B 280 -23.57 -3.14 -38.78
CA GLU B 280 -22.92 -4.44 -39.04
C GLU B 280 -21.99 -4.85 -37.90
N ASN B 281 -21.42 -3.86 -37.21
CA ASN B 281 -20.44 -4.07 -36.14
C ASN B 281 -21.11 -4.24 -34.78
N SER B 282 -22.08 -5.15 -34.70
CA SER B 282 -22.86 -5.33 -33.50
C SER B 282 -22.57 -6.66 -32.85
N TRP B 283 -22.44 -6.63 -31.52
CA TRP B 283 -22.13 -7.80 -30.72
C TRP B 283 -23.06 -7.91 -29.53
N LEU B 284 -23.60 -9.12 -29.30
CA LEU B 284 -24.50 -9.36 -28.15
C LEU B 284 -23.82 -10.33 -27.23
N GLY B 285 -23.80 -10.02 -25.93
CA GLY B 285 -23.35 -11.00 -24.97
C GLY B 285 -24.55 -11.71 -24.36
N ARG B 286 -24.35 -12.93 -23.93
CA ARG B 286 -25.36 -13.60 -23.14
C ARG B 286 -24.75 -14.80 -22.42
N THR B 287 -25.45 -15.24 -21.39
CA THR B 287 -25.09 -16.49 -20.75
C THR B 287 -25.34 -17.63 -21.77
N ILE B 288 -24.54 -18.68 -21.67
CA ILE B 288 -24.68 -19.81 -22.61
C ILE B 288 -25.98 -20.56 -22.28
N SER B 289 -26.15 -20.89 -21.01
CA SER B 289 -27.40 -21.50 -20.59
C SER B 289 -28.60 -20.55 -20.79
N LYS B 290 -29.72 -21.08 -21.29
CA LYS B 290 -30.86 -20.24 -21.40
C LYS B 290 -31.60 -20.09 -20.05
N ASP B 291 -31.34 -20.98 -19.10
CA ASP B 291 -32.03 -20.94 -17.81
C ASP B 291 -31.23 -20.26 -16.70
N SER B 292 -29.94 -20.58 -16.64
CA SER B 292 -29.11 -20.25 -15.47
C SER B 292 -28.00 -19.30 -15.83
N ARG B 293 -27.42 -18.67 -14.81
CA ARG B 293 -26.25 -17.82 -15.02
C ARG B 293 -24.99 -18.69 -15.13
N SER B 294 -24.92 -19.47 -16.22
CA SER B 294 -23.82 -20.36 -16.48
C SER B 294 -23.27 -20.10 -17.85
N GLY B 295 -21.94 -20.14 -17.98
CA GLY B 295 -21.31 -19.82 -19.25
C GLY B 295 -21.41 -18.36 -19.69
N TYR B 296 -20.66 -18.00 -20.72
CA TYR B 296 -20.86 -16.67 -21.31
C TYR B 296 -20.31 -16.73 -22.70
N GLU B 297 -21.07 -16.17 -23.65
CA GLU B 297 -20.67 -16.11 -25.03
C GLU B 297 -20.90 -14.78 -25.71
N MET B 298 -20.03 -14.47 -26.67
CA MET B 298 -20.26 -13.29 -27.49
C MET B 298 -20.69 -13.70 -28.88
N LEU B 299 -21.72 -13.05 -29.38
CA LEU B 299 -22.24 -13.30 -30.72
C LEU B 299 -22.21 -12.06 -31.62
N LYS B 300 -21.60 -12.15 -32.83
CA LYS B 300 -21.63 -10.96 -33.71
C LYS B 300 -22.93 -11.01 -34.54
N VAL B 301 -23.79 -10.04 -34.34
CA VAL B 301 -25.15 -10.09 -34.93
C VAL B 301 -25.38 -8.77 -35.69
N PRO B 302 -25.01 -8.74 -36.95
CA PRO B 302 -25.15 -7.51 -37.75
C PRO B 302 -26.56 -6.98 -37.74
N ASN B 303 -26.65 -5.67 -37.51
CA ASN B 303 -27.93 -4.99 -37.43
C ASN B 303 -28.92 -5.55 -36.42
N ALA B 304 -28.39 -6.16 -35.34
CA ALA B 304 -29.21 -6.63 -34.21
C ALA B 304 -30.22 -5.56 -33.73
N GLU B 305 -29.85 -4.30 -33.84
CA GLU B 305 -30.69 -3.26 -33.26
C GLU B 305 -31.95 -3.00 -34.09
N THR B 306 -31.90 -3.33 -35.38
CA THR B 306 -32.93 -2.86 -36.31
C THR B 306 -33.58 -3.96 -37.12
N ASP B 307 -32.97 -5.14 -37.12
CA ASP B 307 -33.39 -6.23 -37.99
C ASP B 307 -33.93 -7.42 -37.18
N THR B 308 -35.24 -7.65 -37.25
CA THR B 308 -35.81 -8.70 -36.40
C THR B 308 -35.41 -10.10 -36.78
N GLN B 309 -34.84 -10.30 -37.97
CA GLN B 309 -34.42 -11.65 -38.34
C GLN B 309 -32.91 -11.76 -38.26
N SER B 310 -32.24 -10.75 -37.70
CA SER B 310 -30.76 -10.78 -37.65
C SER B 310 -30.27 -11.94 -36.82
N GLY B 311 -29.32 -12.69 -37.39
CA GLY B 311 -28.65 -13.75 -36.67
C GLY B 311 -27.12 -13.59 -36.51
N ALA B 312 -26.50 -14.59 -35.88
CA ALA B 312 -25.05 -14.54 -35.55
C ALA B 312 -24.20 -14.94 -36.72
N ILE B 313 -23.18 -14.15 -37.05
CA ILE B 313 -22.20 -14.55 -38.05
C ILE B 313 -20.84 -14.97 -37.46
N SER B 314 -20.64 -14.76 -36.16
CA SER B 314 -19.44 -15.28 -35.52
C SER B 314 -19.72 -15.40 -34.03
N HIS B 315 -18.89 -16.05 -33.29
CA HIS B 315 -19.14 -16.60 -32.01
C HIS B 315 -17.86 -16.67 -31.18
N GLN B 316 -17.76 -16.23 -29.94
CA GLN B 316 -16.63 -16.57 -29.06
C GLN B 316 -17.11 -16.96 -27.67
N ILE B 317 -16.70 -18.13 -27.18
CA ILE B 317 -17.02 -18.54 -25.81
C ILE B 317 -16.07 -17.80 -24.89
N ILE B 318 -16.65 -17.09 -23.92
CA ILE B 318 -15.84 -16.37 -22.95
C ILE B 318 -15.64 -17.18 -21.65
N VAL B 319 -16.70 -17.87 -21.22
CA VAL B 319 -16.68 -18.70 -20.01
C VAL B 319 -17.43 -19.98 -20.41
N ASN B 320 -16.81 -21.15 -20.30
CA ASN B 320 -17.55 -22.30 -20.83
C ASN B 320 -18.78 -22.59 -19.97
N ASN B 321 -19.70 -23.37 -20.51
CA ASN B 321 -20.97 -23.62 -19.80
C ASN B 321 -20.87 -24.63 -18.65
N GLN B 322 -19.67 -25.05 -18.29
CA GLN B 322 -19.46 -25.81 -17.05
C GLN B 322 -19.02 -24.92 -15.86
N ASN B 323 -19.10 -23.60 -16.07
CA ASN B 323 -18.69 -22.64 -15.05
C ASN B 323 -19.70 -21.55 -14.90
N TRP B 324 -19.77 -21.00 -13.70
CA TRP B 324 -20.73 -19.97 -13.39
C TRP B 324 -20.30 -18.63 -13.93
N SER B 325 -21.26 -17.90 -14.50
CA SER B 325 -21.07 -16.48 -14.83
C SER B 325 -21.85 -15.62 -13.89
N GLY B 326 -22.58 -14.67 -14.42
CA GLY B 326 -23.22 -13.66 -13.59
C GLY B 326 -23.54 -12.43 -14.40
N TYR B 327 -23.55 -11.27 -13.74
CA TYR B 327 -23.78 -9.99 -14.41
C TYR B 327 -22.67 -9.72 -15.44
N SER B 328 -23.05 -8.97 -16.47
CA SER B 328 -22.07 -8.49 -17.43
C SER B 328 -22.46 -7.07 -17.82
N GLY B 329 -21.44 -6.30 -18.21
CA GLY B 329 -21.65 -4.91 -18.56
C GLY B 329 -20.54 -4.39 -19.47
N ALA B 330 -20.86 -3.23 -20.05
CA ALA B 330 -19.99 -2.52 -21.01
C ALA B 330 -19.16 -1.48 -20.30
N PHE B 331 -17.96 -1.28 -20.80
CA PHE B 331 -17.15 -0.09 -20.50
C PHE B 331 -16.22 0.16 -21.63
N ILE B 332 -15.68 1.38 -21.72
CA ILE B 332 -14.70 1.71 -22.77
C ILE B 332 -13.61 2.55 -22.17
N ASP B 333 -12.38 2.34 -22.59
CA ASP B 333 -11.32 3.33 -22.28
C ASP B 333 -11.42 4.51 -23.25
N TYR B 334 -12.23 5.53 -22.93
CA TYR B 334 -12.50 6.64 -23.83
C TYR B 334 -11.27 7.49 -24.00
N TRP B 335 -10.22 7.23 -23.19
CA TRP B 335 -8.98 8.01 -23.24
C TRP B 335 -7.80 7.27 -23.88
N ALA B 336 -8.09 6.16 -24.56
CA ALA B 336 -7.05 5.45 -25.26
C ALA B 336 -6.51 6.24 -26.42
N ASN B 337 -5.31 5.88 -26.84
CA ASN B 337 -4.68 6.52 -27.98
C ASN B 337 -5.04 5.75 -29.30
N LYS B 338 -6.30 5.80 -29.68
CA LYS B 338 -6.86 5.15 -30.86
C LYS B 338 -7.81 6.18 -31.50
N GLU B 339 -8.12 6.03 -32.78
CA GLU B 339 -9.02 7.00 -33.41
C GLU B 339 -10.50 6.61 -33.34
N CYS B 340 -10.75 5.46 -32.72
CA CYS B 340 -12.05 4.94 -32.49
C CYS B 340 -12.09 4.53 -31.03
N PHE B 341 -13.33 4.44 -30.49
CA PHE B 341 -13.57 3.92 -29.13
C PHE B 341 -13.68 2.40 -29.18
N ASN B 342 -12.84 1.68 -28.42
CA ASN B 342 -12.87 0.22 -28.52
C ASN B 342 -13.77 -0.43 -27.48
N PRO B 343 -14.81 -1.18 -27.92
CA PRO B 343 -15.65 -1.87 -26.94
C PRO B 343 -14.88 -2.78 -25.97
N CYS B 344 -15.22 -2.70 -24.68
CA CYS B 344 -14.79 -3.68 -23.65
C CYS B 344 -16.01 -4.18 -22.90
N PHE B 345 -15.86 -5.31 -22.23
CA PHE B 345 -16.92 -5.77 -21.30
C PHE B 345 -16.31 -6.56 -20.14
N TYR B 346 -17.07 -6.73 -19.05
CA TYR B 346 -16.66 -7.65 -17.99
C TYR B 346 -17.73 -8.73 -17.83
N VAL B 347 -17.27 -9.86 -17.28
CA VAL B 347 -18.19 -10.88 -16.76
C VAL B 347 -17.92 -11.11 -15.28
N GLU B 348 -18.99 -10.99 -14.48
CA GLU B 348 -18.95 -11.35 -13.07
C GLU B 348 -18.98 -12.90 -12.93
N LEU B 349 -18.02 -13.47 -12.23
CA LEU B 349 -17.93 -14.92 -12.09
C LEU B 349 -18.36 -15.23 -10.70
N ILE B 350 -19.68 -15.56 -10.55
CA ILE B 350 -20.24 -15.70 -9.20
C ILE B 350 -19.92 -17.06 -8.64
N ARG B 351 -19.41 -17.08 -7.41
CA ARG B 351 -19.16 -18.33 -6.70
C ARG B 351 -19.95 -18.39 -5.39
N GLY B 352 -20.24 -19.59 -4.93
CA GLY B 352 -20.98 -19.72 -3.69
C GLY B 352 -22.47 -19.82 -3.91
N ARG B 353 -23.26 -19.33 -2.95
CA ARG B 353 -24.72 -19.52 -3.05
C ARG B 353 -25.40 -18.63 -4.14
N PRO B 354 -26.59 -19.01 -4.67
CA PRO B 354 -27.35 -20.24 -4.38
C PRO B 354 -26.83 -21.46 -5.13
N LYS B 355 -25.96 -21.30 -6.12
CA LYS B 355 -25.66 -22.45 -6.96
C LYS B 355 -24.71 -23.44 -6.33
N GLU B 356 -23.90 -23.00 -5.38
CA GLU B 356 -22.90 -23.82 -4.74
C GLU B 356 -23.20 -23.73 -3.26
N SER B 357 -24.13 -24.56 -2.81
CA SER B 357 -24.65 -24.45 -1.46
C SER B 357 -23.79 -25.13 -0.39
N SER B 358 -22.65 -25.67 -0.78
CA SER B 358 -21.71 -26.22 0.20
C SER B 358 -20.98 -25.13 1.01
N VAL B 359 -21.12 -23.86 0.61
CA VAL B 359 -20.56 -22.74 1.40
C VAL B 359 -21.67 -21.80 1.81
N LEU B 360 -21.37 -20.93 2.78
CA LEU B 360 -22.34 -20.04 3.39
C LEU B 360 -22.30 -18.67 2.73
N TRP B 361 -21.38 -18.48 1.78
CA TRP B 361 -21.19 -17.11 1.22
C TRP B 361 -21.52 -17.03 -0.24
N THR B 362 -21.62 -15.80 -0.76
CA THR B 362 -21.73 -15.54 -2.17
C THR B 362 -20.72 -14.46 -2.46
N SER B 363 -19.90 -14.67 -3.48
CA SER B 363 -18.97 -13.62 -3.87
C SER B 363 -18.68 -13.77 -5.36
N ASN B 364 -17.64 -13.11 -5.85
CA ASN B 364 -17.39 -13.24 -7.30
C ASN B 364 -15.91 -12.93 -7.56
N SER B 365 -15.51 -13.28 -8.77
CA SER B 365 -14.27 -12.67 -9.35
C SER B 365 -14.64 -11.99 -10.64
N ILE B 366 -13.62 -11.45 -11.30
CA ILE B 366 -13.86 -10.68 -12.51
C ILE B 366 -12.96 -11.14 -13.65
N VAL B 367 -13.56 -11.15 -14.85
CA VAL B 367 -12.76 -11.16 -16.05
C VAL B 367 -13.24 -10.05 -16.99
N ALA B 368 -12.29 -9.41 -17.69
CA ALA B 368 -12.65 -8.35 -18.63
C ALA B 368 -11.88 -8.56 -19.94
N LEU B 369 -12.53 -8.21 -21.04
CA LEU B 369 -12.00 -8.36 -22.42
C LEU B 369 -12.34 -7.14 -23.23
N CYS B 370 -11.51 -6.90 -24.25
CA CYS B 370 -11.84 -5.81 -25.18
C CYS B 370 -11.77 -6.33 -26.62
N GLY B 371 -12.31 -5.49 -27.52
CA GLY B 371 -12.36 -5.87 -28.93
C GLY B 371 -10.98 -5.91 -29.58
N SER B 372 -10.88 -6.80 -30.56
CA SER B 372 -9.77 -6.87 -31.46
C SER B 372 -10.30 -6.90 -32.90
N LYS B 373 -9.53 -6.32 -33.83
CA LYS B 373 -9.83 -6.45 -35.27
C LYS B 373 -9.28 -7.76 -35.80
N GLU B 374 -8.37 -8.36 -35.05
CA GLU B 374 -7.87 -9.69 -35.44
C GLU B 374 -8.92 -10.76 -35.18
N ARG B 375 -8.68 -11.95 -35.73
CA ARG B 375 -9.49 -13.14 -35.40
C ARG B 375 -8.64 -14.00 -34.49
N LEU B 376 -8.71 -13.74 -33.20
CA LEU B 376 -7.87 -14.35 -32.19
C LEU B 376 -8.46 -15.66 -31.74
N GLY B 377 -7.59 -16.61 -31.40
CA GLY B 377 -7.99 -17.79 -30.67
C GLY B 377 -8.51 -17.40 -29.29
N SER B 378 -9.20 -18.32 -28.66
CA SER B 378 -9.75 -18.04 -27.36
C SER B 378 -9.86 -19.28 -26.54
N TRP B 379 -9.97 -19.08 -25.24
CA TRP B 379 -10.31 -20.15 -24.31
C TRP B 379 -11.13 -19.57 -23.16
N SER B 380 -11.61 -20.47 -22.33
CA SER B 380 -12.45 -20.09 -21.21
C SER B 380 -11.68 -19.42 -20.05
N TRP B 381 -12.24 -18.27 -19.62
CA TRP B 381 -11.70 -17.51 -18.51
C TRP B 381 -12.55 -17.62 -17.26
N HIS B 382 -12.79 -18.86 -16.83
CA HIS B 382 -13.63 -19.10 -15.68
C HIS B 382 -12.94 -18.71 -14.38
N ASP B 383 -13.72 -18.69 -13.30
CA ASP B 383 -13.18 -18.23 -12.02
C ASP B 383 -11.91 -18.97 -11.59
N GLY B 384 -11.96 -20.30 -11.59
CA GLY B 384 -10.75 -21.06 -11.31
C GLY B 384 -10.53 -21.57 -9.91
N ALA B 385 -11.40 -21.21 -9.00
CA ALA B 385 -11.29 -21.68 -7.63
C ALA B 385 -11.92 -23.05 -7.50
N GLU B 386 -11.36 -23.82 -6.58
CA GLU B 386 -11.92 -25.13 -6.20
C GLU B 386 -12.81 -25.03 -5.00
N ILE B 387 -14.13 -25.21 -5.19
CA ILE B 387 -15.08 -25.01 -4.09
C ILE B 387 -14.80 -26.01 -2.94
N ILE B 388 -14.20 -27.16 -3.24
CA ILE B 388 -13.87 -28.12 -2.19
C ILE B 388 -12.93 -27.55 -1.15
N TYR B 389 -12.02 -26.66 -1.59
CA TYR B 389 -11.05 -26.06 -0.72
C TYR B 389 -11.68 -25.20 0.36
N PHE B 390 -12.94 -24.78 0.12
CA PHE B 390 -13.67 -23.91 1.03
C PHE B 390 -14.62 -24.66 1.95
N LYS B 391 -14.73 -25.96 1.78
CA LYS B 391 -15.68 -26.73 2.58
C LYS B 391 -15.22 -26.85 4.04
N GLY C 3 9.14 11.92 -20.86
CA GLY C 3 10.56 11.62 -20.97
C GLY C 3 11.12 11.81 -22.37
N HIS C 4 12.28 11.18 -22.60
CA HIS C 4 12.97 11.19 -23.89
C HIS C 4 13.26 9.76 -24.23
N LEU C 5 13.22 9.42 -25.53
CA LEU C 5 13.53 8.06 -26.00
C LEU C 5 14.96 7.65 -25.63
N LEU C 6 15.08 6.43 -25.11
CA LEU C 6 16.38 5.79 -24.86
C LEU C 6 17.10 5.46 -26.12
N ASN C 7 18.31 6.00 -26.25
CA ASN C 7 19.23 5.54 -27.29
C ASN C 7 20.43 4.83 -26.71
N LEU C 8 20.75 3.68 -27.29
CA LEU C 8 21.82 2.82 -26.73
C LEU C 8 23.22 3.35 -27.09
N THR C 9 23.51 4.56 -26.64
CA THR C 9 24.71 5.28 -27.12
C THR C 9 26.01 4.84 -26.42
N LYS C 10 25.92 4.12 -25.29
CA LYS C 10 27.04 3.79 -24.43
C LYS C 10 27.58 2.38 -24.65
N PRO C 11 28.88 2.20 -24.41
CA PRO C 11 29.36 0.83 -24.42
C PRO C 11 29.08 0.08 -23.13
N LEU C 12 29.35 -1.22 -23.10
CA LEU C 12 29.28 -1.91 -21.82
C LEU C 12 30.40 -1.52 -20.87
N CYS C 13 30.07 -1.42 -19.60
CA CYS C 13 31.12 -1.28 -18.57
C CYS C 13 32.07 -2.48 -18.44
N GLU C 14 33.34 -2.23 -18.11
CA GLU C 14 34.27 -3.26 -17.67
C GLU C 14 33.70 -4.00 -16.44
N VAL C 15 33.71 -5.32 -16.45
CA VAL C 15 33.26 -6.14 -15.32
C VAL C 15 34.34 -7.16 -14.92
N ASN C 16 34.74 -7.08 -13.66
CA ASN C 16 35.71 -8.02 -13.08
C ASN C 16 35.18 -8.91 -11.97
N SER C 17 33.99 -8.58 -11.44
CA SER C 17 33.28 -9.44 -10.52
C SER C 17 31.85 -8.94 -10.44
N TRP C 18 31.05 -9.60 -9.61
CA TRP C 18 29.62 -9.26 -9.51
C TRP C 18 29.24 -8.92 -8.12
N HIS C 19 28.52 -7.79 -7.97
CA HIS C 19 28.06 -7.38 -6.64
C HIS C 19 26.57 -7.59 -6.51
N ILE C 20 26.11 -7.76 -5.28
CA ILE C 20 24.70 -8.04 -5.04
C ILE C 20 23.83 -6.77 -5.30
N LEU C 21 22.75 -6.94 -6.06
CA LEU C 21 21.83 -5.81 -6.33
C LEU C 21 20.55 -5.99 -5.50
N SER C 22 19.89 -7.14 -5.59
CA SER C 22 18.63 -7.31 -4.85
C SER C 22 18.38 -8.80 -4.54
N LYS C 23 17.53 -9.09 -3.57
CA LYS C 23 17.18 -10.46 -3.24
C LYS C 23 15.87 -10.32 -2.53
N ASP C 24 14.84 -11.04 -2.96
CA ASP C 24 13.50 -10.89 -2.35
C ASP C 24 13.14 -11.93 -1.31
N ASN C 25 13.89 -13.02 -1.19
CA ASN C 25 13.60 -13.97 -0.07
C ASN C 25 12.12 -14.39 -0.05
N ALA C 26 11.51 -14.50 -1.21
CA ALA C 26 10.08 -14.63 -1.31
C ALA C 26 9.52 -15.92 -0.67
N ILE C 27 10.27 -17.01 -0.80
CA ILE C 27 9.74 -18.29 -0.29
C ILE C 27 9.82 -18.33 1.24
N ARG C 28 10.91 -17.83 1.81
CA ARG C 28 11.03 -17.66 3.29
C ARG C 28 9.92 -16.81 3.83
N ILE C 29 9.73 -15.64 3.20
CA ILE C 29 8.68 -14.77 3.70
C ILE C 29 7.26 -15.41 3.50
N GLY C 30 7.02 -16.03 2.33
CA GLY C 30 5.78 -16.62 1.92
C GLY C 30 5.36 -17.84 2.69
N GLU C 31 6.28 -18.32 3.53
CA GLU C 31 5.92 -19.39 4.47
C GLU C 31 4.80 -18.94 5.42
N ASP C 32 4.70 -17.63 5.64
CA ASP C 32 3.71 -17.12 6.59
C ASP C 32 3.07 -15.79 6.17
N ALA C 33 3.62 -15.11 5.19
CA ALA C 33 2.94 -13.87 4.73
C ALA C 33 2.21 -14.19 3.45
N HIS C 34 1.39 -13.27 2.96
CA HIS C 34 0.59 -13.55 1.75
C HIS C 34 1.42 -13.25 0.48
N ILE C 35 2.18 -14.23 0.04
CA ILE C 35 3.06 -14.10 -1.10
C ILE C 35 2.51 -14.95 -2.24
N ILE C 36 2.39 -14.34 -3.42
CA ILE C 36 1.84 -15.08 -4.57
C ILE C 36 2.89 -16.06 -5.16
N VAL C 37 2.29 -17.16 -5.68
CA VAL C 37 3.07 -18.15 -6.38
C VAL C 37 3.44 -17.60 -7.73
N THR C 38 4.71 -17.74 -8.08
CA THR C 38 5.23 -17.24 -9.36
C THR C 38 6.16 -18.25 -9.96
N ARG C 39 6.60 -17.92 -11.19
CA ARG C 39 7.78 -18.50 -11.81
C ARG C 39 8.14 -17.61 -13.01
N GLU C 40 9.26 -17.90 -13.65
CA GLU C 40 9.73 -17.07 -14.78
C GLU C 40 9.90 -15.59 -14.44
N PRO C 41 10.69 -15.32 -13.40
CA PRO C 41 10.83 -13.91 -13.01
C PRO C 41 11.85 -13.17 -13.88
N TYR C 42 11.93 -11.83 -13.75
CA TYR C 42 13.05 -11.05 -14.34
C TYR C 42 13.07 -9.67 -13.73
N LEU C 43 13.98 -8.82 -14.18
CA LEU C 43 13.88 -7.40 -13.78
C LEU C 43 13.89 -6.53 -14.99
N SER C 44 13.32 -5.33 -14.84
CA SER C 44 13.37 -4.33 -15.97
C SER C 44 13.33 -2.94 -15.35
N CYS C 45 14.12 -1.99 -15.88
CA CYS C 45 14.26 -0.65 -15.34
C CYS C 45 13.59 0.34 -16.26
N ASP C 46 13.41 1.53 -15.70
CA ASP C 46 12.83 2.66 -16.43
C ASP C 46 13.50 3.89 -15.86
N PRO C 47 13.15 5.08 -16.35
CA PRO C 47 13.94 6.20 -15.88
C PRO C 47 13.81 6.46 -14.39
N GLN C 48 12.73 5.95 -13.77
CA GLN C 48 12.46 6.19 -12.34
C GLN C 48 12.92 5.10 -11.41
N GLY C 49 13.28 3.92 -11.94
CA GLY C 49 13.76 2.87 -11.07
C GLY C 49 13.67 1.49 -11.70
N CYS C 50 14.07 0.46 -10.96
CA CYS C 50 14.01 -0.91 -11.44
C CYS C 50 12.97 -1.73 -10.71
N ARG C 51 12.28 -2.61 -11.43
CA ARG C 51 11.18 -3.42 -10.85
C ARG C 51 11.43 -4.90 -11.13
N MET C 52 10.90 -5.73 -10.23
CA MET C 52 10.84 -7.16 -10.42
C MET C 52 9.54 -7.48 -11.15
N PHE C 53 9.64 -8.49 -12.01
CA PHE C 53 8.55 -8.97 -12.82
C PHE C 53 8.48 -10.49 -12.70
N ALA C 54 7.29 -11.07 -12.84
CA ALA C 54 7.17 -12.56 -12.92
C ALA C 54 5.79 -12.94 -13.31
N LEU C 55 5.63 -14.22 -13.65
CA LEU C 55 4.32 -14.77 -13.97
C LEU C 55 3.66 -15.41 -12.77
N SER C 56 2.63 -14.72 -12.31
CA SER C 56 1.82 -15.18 -11.22
C SER C 56 1.14 -16.46 -11.59
N GLN C 57 0.81 -17.23 -10.55
CA GLN C 57 -0.10 -18.37 -10.74
C GLN C 57 -1.51 -18.16 -10.20
N GLY C 58 -1.81 -16.97 -9.69
CA GLY C 58 -3.17 -16.70 -9.27
C GLY C 58 -3.58 -17.35 -7.97
N THR C 59 -2.61 -17.44 -7.10
CA THR C 59 -2.76 -18.02 -5.79
C THR C 59 -1.63 -17.60 -4.88
N THR C 60 -1.85 -17.68 -3.57
CA THR C 60 -0.73 -17.52 -2.67
C THR C 60 0.03 -18.85 -2.46
N LEU C 61 1.24 -18.77 -1.92
CA LEU C 61 2.12 -19.93 -1.70
C LEU C 61 1.54 -20.90 -0.65
N ARG C 62 1.01 -20.37 0.45
CA ARG C 62 0.39 -21.20 1.48
C ARG C 62 -1.08 -21.56 1.18
N GLY C 63 -1.68 -20.97 0.14
CA GLY C 63 -3.08 -21.23 -0.18
C GLY C 63 -3.23 -22.65 -0.75
N LYS C 64 -4.43 -23.18 -0.63
CA LYS C 64 -4.71 -24.50 -1.18
C LYS C 64 -4.56 -24.52 -2.69
N HIS C 65 -4.76 -23.38 -3.35
CA HIS C 65 -4.61 -23.38 -4.83
C HIS C 65 -3.14 -23.44 -5.29
N ALA C 66 -2.19 -23.47 -4.36
CA ALA C 66 -0.80 -23.65 -4.70
C ALA C 66 -0.59 -25.06 -5.20
N ASN C 67 -1.52 -25.93 -4.83
CA ASN C 67 -1.48 -27.32 -5.31
C ASN C 67 -1.60 -27.39 -6.81
N GLY C 68 -0.62 -27.99 -7.50
CA GLY C 68 -0.73 -28.06 -8.96
C GLY C 68 -0.01 -26.98 -9.74
N THR C 69 0.74 -26.11 -9.06
CA THR C 69 1.42 -25.03 -9.78
C THR C 69 2.68 -25.42 -10.53
N ILE C 70 3.02 -26.73 -10.62
CA ILE C 70 4.11 -27.10 -11.49
C ILE C 70 3.68 -26.77 -12.93
N HIS C 71 2.38 -26.74 -13.18
CA HIS C 71 1.89 -26.56 -14.55
C HIS C 71 2.09 -25.14 -15.04
N ASP C 72 2.51 -25.04 -16.30
CA ASP C 72 3.03 -23.78 -16.84
C ASP C 72 2.00 -22.84 -17.40
N ARG C 73 0.86 -23.36 -17.85
CA ARG C 73 -0.07 -22.54 -18.59
C ARG C 73 -1.47 -22.73 -18.10
N SER C 74 -2.12 -21.63 -17.74
CA SER C 74 -3.51 -21.63 -17.25
C SER C 74 -4.15 -20.26 -17.47
N PRO C 75 -5.49 -20.16 -17.33
CA PRO C 75 -6.15 -18.84 -17.40
C PRO C 75 -5.92 -17.99 -16.17
N PHE C 76 -5.21 -18.51 -15.18
CA PHE C 76 -5.09 -17.83 -13.87
C PHE C 76 -3.73 -17.14 -13.74
N ARG C 77 -2.90 -17.19 -14.78
CA ARG C 77 -1.57 -16.56 -14.75
C ARG C 77 -1.61 -15.15 -15.30
N ALA C 78 -0.70 -14.32 -14.81
CA ALA C 78 -0.58 -12.94 -15.33
C ALA C 78 0.85 -12.49 -15.13
N LEU C 79 1.31 -11.54 -15.97
CA LEU C 79 2.61 -10.81 -15.70
C LEU C 79 2.37 -9.72 -14.67
N VAL C 80 3.07 -9.83 -13.55
CA VAL C 80 2.95 -8.84 -12.47
C VAL C 80 4.30 -8.20 -12.24
N SER C 81 4.28 -6.95 -11.78
CA SER C 81 5.54 -6.26 -11.43
C SER C 81 5.45 -5.64 -10.05
N TRP C 82 6.60 -5.44 -9.45
CA TRP C 82 6.60 -4.88 -8.12
C TRP C 82 7.92 -4.23 -7.86
N GLU C 83 7.97 -3.45 -6.78
CA GLU C 83 9.16 -2.70 -6.42
C GLU C 83 10.34 -3.64 -6.09
N MET C 84 11.48 -3.32 -6.65
CA MET C 84 12.63 -4.22 -6.54
C MET C 84 12.96 -4.49 -5.10
N GLY C 85 13.04 -5.77 -4.77
CA GLY C 85 13.56 -6.19 -3.46
C GLY C 85 12.41 -6.68 -2.58
N GLN C 86 11.21 -6.13 -2.78
CA GLN C 86 10.07 -6.67 -2.06
C GLN C 86 9.76 -8.07 -2.55
N ALA C 87 9.08 -8.87 -1.74
CA ALA C 87 8.46 -10.11 -2.26
C ALA C 87 7.08 -9.84 -2.86
N PRO C 88 6.64 -10.65 -3.83
CA PRO C 88 5.37 -10.33 -4.53
C PRO C 88 4.17 -10.81 -3.71
N SER C 89 3.28 -9.89 -3.39
CA SER C 89 2.06 -10.21 -2.64
C SER C 89 0.81 -9.71 -3.43
N PRO C 90 -0.42 -10.03 -3.01
CA PRO C 90 -1.62 -9.51 -3.70
C PRO C 90 -1.76 -8.05 -3.42
N TYR C 91 -0.86 -7.52 -2.60
CA TYR C 91 -1.04 -6.13 -2.17
C TYR C 91 -0.09 -5.13 -2.80
N ASN C 92 1.03 -5.59 -3.37
CA ASN C 92 2.09 -4.71 -3.83
C ASN C 92 2.41 -4.93 -5.28
N THR C 93 1.59 -5.73 -5.94
CA THR C 93 1.86 -6.10 -7.34
C THR C 93 0.96 -5.39 -8.35
N ARG C 94 1.55 -4.96 -9.47
CA ARG C 94 0.80 -4.32 -10.58
C ARG C 94 0.60 -5.35 -11.68
N VAL C 95 -0.62 -5.56 -12.13
CA VAL C 95 -0.87 -6.47 -13.26
C VAL C 95 -0.51 -5.76 -14.58
N GLU C 96 0.55 -6.27 -15.24
CA GLU C 96 1.01 -5.73 -16.51
C GLU C 96 0.14 -6.19 -17.67
N CYS C 97 -0.22 -7.48 -17.68
CA CYS C 97 -1.07 -8.05 -18.72
C CYS C 97 -1.40 -9.51 -18.30
N ILE C 98 -2.27 -10.18 -19.06
CA ILE C 98 -2.72 -11.52 -18.63
C ILE C 98 -2.17 -12.61 -19.51
N GLY C 99 -1.57 -13.60 -18.91
CA GLY C 99 -1.00 -14.66 -19.75
C GLY C 99 0.04 -15.47 -19.08
N TRP C 100 0.68 -16.35 -19.88
CA TRP C 100 1.59 -17.36 -19.34
C TRP C 100 2.98 -17.36 -20.01
N SER C 101 3.23 -16.32 -20.81
CA SER C 101 4.56 -16.04 -21.40
C SER C 101 4.66 -14.54 -21.65
N SER C 102 5.79 -13.93 -21.26
CA SER C 102 5.84 -12.46 -21.32
C SER C 102 7.19 -11.85 -21.65
N THR C 103 7.17 -10.56 -21.96
CA THR C 103 8.37 -9.76 -21.96
C THR C 103 7.93 -8.33 -21.67
N SER C 104 8.88 -7.47 -21.33
CA SER C 104 8.53 -6.08 -21.00
C SER C 104 9.79 -5.23 -21.14
N CYS C 105 9.65 -3.98 -21.58
CA CYS C 105 10.81 -3.09 -21.64
C CYS C 105 10.30 -1.66 -21.75
N HIS C 106 11.17 -0.71 -21.41
CA HIS C 106 10.78 0.70 -21.37
C HIS C 106 11.55 1.48 -22.43
N ASP C 107 10.86 2.35 -23.17
CA ASP C 107 11.56 3.00 -24.28
C ASP C 107 12.09 4.38 -23.93
N GLY C 108 12.04 4.76 -22.66
CA GLY C 108 12.44 6.08 -22.14
C GLY C 108 11.18 6.91 -21.89
N ILE C 109 10.10 6.60 -22.60
CA ILE C 109 8.83 7.33 -22.42
C ILE C 109 7.79 6.49 -21.72
N SER C 110 7.51 5.30 -22.27
CA SER C 110 6.51 4.41 -21.66
C SER C 110 7.00 2.96 -21.68
N ARG C 111 6.41 2.14 -20.81
CA ARG C 111 6.68 0.68 -20.83
C ARG C 111 5.80 -0.10 -21.77
N MET C 112 6.45 -1.04 -22.51
CA MET C 112 5.77 -2.02 -23.37
C MET C 112 5.77 -3.36 -22.65
N SER C 113 4.60 -3.95 -22.47
CA SER C 113 4.56 -5.28 -21.85
C SER C 113 3.77 -6.19 -22.74
N ILE C 114 4.27 -7.41 -22.91
CA ILE C 114 3.59 -8.35 -23.82
C ILE C 114 3.29 -9.62 -23.04
N CYS C 115 2.03 -10.04 -23.10
CA CYS C 115 1.64 -11.33 -22.47
C CYS C 115 0.96 -12.18 -23.50
N ILE C 116 1.36 -13.45 -23.55
CA ILE C 116 0.69 -14.42 -24.42
C ILE C 116 -0.23 -15.32 -23.60
N SER C 117 -1.46 -15.51 -24.09
CA SER C 117 -2.38 -16.43 -23.43
C SER C 117 -3.20 -17.23 -24.41
N GLY C 118 -4.06 -18.07 -23.88
CA GLY C 118 -4.97 -18.90 -24.68
C GLY C 118 -4.52 -20.38 -24.72
N PRO C 119 -5.25 -21.17 -25.52
CA PRO C 119 -4.95 -22.61 -25.66
C PRO C 119 -3.67 -22.88 -26.44
N ASN C 120 -3.05 -24.02 -26.17
CA ASN C 120 -1.79 -24.31 -26.87
C ASN C 120 -1.91 -24.18 -28.40
N ASN C 121 -3.04 -24.59 -28.98
CA ASN C 121 -3.14 -24.54 -30.45
C ASN C 121 -3.61 -23.20 -31.05
N ASN C 122 -3.81 -22.19 -30.21
CA ASN C 122 -4.36 -20.93 -30.72
C ASN C 122 -4.17 -19.80 -29.69
N ALA C 123 -2.92 -19.66 -29.25
CA ALA C 123 -2.58 -18.60 -28.29
C ALA C 123 -2.51 -17.24 -28.99
N SER C 124 -2.49 -16.15 -28.22
CA SER C 124 -2.34 -14.84 -28.85
C SER C 124 -1.57 -13.93 -27.90
N ALA C 125 -0.78 -13.04 -28.46
CA ALA C 125 -0.07 -12.03 -27.68
C ALA C 125 -0.95 -10.78 -27.62
N VAL C 126 -1.00 -10.14 -26.44
CA VAL C 126 -1.58 -8.80 -26.38
C VAL C 126 -0.40 -7.90 -25.94
N VAL C 127 -0.19 -6.86 -26.75
CA VAL C 127 0.91 -5.92 -26.58
C VAL C 127 0.36 -4.67 -25.93
N TRP C 128 0.88 -4.37 -24.74
CA TRP C 128 0.44 -3.19 -23.98
C TRP C 128 1.53 -2.13 -24.06
N TYR C 129 1.10 -0.88 -24.19
CA TYR C 129 2.06 0.24 -24.18
C TYR C 129 1.51 1.37 -23.32
N GLY C 130 2.34 1.85 -22.37
CA GLY C 130 1.85 2.92 -21.51
C GLY C 130 0.65 2.45 -20.65
N GLY C 131 0.56 1.16 -20.35
CA GLY C 131 -0.53 0.71 -19.49
C GLY C 131 -1.84 0.39 -20.22
N ARG C 132 -1.75 0.62 -21.64
CA ARG C 132 -3.00 0.25 -22.33
C ARG C 132 -2.76 -0.92 -23.33
N PRO C 133 -3.72 -1.70 -23.74
CA PRO C 133 -3.51 -2.63 -24.84
C PRO C 133 -3.55 -1.94 -26.19
N VAL C 134 -2.63 -2.30 -27.06
CA VAL C 134 -2.59 -1.54 -28.28
C VAL C 134 -2.56 -2.41 -29.52
N THR C 135 -2.06 -3.64 -29.39
CA THR C 135 -1.90 -4.56 -30.50
C THR C 135 -2.18 -5.99 -30.11
N GLU C 136 -2.77 -6.78 -31.02
CA GLU C 136 -2.91 -8.21 -30.74
C GLU C 136 -2.30 -9.06 -31.87
N ILE C 137 -1.66 -10.17 -31.52
CA ILE C 137 -0.96 -11.05 -32.48
C ILE C 137 -1.41 -12.50 -32.31
N PRO C 138 -2.12 -13.03 -33.30
CA PRO C 138 -2.51 -14.44 -33.20
C PRO C 138 -1.33 -15.39 -33.48
N SER C 139 -1.40 -16.55 -32.85
CA SER C 139 -0.50 -17.69 -33.17
C SER C 139 -0.39 -17.93 -34.70
N TRP C 140 0.84 -18.07 -35.21
CA TRP C 140 1.07 -18.28 -36.64
C TRP C 140 1.34 -19.74 -37.00
N ALA C 141 1.64 -20.55 -36.00
CA ALA C 141 2.00 -21.96 -36.17
C ALA C 141 1.19 -22.87 -35.29
N GLY C 142 0.26 -22.31 -34.52
CA GLY C 142 -0.65 -23.14 -33.73
C GLY C 142 -0.02 -24.08 -32.73
N ASN C 143 1.08 -23.67 -32.12
CA ASN C 143 1.72 -24.57 -31.12
C ASN C 143 2.53 -23.76 -30.10
N ILE C 144 1.80 -23.25 -29.11
CA ILE C 144 2.36 -22.55 -27.93
C ILE C 144 3.24 -21.34 -28.33
N LEU C 145 2.57 -20.32 -28.85
CA LEU C 145 3.14 -19.01 -29.14
C LEU C 145 3.78 -18.55 -27.82
N ARG C 146 5.02 -18.06 -27.86
CA ARG C 146 5.79 -17.88 -26.62
C ARG C 146 6.94 -16.92 -26.85
N THR C 147 7.45 -16.27 -25.80
CA THR C 147 8.46 -15.23 -26.00
C THR C 147 9.55 -15.26 -24.87
N GLN C 148 10.15 -14.12 -24.58
CA GLN C 148 11.48 -14.13 -23.93
C GLN C 148 11.57 -14.55 -22.46
N GLU C 149 10.58 -14.10 -21.68
CA GLU C 149 10.55 -14.31 -20.23
C GLU C 149 11.68 -13.56 -19.54
N SER C 150 12.17 -12.53 -20.22
CA SER C 150 13.01 -11.49 -19.55
C SER C 150 12.87 -10.22 -20.42
N GLU C 151 13.52 -9.13 -20.03
CA GLU C 151 13.21 -7.85 -20.66
C GLU C 151 13.65 -7.76 -22.12
N CYS C 152 12.85 -7.05 -22.92
CA CYS C 152 13.27 -6.66 -24.25
C CYS C 152 14.16 -5.39 -24.09
N VAL C 153 14.58 -4.81 -25.22
CA VAL C 153 15.45 -3.63 -25.20
C VAL C 153 15.00 -2.66 -26.24
N CYS C 154 15.06 -1.38 -25.91
CA CYS C 154 14.61 -0.38 -26.89
C CYS C 154 15.75 0.52 -27.31
N HIS C 155 15.63 1.06 -28.55
CA HIS C 155 16.60 2.00 -29.08
C HIS C 155 15.88 2.98 -30.03
N GLY C 156 15.91 4.26 -29.72
CA GLY C 156 15.22 5.24 -30.53
C GLY C 156 13.75 4.92 -30.79
N GLY C 157 13.12 4.33 -29.78
CA GLY C 157 11.72 3.96 -29.79
C GLY C 157 11.34 2.64 -30.45
N ILE C 158 12.33 1.95 -31.06
CA ILE C 158 12.12 0.60 -31.61
C ILE C 158 12.53 -0.46 -30.57
N CYS C 159 11.61 -1.37 -30.28
CA CYS C 159 11.86 -2.37 -29.23
C CYS C 159 11.64 -3.71 -29.86
N PRO C 160 12.73 -4.36 -30.28
CA PRO C 160 12.60 -5.67 -30.91
C PRO C 160 12.30 -6.76 -29.90
N VAL C 161 11.51 -7.76 -30.29
CA VAL C 161 11.10 -8.84 -29.41
C VAL C 161 11.21 -10.14 -30.18
N VAL C 162 11.72 -11.17 -29.54
CA VAL C 162 11.86 -12.46 -30.19
C VAL C 162 10.77 -13.35 -29.71
N MET C 163 10.01 -13.92 -30.66
CA MET C 163 8.89 -14.81 -30.38
C MET C 163 9.00 -16.06 -31.22
N THR C 164 8.62 -17.17 -30.62
CA THR C 164 8.61 -18.48 -31.26
C THR C 164 7.23 -19.15 -31.22
N ASP C 165 6.88 -19.91 -32.26
CA ASP C 165 5.62 -20.66 -32.31
C ASP C 165 5.97 -21.95 -33.04
N GLY C 166 5.59 -23.09 -32.48
CA GLY C 166 5.95 -24.38 -33.04
C GLY C 166 6.57 -25.31 -32.02
N PRO C 167 6.99 -26.50 -32.47
CA PRO C 167 7.48 -27.53 -31.55
C PRO C 167 8.62 -27.08 -30.62
N ALA C 168 8.67 -27.67 -29.43
CA ALA C 168 9.74 -27.44 -28.46
C ALA C 168 10.90 -28.42 -28.70
N ASN C 169 10.62 -29.45 -29.50
CA ASN C 169 11.53 -30.58 -29.69
C ASN C 169 11.85 -30.83 -31.15
N ASN C 170 11.63 -29.82 -31.97
CA ASN C 170 11.89 -29.92 -33.40
C ASN C 170 11.93 -28.52 -33.95
N ARG C 171 12.22 -28.38 -35.23
CA ARG C 171 12.25 -27.06 -35.87
C ARG C 171 10.95 -26.23 -35.63
N ALA C 172 11.12 -24.96 -35.27
CA ALA C 172 9.97 -24.11 -34.97
C ALA C 172 9.98 -22.88 -35.85
N GLU C 173 8.99 -21.99 -35.66
CA GLU C 173 8.94 -20.74 -36.41
C GLU C 173 9.15 -19.49 -35.53
N THR C 174 10.36 -18.96 -35.57
CA THR C 174 10.76 -17.82 -34.73
C THR C 174 10.67 -16.55 -35.54
N LYS C 175 10.21 -15.45 -34.94
CA LYS C 175 10.17 -14.19 -35.64
C LYS C 175 10.76 -13.09 -34.74
N ILE C 176 11.35 -12.06 -35.35
CA ILE C 176 11.83 -10.86 -34.69
C ILE C 176 10.79 -9.79 -35.01
N ILE C 177 10.10 -9.25 -33.97
CA ILE C 177 9.03 -8.28 -34.19
C ILE C 177 9.51 -6.95 -33.66
N TYR C 178 9.45 -5.94 -34.51
CA TYR C 178 10.00 -4.62 -34.19
C TYR C 178 8.86 -3.69 -33.86
N PHE C 179 8.73 -3.37 -32.56
CA PHE C 179 7.63 -2.53 -32.09
C PHE C 179 8.02 -1.09 -31.93
N LYS C 180 7.05 -0.20 -32.22
CA LYS C 180 7.20 1.19 -31.81
C LYS C 180 5.85 1.60 -31.19
N GLU C 181 5.87 2.06 -29.93
CA GLU C 181 4.60 2.38 -29.20
C GLU C 181 3.62 1.22 -29.22
N GLY C 182 4.22 0.04 -29.11
CA GLY C 182 3.45 -1.19 -29.11
C GLY C 182 2.86 -1.57 -30.46
N LYS C 183 3.18 -0.83 -31.53
CA LYS C 183 2.67 -1.19 -32.87
C LYS C 183 3.77 -1.86 -33.69
N ILE C 184 3.36 -2.77 -34.56
CA ILE C 184 4.33 -3.49 -35.34
C ILE C 184 4.85 -2.65 -36.51
N LYS C 185 6.18 -2.40 -36.53
CA LYS C 185 6.80 -1.60 -37.60
C LYS C 185 7.38 -2.52 -38.67
N LYS C 186 7.80 -3.70 -38.24
CA LYS C 186 8.41 -4.70 -39.10
C LYS C 186 8.37 -6.07 -38.44
N ILE C 187 8.19 -7.12 -39.23
CA ILE C 187 8.34 -8.50 -38.74
C ILE C 187 9.30 -9.25 -39.65
N GLU C 188 10.25 -9.99 -39.06
CA GLU C 188 11.19 -10.81 -39.84
C GLU C 188 11.14 -12.26 -39.38
N GLU C 189 11.21 -13.22 -40.31
CA GLU C 189 11.46 -14.62 -39.94
C GLU C 189 12.93 -14.80 -39.48
N LEU C 190 13.17 -15.69 -38.49
CA LEU C 190 14.52 -15.94 -38.01
C LEU C 190 15.40 -16.37 -39.18
N LYS C 191 16.59 -15.79 -39.27
CA LYS C 191 17.57 -16.25 -40.24
C LYS C 191 18.87 -16.58 -39.58
N GLY C 192 19.75 -17.25 -40.30
CA GLY C 192 21.08 -17.55 -39.79
C GLY C 192 21.27 -18.96 -39.30
N ASP C 193 22.29 -19.17 -38.46
CA ASP C 193 22.68 -20.54 -38.13
C ASP C 193 21.97 -21.15 -36.93
N ALA C 194 21.23 -20.32 -36.19
CA ALA C 194 20.59 -20.83 -35.01
C ALA C 194 19.50 -21.80 -35.42
N GLN C 195 19.46 -22.99 -34.82
CA GLN C 195 18.50 -24.02 -35.25
C GLN C 195 17.16 -24.05 -34.51
N HIS C 196 17.17 -23.50 -33.28
CA HIS C 196 15.99 -23.45 -32.44
C HIS C 196 16.19 -22.33 -31.43
N ILE C 197 15.13 -21.54 -31.25
CA ILE C 197 15.18 -20.32 -30.43
C ILE C 197 14.04 -20.31 -29.40
N GLU C 198 14.43 -20.28 -28.13
CA GLU C 198 13.49 -20.09 -27.02
C GLU C 198 14.08 -19.07 -26.05
N GLU C 199 13.19 -18.28 -25.43
CA GLU C 199 13.51 -17.60 -24.18
C GLU C 199 14.75 -16.71 -24.21
N CYS C 200 14.81 -15.81 -25.18
CA CYS C 200 16.00 -15.01 -25.34
C CYS C 200 16.20 -14.02 -24.20
N SER C 201 17.46 -13.89 -23.77
CA SER C 201 17.90 -12.89 -22.82
C SER C 201 18.71 -11.82 -23.58
N CYS C 202 18.23 -10.58 -23.57
CA CYS C 202 18.74 -9.55 -24.46
C CYS C 202 19.30 -8.37 -23.70
N TYR C 203 20.28 -7.74 -24.29
CA TYR C 203 20.76 -6.48 -23.74
C TYR C 203 21.32 -5.59 -24.89
N GLY C 204 21.50 -4.31 -24.61
CA GLY C 204 21.92 -3.35 -25.64
C GLY C 204 23.22 -2.67 -25.28
N ALA C 205 24.01 -2.32 -26.29
CA ALA C 205 25.22 -1.54 -26.07
C ALA C 205 25.65 -1.06 -27.44
N SER C 206 26.06 0.18 -27.53
CA SER C 206 26.64 0.74 -28.75
C SER C 206 25.72 0.46 -29.93
N GLU C 207 24.42 0.72 -29.70
CA GLU C 207 23.38 0.75 -30.75
C GLU C 207 23.03 -0.58 -31.34
N MET C 208 23.43 -1.63 -30.65
CA MET C 208 23.12 -2.99 -31.06
C MET C 208 22.54 -3.79 -29.93
N ILE C 209 21.72 -4.80 -30.26
CA ILE C 209 21.11 -5.61 -29.23
C ILE C 209 21.59 -7.03 -29.46
N LYS C 210 22.02 -7.67 -28.39
CA LYS C 210 22.32 -9.08 -28.43
C LYS C 210 21.39 -9.91 -27.55
N CYS C 211 20.89 -11.01 -28.10
CA CYS C 211 19.97 -11.91 -27.45
C CYS C 211 20.65 -13.27 -27.35
N ILE C 212 20.77 -13.83 -26.14
CA ILE C 212 21.46 -15.10 -25.93
C ILE C 212 20.32 -16.03 -25.55
N CYS C 213 20.08 -17.07 -26.34
CA CYS C 213 18.82 -17.79 -26.20
C CYS C 213 19.06 -19.28 -25.80
N ARG C 214 17.97 -20.05 -25.90
CA ARG C 214 17.95 -21.47 -25.54
C ARG C 214 17.55 -22.27 -26.77
N ASP C 215 18.44 -23.16 -27.22
CA ASP C 215 18.10 -24.10 -28.29
C ASP C 215 17.55 -25.35 -27.59
N ASN C 216 16.26 -25.63 -27.71
CA ASN C 216 15.66 -26.75 -26.96
C ASN C 216 15.63 -28.03 -27.75
N TRP C 217 16.09 -27.94 -28.98
CA TRP C 217 16.02 -29.04 -29.93
C TRP C 217 17.31 -29.85 -29.98
N LYS C 218 18.42 -29.17 -30.19
CA LYS C 218 19.72 -29.81 -30.50
C LYS C 218 20.85 -29.36 -29.60
N GLY C 219 21.11 -28.05 -29.56
CA GLY C 219 22.33 -27.54 -28.96
C GLY C 219 22.38 -27.39 -27.44
N ALA C 220 23.53 -27.71 -26.87
CA ALA C 220 23.91 -27.35 -25.47
C ALA C 220 24.76 -26.05 -25.41
N ASN C 221 25.26 -25.60 -26.57
CA ASN C 221 25.72 -24.23 -26.74
C ASN C 221 24.49 -23.33 -27.01
N ARG C 222 24.59 -22.06 -26.61
CA ARG C 222 23.43 -21.16 -26.77
C ARG C 222 23.44 -20.40 -28.12
N PRO C 223 22.26 -20.30 -28.77
CA PRO C 223 22.16 -19.40 -29.93
C PRO C 223 22.33 -17.93 -29.55
N VAL C 224 22.85 -17.14 -30.47
CA VAL C 224 23.03 -15.71 -30.28
C VAL C 224 22.36 -14.97 -31.41
N ILE C 225 21.30 -14.20 -31.12
CA ILE C 225 20.72 -13.34 -32.17
C ILE C 225 21.27 -11.92 -31.98
N THR C 226 21.84 -11.37 -33.05
CA THR C 226 22.34 -10.00 -33.06
C THR C 226 21.38 -9.11 -33.84
N ILE C 227 20.83 -8.08 -33.17
CA ILE C 227 19.77 -7.26 -33.76
C ILE C 227 20.25 -5.84 -33.90
N ASP C 228 20.07 -5.30 -35.10
CA ASP C 228 20.32 -3.89 -35.35
C ASP C 228 18.97 -3.18 -35.29
N PRO C 229 18.70 -2.47 -34.21
CA PRO C 229 17.37 -1.85 -34.05
C PRO C 229 17.08 -0.66 -35.00
N GLU C 230 18.08 0.11 -35.43
CA GLU C 230 17.80 1.23 -36.34
C GLU C 230 17.55 0.71 -37.76
N MET C 231 18.32 -0.29 -38.21
CA MET C 231 18.05 -0.91 -39.53
C MET C 231 16.94 -1.98 -39.51
N MET C 232 16.52 -2.39 -38.30
CA MET C 232 15.54 -3.46 -38.10
C MET C 232 15.91 -4.72 -38.88
N THR C 233 17.16 -5.17 -38.69
CA THR C 233 17.64 -6.43 -39.24
C THR C 233 18.34 -7.27 -38.19
N HIS C 234 18.51 -8.55 -38.47
CA HIS C 234 19.20 -9.40 -37.51
C HIS C 234 20.04 -10.49 -38.20
N THR C 235 20.94 -11.08 -37.43
CA THR C 235 21.66 -12.30 -37.80
C THR C 235 21.62 -13.29 -36.62
N SER C 236 21.92 -14.57 -36.85
CA SER C 236 22.03 -15.51 -35.73
C SER C 236 23.12 -16.56 -35.94
N LYS C 237 23.68 -17.01 -34.84
CA LYS C 237 24.64 -18.10 -34.87
C LYS C 237 24.63 -18.72 -33.49
N TYR C 238 25.69 -19.45 -33.15
CA TYR C 238 25.88 -19.98 -31.79
C TYR C 238 27.03 -19.30 -31.05
N LEU C 239 26.98 -19.36 -29.72
CA LEU C 239 28.08 -18.90 -28.88
C LEU C 239 29.30 -19.79 -29.23
N CYS C 240 30.40 -19.19 -29.67
CA CYS C 240 31.52 -20.00 -30.21
C CYS C 240 32.24 -20.82 -29.14
N SER C 241 32.24 -20.33 -27.91
CA SER C 241 33.09 -20.88 -26.86
C SER C 241 32.87 -22.35 -26.56
N LYS C 242 33.96 -23.05 -26.27
CA LYS C 242 33.87 -24.42 -25.75
C LYS C 242 33.22 -24.46 -24.37
N ILE C 243 33.08 -23.31 -23.71
CA ILE C 243 32.42 -23.32 -22.42
C ILE C 243 30.90 -23.38 -22.65
N LEU C 244 30.29 -24.54 -22.47
CA LEU C 244 28.88 -24.72 -22.82
C LEU C 244 27.99 -24.27 -21.67
N THR C 245 26.88 -23.61 -21.99
CA THR C 245 26.14 -22.96 -20.91
C THR C 245 24.63 -23.27 -20.85
N ASP C 246 24.10 -24.11 -21.73
CA ASP C 246 22.78 -24.63 -21.53
C ASP C 246 22.72 -25.73 -20.43
N THR C 247 21.50 -26.15 -20.08
CA THR C 247 21.29 -27.25 -19.13
C THR C 247 20.09 -28.05 -19.63
N SER C 248 20.23 -29.36 -19.85
CA SER C 248 21.44 -30.15 -19.57
C SER C 248 22.48 -29.98 -20.67
N ARG C 249 23.71 -30.35 -20.35
CA ARG C 249 24.76 -30.22 -21.34
C ARG C 249 25.81 -31.29 -21.13
N PRO C 250 26.58 -31.60 -22.17
CA PRO C 250 27.72 -32.48 -21.91
C PRO C 250 28.90 -31.70 -21.33
N ASN C 251 30.02 -32.39 -21.15
CA ASN C 251 31.25 -31.75 -20.71
C ASN C 251 31.70 -30.75 -21.75
N ASP C 252 32.42 -29.72 -21.33
CA ASP C 252 32.95 -28.72 -22.24
C ASP C 252 33.95 -29.45 -23.12
N PRO C 253 33.75 -29.36 -24.44
CA PRO C 253 34.65 -30.00 -25.40
C PRO C 253 35.95 -29.21 -25.58
N THR C 254 36.87 -29.73 -26.40
CA THR C 254 38.12 -29.04 -26.69
C THR C 254 37.92 -27.79 -27.57
N ASN C 255 36.92 -27.84 -28.44
CA ASN C 255 36.52 -26.72 -29.30
C ASN C 255 35.01 -26.53 -29.35
N GLY C 256 34.57 -25.29 -29.19
CA GLY C 256 33.17 -25.02 -29.37
C GLY C 256 32.81 -24.95 -30.84
N LYS C 257 31.58 -24.53 -31.12
CA LYS C 257 31.13 -24.42 -32.50
C LYS C 257 30.33 -23.15 -32.71
N CYS C 258 30.70 -22.37 -33.72
CA CYS C 258 30.01 -21.14 -34.03
C CYS C 258 28.74 -21.36 -34.86
N GLU C 259 28.75 -22.37 -35.70
CA GLU C 259 27.77 -22.44 -36.79
C GLU C 259 26.79 -23.57 -36.68
N ALA C 260 26.86 -24.31 -35.58
CA ALA C 260 26.06 -25.49 -35.41
C ALA C 260 25.90 -25.82 -33.93
N PRO C 261 24.82 -26.53 -33.59
CA PRO C 261 24.65 -26.98 -32.22
C PRO C 261 25.64 -28.08 -31.88
N ILE C 262 26.12 -28.05 -30.65
CA ILE C 262 26.84 -29.13 -30.03
C ILE C 262 25.82 -29.94 -29.26
N THR C 263 25.61 -31.19 -29.64
CA THR C 263 24.62 -31.99 -28.99
C THR C 263 25.16 -32.70 -27.75
N GLY C 264 24.25 -33.28 -26.98
CA GLY C 264 24.64 -34.00 -25.77
C GLY C 264 23.94 -33.47 -24.54
N GLY C 265 24.20 -34.09 -23.40
CA GLY C 265 23.55 -33.69 -22.18
C GLY C 265 22.33 -34.55 -21.91
N SER C 266 22.09 -34.80 -20.64
CA SER C 266 20.97 -35.57 -20.17
C SER C 266 20.63 -35.08 -18.77
N PRO C 267 19.33 -35.02 -18.42
CA PRO C 267 18.17 -35.46 -19.20
C PRO C 267 17.33 -34.35 -19.85
N ASP C 268 17.64 -33.09 -19.56
CA ASP C 268 16.74 -31.97 -19.95
C ASP C 268 17.29 -31.30 -21.24
N PRO C 269 16.39 -30.83 -22.13
CA PRO C 269 16.76 -30.19 -23.39
C PRO C 269 17.17 -28.70 -23.28
N GLY C 270 16.84 -28.00 -22.19
CA GLY C 270 17.26 -26.61 -22.14
C GLY C 270 16.76 -25.85 -20.93
N VAL C 271 17.38 -24.71 -20.72
CA VAL C 271 16.94 -23.81 -19.65
C VAL C 271 17.19 -22.40 -20.17
N LYS C 272 16.34 -21.42 -19.82
CA LYS C 272 16.69 -20.05 -20.16
C LYS C 272 17.98 -19.55 -19.47
N GLY C 273 18.84 -18.90 -20.25
CA GLY C 273 20.07 -18.34 -19.72
C GLY C 273 20.51 -17.09 -20.46
N PHE C 274 21.74 -16.72 -20.25
CA PHE C 274 22.20 -15.43 -20.76
C PHE C 274 23.75 -15.37 -20.82
N ALA C 275 24.26 -14.35 -21.52
CA ALA C 275 25.67 -13.99 -21.46
C ALA C 275 25.85 -12.53 -21.87
N PHE C 276 26.96 -11.93 -21.43
CA PHE C 276 27.36 -10.61 -21.91
C PHE C 276 28.57 -10.76 -22.76
N LEU C 277 28.45 -10.30 -24.02
CA LEU C 277 29.45 -10.63 -25.06
C LEU C 277 30.08 -9.36 -25.56
N ASP C 278 31.30 -9.16 -25.12
CA ASP C 278 31.93 -7.89 -25.34
C ASP C 278 33.44 -8.05 -25.46
N GLY C 279 33.86 -8.83 -26.43
CA GLY C 279 35.29 -9.04 -26.66
C GLY C 279 35.94 -9.65 -25.43
N GLU C 280 37.03 -9.02 -24.95
CA GLU C 280 37.71 -9.47 -23.73
C GLU C 280 36.81 -9.40 -22.49
N ASN C 281 35.87 -8.46 -22.54
CA ASN C 281 34.99 -8.19 -21.42
C ASN C 281 33.72 -9.06 -21.49
N SER C 282 33.90 -10.38 -21.61
CA SER C 282 32.75 -11.27 -21.81
C SER C 282 32.55 -12.24 -20.65
N TRP C 283 31.27 -12.39 -20.30
CA TRP C 283 30.87 -13.22 -19.20
C TRP C 283 29.73 -14.15 -19.58
N LEU C 284 29.89 -15.38 -19.18
CA LEU C 284 28.90 -16.43 -19.37
C LEU C 284 28.35 -16.91 -18.05
N GLY C 285 27.04 -16.98 -17.92
CA GLY C 285 26.45 -17.66 -16.77
C GLY C 285 26.01 -19.08 -17.14
N ARG C 286 25.99 -19.98 -16.17
CA ARG C 286 25.37 -21.31 -16.35
C ARG C 286 25.11 -21.94 -15.00
N THR C 287 24.29 -22.98 -14.95
CA THR C 287 24.10 -23.75 -13.73
C THR C 287 25.40 -24.49 -13.44
N ILE C 288 25.69 -24.73 -12.18
CA ILE C 288 26.91 -25.48 -11.86
C ILE C 288 26.78 -26.94 -12.32
N SER C 289 25.69 -27.58 -11.94
CA SER C 289 25.41 -28.95 -12.42
C SER C 289 25.27 -28.96 -13.91
N LYS C 290 25.88 -29.97 -14.58
CA LYS C 290 25.65 -30.13 -16.02
C LYS C 290 24.33 -30.77 -16.37
N ASP C 291 23.69 -31.43 -15.39
CA ASP C 291 22.45 -32.18 -15.59
C ASP C 291 21.17 -31.42 -15.18
N SER C 292 21.26 -30.76 -14.03
CA SER C 292 20.11 -30.23 -13.32
C SER C 292 20.20 -28.70 -13.15
N ARG C 293 19.06 -28.11 -12.85
CA ARG C 293 19.01 -26.68 -12.52
C ARG C 293 19.42 -26.49 -11.06
N SER C 294 20.67 -26.82 -10.76
CA SER C 294 21.25 -26.60 -9.43
C SER C 294 22.50 -25.77 -9.53
N GLY C 295 22.65 -24.86 -8.57
CA GLY C 295 23.81 -23.99 -8.54
C GLY C 295 23.79 -22.96 -9.65
N TYR C 296 24.68 -21.99 -9.56
CA TYR C 296 24.86 -21.01 -10.62
C TYR C 296 26.20 -20.38 -10.54
N GLU C 297 26.87 -20.24 -11.69
CA GLU C 297 28.21 -19.66 -11.75
C GLU C 297 28.39 -18.71 -12.92
N MET C 298 29.23 -17.68 -12.69
CA MET C 298 29.66 -16.77 -13.74
C MET C 298 31.09 -17.04 -14.09
N LEU C 299 31.35 -17.11 -15.39
CA LEU C 299 32.67 -17.40 -15.89
C LEU C 299 33.10 -16.32 -16.85
N LYS C 300 34.25 -15.74 -16.59
CA LYS C 300 34.73 -14.71 -17.50
C LYS C 300 35.52 -15.41 -18.58
N VAL C 301 34.99 -15.28 -19.79
CA VAL C 301 35.51 -16.00 -20.96
C VAL C 301 35.79 -15.03 -22.09
N PRO C 302 37.00 -14.50 -22.15
CA PRO C 302 37.37 -13.57 -23.21
C PRO C 302 37.14 -14.09 -24.64
N ASN C 303 36.51 -13.25 -25.47
CA ASN C 303 36.13 -13.57 -26.84
C ASN C 303 35.27 -14.80 -26.96
N ALA C 304 34.46 -15.07 -25.95
CA ALA C 304 33.52 -16.19 -26.02
C ALA C 304 32.68 -16.22 -27.31
N GLU C 305 32.36 -15.03 -27.82
CA GLU C 305 31.44 -14.93 -28.95
C GLU C 305 32.07 -15.42 -30.25
N THR C 306 33.40 -15.40 -30.31
CA THR C 306 34.09 -15.57 -31.57
C THR C 306 35.19 -16.63 -31.59
N ASP C 307 35.61 -17.07 -30.41
CA ASP C 307 36.76 -17.95 -30.30
C ASP C 307 36.36 -19.31 -29.72
N THR C 308 36.38 -20.35 -30.58
CA THR C 308 35.96 -21.70 -30.18
C THR C 308 36.87 -22.33 -29.17
N GLN C 309 38.06 -21.78 -28.98
CA GLN C 309 38.91 -22.31 -27.93
C GLN C 309 38.92 -21.46 -26.65
N SER C 310 38.03 -20.46 -26.56
CA SER C 310 38.05 -19.57 -25.39
C SER C 310 37.68 -20.30 -24.12
N GLY C 311 38.45 -20.07 -23.06
CA GLY C 311 38.15 -20.59 -21.73
C GLY C 311 38.02 -19.52 -20.63
N ALA C 312 37.80 -19.96 -19.39
CA ALA C 312 37.53 -19.05 -18.27
C ALA C 312 38.83 -18.52 -17.69
N ILE C 313 38.92 -17.21 -17.50
CA ILE C 313 40.05 -16.61 -16.79
C ILE C 313 39.66 -16.17 -15.39
N SER C 314 38.37 -16.15 -15.10
CA SER C 314 37.91 -15.92 -13.73
C SER C 314 36.50 -16.51 -13.51
N HIS C 315 36.08 -16.59 -12.29
CA HIS C 315 35.05 -17.54 -11.86
C HIS C 315 34.35 -16.97 -10.64
N GLN C 316 33.00 -16.77 -10.59
CA GLN C 316 32.31 -16.49 -9.34
C GLN C 316 31.10 -17.40 -9.15
N ILE C 317 31.05 -18.06 -7.98
CA ILE C 317 29.90 -18.87 -7.64
C ILE C 317 28.80 -17.94 -7.14
N ILE C 318 27.65 -18.01 -7.79
CA ILE C 318 26.48 -17.17 -7.42
C ILE C 318 25.50 -17.92 -6.50
N VAL C 319 25.26 -19.19 -6.79
CA VAL C 319 24.41 -20.07 -5.97
C VAL C 319 25.19 -21.41 -5.84
N ASN C 320 25.45 -21.86 -4.63
CA ASN C 320 26.27 -23.08 -4.58
C ASN C 320 25.47 -24.29 -5.12
N ASN C 321 26.22 -25.34 -5.46
CA ASN C 321 25.59 -26.49 -6.06
C ASN C 321 24.83 -27.42 -5.11
N GLN C 322 24.66 -27.05 -3.85
CA GLN C 322 23.74 -27.76 -2.95
C GLN C 322 22.36 -27.08 -2.93
N ASN C 323 22.15 -26.13 -3.84
CA ASN C 323 20.90 -25.38 -3.89
C ASN C 323 20.35 -25.26 -5.29
N TRP C 324 19.04 -25.18 -5.39
CA TRP C 324 18.33 -25.09 -6.68
C TRP C 324 18.45 -23.69 -7.29
N SER C 325 18.72 -23.65 -8.57
CA SER C 325 18.59 -22.39 -9.32
C SER C 325 17.34 -22.48 -10.26
N GLY C 326 17.51 -22.14 -11.54
CA GLY C 326 16.35 -21.98 -12.42
C GLY C 326 16.71 -21.12 -13.61
N TYR C 327 15.75 -20.38 -14.17
CA TYR C 327 16.03 -19.48 -15.32
C TYR C 327 17.00 -18.40 -14.95
N SER C 328 17.70 -17.82 -15.91
CA SER C 328 18.57 -16.66 -15.57
C SER C 328 18.49 -15.73 -16.76
N GLY C 329 18.69 -14.41 -16.55
CA GLY C 329 18.50 -13.47 -17.66
C GLY C 329 19.21 -12.15 -17.43
N ALA C 330 19.35 -11.39 -18.51
CA ALA C 330 20.06 -10.12 -18.54
C ALA C 330 19.08 -8.94 -18.37
N PHE C 331 19.56 -7.91 -17.71
CA PHE C 331 18.91 -6.60 -17.73
C PHE C 331 20.00 -5.60 -17.44
N ILE C 332 19.71 -4.35 -17.82
CA ILE C 332 20.60 -3.24 -17.52
C ILE C 332 19.76 -2.04 -17.08
N ASP C 333 20.26 -1.30 -16.11
CA ASP C 333 19.68 0.02 -15.88
C ASP C 333 20.23 1.04 -16.86
N TYR C 334 19.53 1.16 -17.99
CA TYR C 334 19.98 2.08 -19.02
C TYR C 334 19.94 3.54 -18.63
N TRP C 335 19.33 3.85 -17.46
CA TRP C 335 19.19 5.23 -17.07
C TRP C 335 20.13 5.58 -15.92
N ALA C 336 21.12 4.70 -15.67
CA ALA C 336 22.10 4.97 -14.61
C ALA C 336 22.99 6.16 -14.90
N ASN C 337 23.57 6.70 -13.84
CA ASN C 337 24.45 7.86 -13.97
C ASN C 337 25.86 7.38 -14.10
N LYS C 338 26.12 6.70 -15.20
CA LYS C 338 27.45 6.16 -15.54
C LYS C 338 27.67 6.41 -17.01
N GLU C 339 28.95 6.43 -17.40
CA GLU C 339 29.23 6.68 -18.83
C GLU C 339 29.20 5.41 -19.66
N CYS C 340 28.96 4.27 -19.01
CA CYS C 340 28.83 2.98 -19.66
C CYS C 340 27.57 2.30 -19.12
N PHE C 341 27.02 1.34 -19.87
CA PHE C 341 25.87 0.54 -19.42
C PHE C 341 26.42 -0.64 -18.63
N ASN C 342 26.00 -0.78 -17.39
CA ASN C 342 26.56 -1.83 -16.57
C ASN C 342 25.73 -3.13 -16.60
N PRO C 343 26.34 -4.22 -17.02
CA PRO C 343 25.60 -5.50 -17.01
C PRO C 343 24.99 -5.86 -15.64
N CYS C 344 23.75 -6.32 -15.69
CA CYS C 344 23.13 -6.97 -14.56
C CYS C 344 22.51 -8.29 -14.99
N PHE C 345 22.31 -9.19 -14.02
CA PHE C 345 21.52 -10.39 -14.29
C PHE C 345 20.74 -10.86 -13.08
N TYR C 346 19.76 -11.73 -13.30
CA TYR C 346 19.08 -12.35 -12.19
C TYR C 346 19.23 -13.85 -12.33
N VAL C 347 19.06 -14.52 -11.19
CA VAL C 347 18.78 -15.97 -11.16
C VAL C 347 17.46 -16.27 -10.46
N GLU C 348 16.59 -17.04 -11.14
CA GLU C 348 15.38 -17.64 -10.58
C GLU C 348 15.75 -18.81 -9.66
N LEU C 349 15.30 -18.76 -8.42
CA LEU C 349 15.64 -19.81 -7.45
C LEU C 349 14.35 -20.64 -7.22
N ILE C 350 14.20 -21.77 -7.95
CA ILE C 350 13.00 -22.55 -8.00
C ILE C 350 12.92 -23.45 -6.78
N ARG C 351 11.80 -23.37 -6.09
CA ARG C 351 11.55 -24.31 -5.01
C ARG C 351 10.28 -25.15 -5.28
N GLY C 352 10.24 -26.35 -4.66
CA GLY C 352 9.09 -27.23 -4.77
C GLY C 352 9.29 -28.19 -5.91
N ARG C 353 8.19 -28.55 -6.58
CA ARG C 353 8.22 -29.59 -7.63
C ARG C 353 8.94 -29.10 -8.87
N PRO C 354 9.55 -30.00 -9.64
CA PRO C 354 9.59 -31.45 -9.42
C PRO C 354 10.73 -31.89 -8.52
N LYS C 355 11.70 -31.04 -8.20
CA LYS C 355 12.87 -31.51 -7.46
C LYS C 355 12.59 -31.73 -5.97
N GLU C 356 11.56 -31.06 -5.44
CA GLU C 356 11.22 -31.14 -4.03
C GLU C 356 9.76 -31.63 -3.93
N SER C 357 9.55 -32.95 -4.02
CA SER C 357 8.21 -33.51 -4.14
C SER C 357 7.45 -33.64 -2.83
N SER C 358 8.04 -33.19 -1.73
CA SER C 358 7.33 -33.19 -0.46
C SER C 358 6.25 -32.11 -0.35
N VAL C 359 6.27 -31.16 -1.29
CA VAL C 359 5.21 -30.15 -1.39
C VAL C 359 4.46 -30.28 -2.72
N LEU C 360 3.29 -29.65 -2.80
CA LEU C 360 2.35 -29.82 -3.92
C LEU C 360 2.49 -28.70 -4.94
N TRP C 361 3.37 -27.74 -4.62
CA TRP C 361 3.49 -26.52 -5.40
C TRP C 361 4.88 -26.32 -6.02
N THR C 362 4.98 -25.33 -6.95
CA THR C 362 6.24 -24.93 -7.55
C THR C 362 6.29 -23.41 -7.50
N SER C 363 7.38 -22.82 -7.03
CA SER C 363 7.46 -21.33 -7.05
C SER C 363 8.94 -20.96 -7.08
N ASN C 364 9.29 -19.69 -6.83
CA ASN C 364 10.67 -19.28 -6.85
C ASN C 364 10.86 -18.03 -5.98
N SER C 365 12.10 -17.73 -5.66
CA SER C 365 12.44 -16.37 -5.29
C SER C 365 13.43 -15.86 -6.31
N ILE C 366 13.91 -14.64 -6.08
CA ILE C 366 14.83 -14.02 -7.03
C ILE C 366 16.09 -13.50 -6.38
N VAL C 367 17.23 -13.60 -7.08
CA VAL C 367 18.44 -12.84 -6.70
C VAL C 367 18.95 -12.14 -7.94
N ALA C 368 19.49 -10.94 -7.79
CA ALA C 368 19.99 -10.16 -8.92
C ALA C 368 21.31 -9.52 -8.57
N LEU C 369 22.24 -9.48 -9.51
CA LEU C 369 23.61 -8.93 -9.28
C LEU C 369 23.99 -8.05 -10.43
N CYS C 370 24.86 -7.05 -10.19
CA CYS C 370 25.41 -6.24 -11.28
C CYS C 370 26.95 -6.23 -11.25
N GLY C 371 27.50 -5.80 -12.36
CA GLY C 371 28.94 -5.87 -12.52
C GLY C 371 29.66 -4.90 -11.64
N SER C 372 30.89 -5.23 -11.29
CA SER C 372 31.82 -4.33 -10.60
C SER C 372 33.13 -4.37 -11.31
N LYS C 373 33.86 -3.26 -11.32
CA LYS C 373 35.26 -3.29 -11.82
C LYS C 373 36.21 -3.78 -10.71
N GLU C 374 35.74 -3.80 -9.45
CA GLU C 374 36.54 -4.35 -8.36
C GLU C 374 36.58 -5.86 -8.37
N ARG C 375 37.51 -6.40 -7.57
CA ARG C 375 37.57 -7.82 -7.41
C ARG C 375 36.99 -8.16 -6.03
N LEU C 376 35.67 -8.32 -6.01
CA LEU C 376 34.96 -8.51 -4.77
C LEU C 376 34.97 -9.97 -4.34
N GLY C 377 35.02 -10.21 -3.04
CA GLY C 377 34.70 -11.54 -2.55
C GLY C 377 33.23 -11.88 -2.79
N SER C 378 32.88 -13.13 -2.60
CA SER C 378 31.51 -13.51 -2.81
C SER C 378 31.06 -14.70 -1.95
N TRP C 379 29.75 -14.85 -1.85
CA TRP C 379 29.18 -16.05 -1.26
C TRP C 379 27.90 -16.46 -2.00
N SER C 380 27.37 -17.63 -1.64
CA SER C 380 26.15 -18.13 -2.27
C SER C 380 24.85 -17.42 -1.88
N TRP C 381 24.09 -17.06 -2.92
CA TRP C 381 22.84 -16.34 -2.71
C TRP C 381 21.63 -17.24 -2.99
N HIS C 382 21.61 -18.38 -2.30
CA HIS C 382 20.54 -19.32 -2.50
C HIS C 382 19.24 -18.85 -1.88
N ASP C 383 18.17 -19.54 -2.20
CA ASP C 383 16.82 -19.14 -1.76
C ASP C 383 16.72 -18.99 -0.27
N GLY C 384 17.13 -20.03 0.46
CA GLY C 384 17.16 -19.95 1.94
C GLY C 384 15.94 -20.49 2.68
N ALA C 385 14.91 -20.96 1.99
CA ALA C 385 13.75 -21.47 2.70
C ALA C 385 14.04 -22.91 3.14
N GLU C 386 13.45 -23.31 4.26
CA GLU C 386 13.50 -24.71 4.73
C GLU C 386 12.26 -25.47 4.33
N ILE C 387 12.44 -26.43 3.42
CA ILE C 387 11.30 -27.11 2.85
C ILE C 387 10.52 -27.92 3.89
N ILE C 388 11.20 -28.32 4.97
CA ILE C 388 10.51 -29.04 6.04
C ILE C 388 9.39 -28.24 6.68
N TYR C 389 9.54 -26.92 6.70
CA TYR C 389 8.52 -26.05 7.23
C TYR C 389 7.18 -26.04 6.45
N PHE C 390 7.24 -26.48 5.20
CA PHE C 390 6.09 -26.55 4.31
C PHE C 390 5.42 -27.93 4.26
N LYS C 391 6.01 -28.93 4.93
CA LYS C 391 5.45 -30.29 4.83
C LYS C 391 4.10 -30.42 5.57
N GLY D 3 -0.69 25.72 -0.49
CA GLY D 3 -2.10 26.09 -0.43
C GLY D 3 -2.33 27.53 0.03
N HIS D 4 -3.55 27.81 0.47
CA HIS D 4 -3.95 29.13 1.00
C HIS D 4 -4.61 28.91 2.34
N LEU D 5 -4.44 29.86 3.27
CA LEU D 5 -5.09 29.71 4.58
C LEU D 5 -6.63 29.64 4.44
N LEU D 6 -7.21 28.68 5.14
CA LEU D 6 -8.67 28.59 5.32
C LEU D 6 -9.21 29.76 6.13
N ASN D 7 -10.16 30.49 5.55
CA ASN D 7 -10.96 31.47 6.33
C ASN D 7 -12.37 31.05 6.39
N LEU D 8 -12.95 31.08 7.59
CA LEU D 8 -14.32 30.58 7.76
C LEU D 8 -15.38 31.58 7.21
N THR D 9 -15.36 31.84 5.91
CA THR D 9 -16.17 32.95 5.39
C THR D 9 -17.64 32.57 5.16
N LYS D 10 -17.95 31.28 5.18
CA LYS D 10 -19.25 30.78 4.79
C LYS D 10 -20.19 30.47 5.98
N PRO D 11 -21.50 30.61 5.76
CA PRO D 11 -22.35 30.22 6.85
C PRO D 11 -22.57 28.75 6.81
N LEU D 12 -23.24 28.18 7.82
CA LEU D 12 -23.66 26.76 7.75
C LEU D 12 -24.73 26.50 6.69
N CYS D 13 -24.66 25.37 6.02
CA CYS D 13 -25.76 24.92 5.15
C CYS D 13 -27.04 24.59 5.88
N GLU D 14 -28.18 24.83 5.22
CA GLU D 14 -29.46 24.32 5.71
C GLU D 14 -29.45 22.79 5.81
N VAL D 15 -29.91 22.27 6.94
CA VAL D 15 -29.97 20.80 7.07
C VAL D 15 -31.36 20.37 7.48
N ASN D 16 -31.95 19.50 6.67
CA ASN D 16 -33.29 18.92 6.99
C ASN D 16 -33.31 17.40 7.24
N SER D 17 -32.19 16.74 6.89
CA SER D 17 -31.95 15.35 7.21
C SER D 17 -30.45 15.04 7.03
N TRP D 18 -30.09 13.79 7.28
CA TRP D 18 -28.65 13.37 7.22
C TRP D 18 -28.44 12.23 6.25
N HIS D 19 -27.43 12.36 5.37
CA HIS D 19 -27.09 11.28 4.42
C HIS D 19 -25.80 10.61 4.80
N ILE D 20 -25.67 9.33 4.41
CA ILE D 20 -24.51 8.51 4.76
C ILE D 20 -23.27 9.07 4.00
N LEU D 21 -22.20 9.23 4.72
CA LEU D 21 -20.93 9.68 4.10
C LEU D 21 -19.96 8.49 4.05
N SER D 22 -19.73 7.86 5.20
CA SER D 22 -18.74 6.77 5.17
C SER D 22 -19.04 5.75 6.27
N LYS D 23 -18.54 4.55 6.12
CA LYS D 23 -18.73 3.54 7.19
C LYS D 23 -17.58 2.58 7.02
N ASP D 24 -16.77 2.30 8.03
CA ASP D 24 -15.60 1.43 7.80
C ASP D 24 -15.78 -0.04 8.17
N ASN D 25 -16.83 -0.41 8.89
CA ASN D 25 -17.09 -1.84 9.13
C ASN D 25 -15.88 -2.57 9.72
N ALA D 26 -15.13 -1.86 10.56
CA ALA D 26 -13.81 -2.31 10.96
C ALA D 26 -13.86 -3.61 11.76
N ILE D 27 -14.94 -3.77 12.56
CA ILE D 27 -15.00 -4.93 13.46
C ILE D 27 -15.40 -6.18 12.67
N ARG D 28 -16.35 -6.03 11.74
CA ARG D 28 -16.66 -7.13 10.79
C ARG D 28 -15.41 -7.54 10.06
N ILE D 29 -14.70 -6.57 9.47
CA ILE D 29 -13.55 -6.95 8.67
C ILE D 29 -12.45 -7.54 9.56
N GLY D 30 -12.22 -6.93 10.70
CA GLY D 30 -11.15 -7.30 11.62
C GLY D 30 -11.28 -8.67 12.28
N GLU D 31 -12.47 -9.29 12.08
CA GLU D 31 -12.65 -10.69 12.53
C GLU D 31 -11.65 -11.63 11.87
N ASP D 32 -11.16 -11.22 10.70
CA ASP D 32 -10.25 -12.08 9.95
C ASP D 32 -9.09 -11.35 9.26
N ALA D 33 -9.17 -10.04 9.11
CA ALA D 33 -8.05 -9.35 8.45
C ALA D 33 -7.26 -8.63 9.51
N HIS D 34 -6.13 -8.04 9.15
CA HIS D 34 -5.24 -7.46 10.16
C HIS D 34 -5.67 -6.03 10.45
N ILE D 35 -6.62 -5.86 11.36
CA ILE D 35 -7.17 -4.54 11.71
C ILE D 35 -6.76 -4.14 13.10
N ILE D 36 -6.29 -2.92 13.25
CA ILE D 36 -5.81 -2.51 14.58
C ILE D 36 -6.99 -2.18 15.49
N VAL D 37 -6.75 -2.47 16.76
CA VAL D 37 -7.68 -2.08 17.79
C VAL D 37 -7.56 -0.57 17.99
N THR D 38 -8.71 0.10 18.06
CA THR D 38 -8.76 1.56 18.24
C THR D 38 -9.84 1.95 19.23
N ARG D 39 -9.91 3.24 19.54
CA ARG D 39 -11.09 3.87 20.14
C ARG D 39 -10.87 5.38 19.95
N GLU D 40 -11.87 6.17 20.31
CA GLU D 40 -11.82 7.62 20.15
C GLU D 40 -11.52 8.05 18.72
N PRO D 41 -12.35 7.57 17.80
CA PRO D 41 -12.15 7.97 16.40
C PRO D 41 -12.69 9.36 16.11
N TYR D 42 -12.36 9.89 14.90
CA TYR D 42 -13.03 11.06 14.35
C TYR D 42 -12.68 11.16 12.87
N LEU D 43 -13.13 12.21 12.25
CA LEU D 43 -12.68 12.53 10.90
C LEU D 43 -12.19 13.94 10.81
N SER D 44 -11.32 14.20 9.83
CA SER D 44 -10.84 15.59 9.59
C SER D 44 -10.45 15.69 8.10
N CYS D 45 -10.77 16.82 7.48
CA CYS D 45 -10.51 17.05 6.07
C CYS D 45 -9.41 18.03 5.87
N ASP D 46 -8.92 18.06 4.62
CA ASP D 46 -7.90 19.00 4.16
C ASP D 46 -8.26 19.31 2.72
N PRO D 47 -7.48 20.16 2.05
CA PRO D 47 -7.91 20.53 0.73
C PRO D 47 -7.99 19.36 -0.24
N GLN D 48 -7.29 18.25 0.04
CA GLN D 48 -7.23 17.11 -0.90
C GLN D 48 -8.21 16.00 -0.57
N GLY D 49 -8.81 16.06 0.61
CA GLY D 49 -9.79 15.04 0.96
C GLY D 49 -10.02 14.90 2.45
N CYS D 50 -10.88 13.93 2.82
CA CYS D 50 -11.17 13.64 4.24
C CYS D 50 -10.57 12.35 4.72
N ARG D 51 -10.08 12.31 5.95
CA ARG D 51 -9.45 11.07 6.48
C ARG D 51 -10.10 10.68 7.82
N MET D 52 -10.01 9.39 8.14
CA MET D 52 -10.40 8.90 9.46
C MET D 52 -9.18 8.96 10.38
N PHE D 53 -9.48 9.21 11.64
CA PHE D 53 -8.45 9.28 12.66
C PHE D 53 -8.90 8.46 13.86
N ALA D 54 -7.95 7.92 14.64
CA ALA D 54 -8.33 7.29 15.94
C ALA D 54 -7.11 6.99 16.73
N LEU D 55 -7.29 6.60 17.99
CA LEU D 55 -6.19 6.23 18.83
C LEU D 55 -6.00 4.71 18.83
N SER D 56 -4.92 4.30 18.20
CA SER D 56 -4.55 2.90 18.17
C SER D 56 -4.26 2.41 19.57
N GLN D 57 -4.40 1.10 19.73
CA GLN D 57 -3.95 0.44 20.97
C GLN D 57 -2.67 -0.38 20.75
N GLY D 58 -2.08 -0.31 19.56
CA GLY D 58 -0.82 -1.02 19.36
C GLY D 58 -0.90 -2.55 19.23
N THR D 59 -1.98 -3.01 18.63
CA THR D 59 -2.23 -4.43 18.45
C THR D 59 -3.33 -4.59 17.45
N THR D 60 -3.44 -5.78 16.85
CA THR D 60 -4.57 -6.08 16.02
C THR D 60 -5.76 -6.62 16.86
N LEU D 61 -6.93 -6.62 16.26
CA LEU D 61 -8.18 -7.05 16.97
C LEU D 61 -8.16 -8.53 17.33
N ARG D 62 -7.74 -9.37 16.40
CA ARG D 62 -7.63 -10.81 16.66
C ARG D 62 -6.34 -11.21 17.39
N GLY D 63 -5.40 -10.29 17.57
CA GLY D 63 -4.12 -10.63 18.18
C GLY D 63 -4.32 -10.91 19.67
N LYS D 64 -3.42 -11.67 20.29
CA LYS D 64 -3.55 -11.85 21.74
C LYS D 64 -3.37 -10.54 22.51
N HIS D 65 -2.63 -9.55 21.97
CA HIS D 65 -2.51 -8.28 22.74
C HIS D 65 -3.80 -7.41 22.77
N ALA D 66 -4.88 -7.84 22.12
CA ALA D 66 -6.20 -7.17 22.19
C ALA D 66 -6.78 -7.36 23.59
N ASN D 67 -6.27 -8.38 24.28
CA ASN D 67 -6.64 -8.61 25.67
C ASN D 67 -6.23 -7.44 26.56
N GLY D 68 -7.20 -6.81 27.22
CA GLY D 68 -6.88 -5.65 28.05
C GLY D 68 -7.06 -4.26 27.47
N THR D 69 -7.57 -4.18 26.25
CA THR D 69 -7.73 -2.89 25.60
C THR D 69 -8.92 -2.05 26.08
N ILE D 70 -9.66 -2.48 27.11
CA ILE D 70 -10.61 -1.57 27.73
C ILE D 70 -9.81 -0.39 28.34
N HIS D 71 -8.54 -0.58 28.69
CA HIS D 71 -7.76 0.46 29.36
C HIS D 71 -7.39 1.60 28.40
N ASP D 72 -7.51 2.83 28.89
CA ASP D 72 -7.46 4.04 28.04
C ASP D 72 -6.07 4.59 27.77
N ARG D 73 -5.11 4.38 28.67
CA ARG D 73 -3.82 5.05 28.51
C ARG D 73 -2.66 4.10 28.67
N SER D 74 -1.74 4.08 27.69
CA SER D 74 -0.57 3.18 27.74
C SER D 74 0.49 3.82 26.86
N PRO D 75 1.73 3.31 26.92
CA PRO D 75 2.77 3.79 25.99
C PRO D 75 2.61 3.23 24.56
N PHE D 76 1.59 2.44 24.33
CA PHE D 76 1.49 1.70 23.06
C PHE D 76 0.42 2.30 22.19
N ARG D 77 -0.19 3.38 22.64
CA ARG D 77 -1.21 4.06 21.81
C ARG D 77 -0.59 5.15 20.92
N ALA D 78 -1.26 5.44 19.80
CA ALA D 78 -0.81 6.52 18.92
C ALA D 78 -2.02 7.07 18.18
N LEU D 79 -1.95 8.35 17.79
CA LEU D 79 -2.95 8.85 16.84
C LEU D 79 -2.59 8.42 15.41
N VAL D 80 -3.51 7.71 14.77
CA VAL D 80 -3.26 7.26 13.41
C VAL D 80 -4.35 7.79 12.50
N SER D 81 -4.00 7.98 11.22
CA SER D 81 -5.03 8.40 10.24
C SER D 81 -5.02 7.52 9.00
N TRP D 82 -6.13 7.51 8.31
CA TRP D 82 -6.18 6.66 7.13
C TRP D 82 -7.24 7.18 6.22
N GLU D 83 -7.21 6.65 5.01
CA GLU D 83 -8.11 7.07 3.98
C GLU D 83 -9.58 6.79 4.36
N MET D 84 -10.43 7.77 4.21
CA MET D 84 -11.80 7.61 4.69
C MET D 84 -12.48 6.37 4.08
N GLY D 85 -13.04 5.51 4.93
CA GLY D 85 -13.88 4.40 4.47
C GLY D 85 -13.16 3.07 4.61
N GLN D 86 -11.82 3.11 4.54
CA GLN D 86 -11.05 1.89 4.77
C GLN D 86 -11.17 1.55 6.24
N ALA D 87 -10.91 0.30 6.61
CA ALA D 87 -10.69 -0.02 8.03
C ALA D 87 -9.23 0.20 8.36
N PRO D 88 -8.88 0.48 9.63
CA PRO D 88 -7.48 0.80 9.98
C PRO D 88 -6.68 -0.49 10.16
N SER D 89 -5.62 -0.61 9.39
CA SER D 89 -4.69 -1.80 9.50
C SER D 89 -3.22 -1.32 9.74
N PRO D 90 -2.26 -2.23 9.99
CA PRO D 90 -0.85 -1.85 10.15
C PRO D 90 -0.29 -1.45 8.80
N TYR D 91 -1.10 -1.64 7.75
CA TYR D 91 -0.58 -1.39 6.41
C TYR D 91 -1.03 -0.09 5.74
N ASN D 92 -2.12 0.53 6.22
CA ASN D 92 -2.75 1.67 5.54
C ASN D 92 -2.85 2.86 6.45
N THR D 93 -2.20 2.80 7.63
CA THR D 93 -2.29 3.89 8.64
C THR D 93 -1.05 4.72 8.76
N ARG D 94 -1.28 6.05 8.89
CA ARG D 94 -0.19 7.02 9.07
C ARG D 94 -0.13 7.40 10.55
N VAL D 95 1.04 7.27 11.19
CA VAL D 95 1.18 7.70 12.57
C VAL D 95 1.34 9.21 12.63
N GLU D 96 0.33 9.87 13.22
CA GLU D 96 0.32 11.32 13.32
C GLU D 96 1.17 11.78 14.50
N CYS D 97 1.09 11.06 15.62
CA CYS D 97 1.85 11.39 16.83
C CYS D 97 1.60 10.29 17.87
N ILE D 98 2.36 10.31 18.98
CA ILE D 98 2.27 9.18 19.93
C ILE D 98 1.55 9.58 21.19
N GLY D 99 0.56 8.80 21.61
CA GLY D 99 -0.17 9.24 22.80
C GLY D 99 -1.56 8.70 22.94
N TRP D 100 -2.28 9.17 23.96
CA TRP D 100 -3.58 8.58 24.33
C TRP D 100 -4.73 9.57 24.45
N SER D 101 -4.47 10.79 23.97
CA SER D 101 -5.51 11.82 23.80
C SER D 101 -5.04 12.74 22.67
N SER D 102 -5.94 13.07 21.73
CA SER D 102 -5.48 13.82 20.55
C SER D 102 -6.47 14.85 19.96
N THR D 103 -5.96 15.68 19.05
CA THR D 103 -6.84 16.46 18.18
C THR D 103 -6.02 16.74 16.94
N SER D 104 -6.69 17.13 15.87
CA SER D 104 -5.98 17.39 14.60
C SER D 104 -6.84 18.30 13.73
N CYS D 105 -6.22 19.18 12.93
CA CYS D 105 -7.00 20.04 12.02
C CYS D 105 -6.04 20.63 11.00
N HIS D 106 -6.60 21.07 9.88
CA HIS D 106 -5.78 21.52 8.79
C HIS D 106 -6.05 23.01 8.56
N ASP D 107 -5.00 23.79 8.38
CA ASP D 107 -5.22 25.24 8.27
C ASP D 107 -5.33 25.78 6.86
N GLY D 108 -5.42 24.87 5.89
CA GLY D 108 -5.41 25.16 4.47
C GLY D 108 -4.03 24.92 3.85
N ILE D 109 -2.98 25.05 4.66
CA ILE D 109 -1.58 24.85 4.18
C ILE D 109 -1.05 23.54 4.73
N SER D 110 -1.08 23.36 6.06
CA SER D 110 -0.57 22.11 6.67
C SER D 110 -1.48 21.61 7.77
N ARG D 111 -1.34 20.33 8.10
CA ARG D 111 -2.04 19.77 9.30
C ARG D 111 -1.32 19.93 10.58
N MET D 112 -2.09 20.32 11.62
CA MET D 112 -1.62 20.33 13.02
C MET D 112 -2.20 19.10 13.71
N SER D 113 -1.35 18.26 14.33
CA SER D 113 -1.85 17.14 15.12
C SER D 113 -1.25 17.21 16.48
N ILE D 114 -2.07 16.92 17.49
CA ILE D 114 -1.57 17.04 18.87
C ILE D 114 -1.86 15.73 19.60
N CYS D 115 -0.83 15.13 20.23
CA CYS D 115 -1.05 13.93 21.04
C CYS D 115 -0.49 14.19 22.41
N ILE D 116 -1.25 13.77 23.41
CA ILE D 116 -0.77 13.82 24.77
C ILE D 116 -0.35 12.43 25.24
N SER D 117 0.82 12.33 25.91
CA SER D 117 1.21 11.04 26.48
C SER D 117 1.88 11.23 27.81
N GLY D 118 2.27 10.13 28.42
CA GLY D 118 2.98 10.17 29.70
C GLY D 118 2.09 9.66 30.83
N PRO D 119 2.63 9.67 32.05
CA PRO D 119 1.93 9.20 33.25
C PRO D 119 0.84 10.18 33.67
N ASN D 120 -0.18 9.69 34.36
CA ASN D 120 -1.29 10.55 34.73
C ASN D 120 -0.83 11.80 35.44
N ASN D 121 0.20 11.71 36.29
CA ASN D 121 0.58 12.91 37.02
C ASN D 121 1.53 13.83 36.34
N ASN D 122 1.90 13.51 35.09
CA ASN D 122 2.92 14.32 34.45
C ASN D 122 2.95 14.06 32.95
N ALA D 123 1.79 14.20 32.33
CA ALA D 123 1.63 14.05 30.86
C ALA D 123 2.14 15.28 30.13
N SER D 124 2.33 15.18 28.80
CA SER D 124 2.76 16.33 28.01
C SER D 124 2.14 16.23 26.61
N ALA D 125 1.78 17.36 26.02
CA ALA D 125 1.28 17.44 24.64
C ALA D 125 2.49 17.65 23.72
N VAL D 126 2.55 16.94 22.58
CA VAL D 126 3.52 17.26 21.55
C VAL D 126 2.65 17.71 20.35
N VAL D 127 2.93 18.93 19.89
CA VAL D 127 2.19 19.56 18.83
C VAL D 127 2.97 19.42 17.55
N TRP D 128 2.36 18.75 16.57
CA TRP D 128 3.01 18.53 15.27
C TRP D 128 2.40 19.45 14.22
N TYR D 129 3.22 19.98 13.34
CA TYR D 129 2.71 20.81 12.24
C TYR D 129 3.42 20.42 10.96
N GLY D 130 2.65 20.14 9.91
CA GLY D 130 3.26 19.74 8.66
C GLY D 130 4.05 18.42 8.82
N GLY D 131 3.68 17.55 9.75
CA GLY D 131 4.39 16.27 9.86
C GLY D 131 5.62 16.33 10.75
N ARG D 132 5.92 17.65 11.27
CA ARG D 132 7.07 17.65 12.20
C ARG D 132 6.61 17.98 13.62
N PRO D 133 7.35 17.69 14.67
CA PRO D 133 7.04 18.20 16.01
C PRO D 133 7.55 19.61 16.17
N VAL D 134 6.73 20.48 16.77
CA VAL D 134 7.18 21.86 16.76
C VAL D 134 7.10 22.52 18.14
N THR D 135 6.21 21.99 19.01
CA THR D 135 5.95 22.52 20.33
C THR D 135 5.63 21.44 21.34
N GLU D 136 6.08 21.63 22.60
CA GLU D 136 5.72 20.68 23.65
C GLU D 136 5.09 21.45 24.83
N ILE D 137 4.07 20.85 25.43
CA ILE D 137 3.34 21.49 26.52
C ILE D 137 3.24 20.58 27.73
N PRO D 138 3.93 20.93 28.81
CA PRO D 138 3.80 20.09 30.00
C PRO D 138 2.46 20.27 30.73
N SER D 139 2.02 19.19 31.39
CA SER D 139 0.88 19.22 32.32
C SER D 139 0.97 20.38 33.29
N TRP D 140 -0.13 21.12 33.45
CA TRP D 140 -0.16 22.32 34.30
C TRP D 140 -0.84 22.01 35.65
N ALA D 141 -1.54 20.89 35.73
CA ALA D 141 -2.27 20.53 36.94
C ALA D 141 -2.02 19.10 37.38
N GLY D 142 -1.14 18.38 36.65
CA GLY D 142 -0.69 17.05 37.08
C GLY D 142 -1.73 15.97 37.29
N ASN D 143 -2.77 16.00 36.45
CA ASN D 143 -3.85 15.03 36.53
C ASN D 143 -4.50 14.85 35.16
N ILE D 144 -3.83 14.06 34.32
CA ILE D 144 -4.36 13.59 33.01
C ILE D 144 -4.71 14.75 32.09
N LEU D 145 -3.66 15.44 31.67
CA LEU D 145 -3.72 16.44 30.63
C LEU D 145 -4.38 15.73 29.42
N ARG D 146 -5.38 16.38 28.84
CA ARG D 146 -6.25 15.71 27.83
C ARG D 146 -6.96 16.74 26.95
N THR D 147 -7.42 16.34 25.75
CA THR D 147 -7.95 17.31 24.79
C THR D 147 -9.16 16.72 24.03
N GLN D 148 -9.41 17.21 22.80
CA GLN D 148 -10.77 17.12 22.23
C GLN D 148 -11.26 15.73 21.81
N GLU D 149 -10.34 14.92 21.27
CA GLU D 149 -10.66 13.62 20.66
C GLU D 149 -11.58 13.79 19.42
N SER D 150 -11.56 14.99 18.84
CA SER D 150 -12.10 15.21 17.46
C SER D 150 -11.41 16.44 16.88
N GLU D 151 -11.75 16.84 15.66
CA GLU D 151 -10.94 17.83 15.01
C GLU D 151 -11.06 19.24 15.64
N CYS D 152 -9.95 19.96 15.61
CA CYS D 152 -9.95 21.41 15.87
C CYS D 152 -10.38 22.15 14.59
N VAL D 153 -10.39 23.48 14.59
CA VAL D 153 -10.84 24.27 13.47
C VAL D 153 -9.88 25.42 13.34
N CYS D 154 -9.55 25.77 12.11
CA CYS D 154 -8.63 26.87 11.88
C CYS D 154 -9.30 28.03 11.14
N HIS D 155 -8.82 29.23 11.40
CA HIS D 155 -9.29 30.44 10.70
C HIS D 155 -8.16 31.43 10.53
N GLY D 156 -7.81 31.77 9.29
CA GLY D 156 -6.72 32.72 9.06
C GLY D 156 -5.41 32.34 9.72
N GLY D 157 -5.18 31.02 9.77
CA GLY D 157 -3.98 30.44 10.35
C GLY D 157 -3.96 30.21 11.85
N ILE D 158 -5.02 30.64 12.56
CA ILE D 158 -5.19 30.41 13.99
C ILE D 158 -6.10 29.22 14.26
N CYS D 159 -5.59 28.27 15.04
CA CYS D 159 -6.30 27.03 15.28
C CYS D 159 -6.42 26.87 16.78
N PRO D 160 -7.56 27.27 17.33
CA PRO D 160 -7.80 27.11 18.76
C PRO D 160 -8.06 25.69 19.16
N VAL D 161 -7.55 25.33 20.34
CA VAL D 161 -7.71 23.98 20.83
C VAL D 161 -8.08 24.07 22.30
N VAL D 162 -9.03 23.24 22.73
CA VAL D 162 -9.46 23.19 24.13
C VAL D 162 -8.81 22.01 24.86
N MET D 163 -8.10 22.25 25.96
CA MET D 163 -7.45 21.21 26.74
C MET D 163 -7.82 21.35 28.19
N THR D 164 -7.91 20.22 28.85
CA THR D 164 -8.19 20.17 30.28
C THR D 164 -7.14 19.40 31.09
N ASP D 165 -6.88 19.84 32.31
CA ASP D 165 -5.95 19.13 33.18
C ASP D 165 -6.58 19.22 34.58
N GLY D 166 -6.67 18.11 35.30
CA GLY D 166 -7.37 18.10 36.58
C GLY D 166 -8.43 17.02 36.72
N PRO D 167 -9.17 17.05 37.83
CA PRO D 167 -10.14 16.02 38.14
C PRO D 167 -11.16 15.80 37.05
N ALA D 168 -11.62 14.56 36.91
CA ALA D 168 -12.70 14.23 35.99
C ALA D 168 -14.06 14.36 36.72
N ASN D 169 -13.98 14.48 38.06
CA ASN D 169 -15.16 14.42 38.92
C ASN D 169 -15.26 15.62 39.86
N ASN D 170 -14.57 16.69 39.51
CA ASN D 170 -14.56 17.90 40.31
C ASN D 170 -14.03 19.04 39.45
N ARG D 171 -13.95 20.25 39.99
CA ARG D 171 -13.45 21.36 39.20
C ARG D 171 -12.04 21.09 38.58
N ALA D 172 -11.87 21.46 37.31
CA ALA D 172 -10.59 21.23 36.63
C ALA D 172 -10.05 22.53 36.11
N GLU D 173 -8.89 22.44 35.44
CA GLU D 173 -8.24 23.62 34.85
C GLU D 173 -8.18 23.50 33.32
N THR D 174 -9.14 24.14 32.68
CA THR D 174 -9.28 24.08 31.21
C THR D 174 -8.65 25.32 30.62
N LYS D 175 -7.98 25.16 29.47
CA LYS D 175 -7.39 26.27 28.79
C LYS D 175 -7.77 26.22 27.30
N ILE D 176 -7.86 27.39 26.68
CA ILE D 176 -8.04 27.57 25.22
C ILE D 176 -6.68 28.03 24.67
N ILE D 177 -6.07 27.17 23.81
CA ILE D 177 -4.73 27.49 23.32
C ILE D 177 -4.83 27.82 21.83
N TYR D 178 -4.33 28.99 21.45
CA TYR D 178 -4.42 29.46 20.08
C TYR D 178 -3.11 29.26 19.34
N PHE D 179 -3.13 28.29 18.43
CA PHE D 179 -1.92 27.92 17.69
C PHE D 179 -1.86 28.57 16.34
N LYS D 180 -0.63 28.89 15.93
CA LYS D 180 -0.39 29.27 14.51
C LYS D 180 0.90 28.53 14.09
N GLU D 181 0.79 27.68 13.06
CA GLU D 181 1.91 26.79 12.67
C GLU D 181 2.42 25.95 13.82
N GLY D 182 1.47 25.51 14.66
CA GLY D 182 1.81 24.71 15.81
C GLY D 182 2.51 25.44 16.96
N LYS D 183 2.64 26.76 16.88
CA LYS D 183 3.28 27.55 17.95
C LYS D 183 2.16 28.28 18.73
N ILE D 184 2.36 28.42 20.03
CA ILE D 184 1.37 29.08 20.85
C ILE D 184 1.39 30.61 20.68
N LYS D 185 0.25 31.17 20.25
CA LYS D 185 0.13 32.63 20.05
C LYS D 185 -0.50 33.29 21.26
N LYS D 186 -1.34 32.52 21.94
CA LYS D 186 -2.09 32.96 23.11
C LYS D 186 -2.63 31.75 23.86
N ILE D 187 -2.68 31.86 25.19
CA ILE D 187 -3.34 30.87 26.03
C ILE D 187 -4.32 31.60 26.93
N GLU D 188 -5.53 31.07 27.07
CA GLU D 188 -6.52 31.63 28.01
C GLU D 188 -7.01 30.60 28.95
N GLU D 189 -7.20 30.96 30.23
CA GLU D 189 -7.99 30.12 31.13
C GLU D 189 -9.48 30.13 30.78
N LEU D 190 -10.16 28.99 30.94
CA LEU D 190 -11.59 28.93 30.64
C LEU D 190 -12.34 29.98 31.44
N LYS D 191 -13.22 30.71 30.77
CA LYS D 191 -14.08 31.65 31.49
C LYS D 191 -15.54 31.40 31.16
N GLY D 192 -16.41 32.02 31.93
CA GLY D 192 -17.85 31.90 31.68
C GLY D 192 -18.54 30.91 32.59
N ASP D 193 -19.73 30.45 32.16
CA ASP D 193 -20.59 29.65 33.04
C ASP D 193 -20.36 28.15 32.99
N ALA D 194 -19.58 27.67 32.03
CA ALA D 194 -19.37 26.21 31.98
C ALA D 194 -18.59 25.73 33.21
N GLN D 195 -19.05 24.68 33.88
CA GLN D 195 -18.45 24.25 35.16
C GLN D 195 -17.35 23.20 35.04
N HIS D 196 -17.39 22.46 33.93
CA HIS D 196 -16.43 21.41 33.66
C HIS D 196 -16.42 21.18 32.14
N ILE D 197 -15.21 21.05 31.59
CA ILE D 197 -15.02 20.91 30.16
C ILE D 197 -14.11 19.71 29.81
N GLU D 198 -14.70 18.83 29.02
CA GLU D 198 -13.98 17.69 28.42
C GLU D 198 -14.37 17.50 26.97
N GLU D 199 -13.42 17.04 26.15
CA GLU D 199 -13.76 16.41 24.88
C GLU D 199 -14.63 17.25 23.95
N CYS D 200 -14.19 18.48 23.70
CA CYS D 200 -15.01 19.39 22.89
C CYS D 200 -15.07 18.97 21.44
N SER D 201 -16.27 19.10 20.88
CA SER D 201 -16.56 18.91 19.45
C SER D 201 -16.82 20.26 18.82
N CYS D 202 -15.94 20.65 17.88
CA CYS D 202 -15.91 22.02 17.38
C CYS D 202 -16.16 22.11 15.88
N TYR D 203 -16.77 23.20 15.45
CA TYR D 203 -16.93 23.47 14.04
C TYR D 203 -16.94 24.99 13.81
N GLY D 204 -16.73 25.45 12.57
CA GLY D 204 -16.58 26.87 12.31
C GLY D 204 -17.64 27.30 11.34
N ALA D 205 -18.05 28.58 11.40
CA ALA D 205 -18.99 29.15 10.45
C ALA D 205 -18.98 30.67 10.66
N SER D 206 -19.00 31.43 9.58
CA SER D 206 -19.10 32.90 9.64
C SER D 206 -18.07 33.51 10.61
N GLU D 207 -16.81 33.07 10.51
CA GLU D 207 -15.65 33.60 11.25
C GLU D 207 -15.69 33.33 12.75
N MET D 208 -16.55 32.40 13.16
CA MET D 208 -16.60 31.97 14.57
C MET D 208 -16.51 30.46 14.77
N ILE D 209 -16.02 30.01 15.92
CA ILE D 209 -15.94 28.59 16.21
C ILE D 209 -16.82 28.26 17.38
N LYS D 210 -17.61 27.20 17.28
CA LYS D 210 -18.40 26.71 18.43
C LYS D 210 -17.97 25.33 18.83
N CYS D 211 -17.76 25.10 20.12
CA CYS D 211 -17.31 23.82 20.68
C CYS D 211 -18.39 23.31 21.63
N ILE D 212 -18.93 22.11 21.41
CA ILE D 212 -19.99 21.54 22.26
C ILE D 212 -19.30 20.46 23.01
N CYS D 213 -19.24 20.55 24.34
CA CYS D 213 -18.32 19.70 25.11
C CYS D 213 -19.10 18.79 26.11
N ARG D 214 -18.35 18.18 27.03
CA ARG D 214 -18.86 17.22 27.99
C ARG D 214 -18.55 17.76 29.36
N ASP D 215 -19.61 18.00 30.16
CA ASP D 215 -19.38 18.35 31.58
C ASP D 215 -19.42 17.02 32.34
N ASN D 216 -18.27 16.59 32.90
CA ASN D 216 -18.21 15.27 33.50
C ASN D 216 -18.49 15.37 34.99
N TRP D 217 -18.67 16.59 35.45
CA TRP D 217 -18.77 16.85 36.88
C TRP D 217 -20.22 16.93 37.34
N LYS D 218 -20.99 17.78 36.67
CA LYS D 218 -22.33 18.14 37.12
C LYS D 218 -23.41 17.95 36.05
N GLY D 219 -23.24 18.59 34.88
CA GLY D 219 -24.30 18.74 33.90
C GLY D 219 -24.61 17.57 32.97
N ALA D 220 -25.91 17.35 32.73
CA ALA D 220 -26.39 16.47 31.64
C ALA D 220 -26.72 17.31 30.40
N ASN D 221 -26.84 18.61 30.59
CA ASN D 221 -26.79 19.53 29.45
C ASN D 221 -25.30 19.74 29.09
N ARG D 222 -25.04 20.05 27.82
CA ARG D 222 -23.65 20.19 27.38
C ARG D 222 -23.17 21.62 27.44
N PRO D 223 -21.91 21.83 27.91
CA PRO D 223 -21.28 23.15 27.80
C PRO D 223 -21.03 23.54 26.36
N VAL D 224 -21.10 24.82 26.06
CA VAL D 224 -20.85 25.37 24.73
C VAL D 224 -19.79 26.47 24.84
N ILE D 225 -18.63 26.28 24.22
CA ILE D 225 -17.63 27.31 24.21
C ILE D 225 -17.67 28.02 22.85
N THR D 226 -17.82 29.35 22.85
CA THR D 226 -17.86 30.17 21.60
C THR D 226 -16.53 30.92 21.42
N ILE D 227 -15.81 30.66 20.31
CA ILE D 227 -14.43 31.15 20.18
C ILE D 227 -14.33 32.09 19.01
N ASP D 228 -13.76 33.25 19.26
CA ASP D 228 -13.47 34.18 18.18
C ASP D 228 -12.03 34.02 17.78
N PRO D 229 -11.77 33.38 16.65
CA PRO D 229 -10.38 33.08 16.31
C PRO D 229 -9.53 34.28 15.92
N GLU D 230 -10.11 35.32 15.35
CA GLU D 230 -9.32 36.47 14.99
C GLU D 230 -8.99 37.30 16.25
N MET D 231 -9.94 37.49 17.18
CA MET D 231 -9.60 38.26 18.39
C MET D 231 -8.95 37.40 19.47
N MET D 232 -8.97 36.08 19.25
CA MET D 232 -8.47 35.07 20.20
C MET D 232 -9.06 35.24 21.60
N THR D 233 -10.38 35.28 21.63
CA THR D 233 -11.17 35.31 22.85
C THR D 233 -12.31 34.28 22.87
N HIS D 234 -12.85 33.99 24.04
CA HIS D 234 -13.96 33.05 24.10
C HIS D 234 -14.95 33.43 25.20
N THR D 235 -16.12 32.85 25.10
CA THR D 235 -17.09 32.82 26.18
C THR D 235 -17.59 31.38 26.38
N SER D 236 -18.27 31.08 27.50
CA SER D 236 -18.83 29.74 27.66
C SER D 236 -20.16 29.78 28.43
N LYS D 237 -21.04 28.82 28.13
CA LYS D 237 -22.29 28.66 28.86
C LYS D 237 -22.72 27.21 28.66
N TYR D 238 -23.99 26.92 28.89
CA TYR D 238 -24.56 25.62 28.57
C TYR D 238 -25.56 25.73 27.41
N LEU D 239 -25.78 24.59 26.77
CA LEU D 239 -26.79 24.47 25.75
C LEU D 239 -28.16 24.73 26.40
N CYS D 240 -28.91 25.72 25.89
CA CYS D 240 -30.11 26.20 26.62
C CYS D 240 -31.24 25.21 26.60
N SER D 241 -31.32 24.43 25.54
CA SER D 241 -32.50 23.57 25.27
C SER D 241 -32.79 22.54 26.39
N LYS D 242 -34.09 22.32 26.63
CA LYS D 242 -34.54 21.26 27.54
C LYS D 242 -34.21 19.85 27.02
N ILE D 243 -33.81 19.75 25.74
CA ILE D 243 -33.45 18.45 25.19
C ILE D 243 -32.01 18.12 25.62
N LEU D 244 -31.83 17.22 26.58
CA LEU D 244 -30.54 16.97 27.20
C LEU D 244 -29.80 15.97 26.38
N THR D 245 -28.48 16.18 26.18
CA THR D 245 -27.74 15.35 25.24
C THR D 245 -26.45 14.72 25.74
N ASP D 246 -26.10 14.88 27.01
CA ASP D 246 -25.06 14.05 27.59
C ASP D 246 -25.62 12.64 27.89
N THR D 247 -24.72 11.73 28.29
CA THR D 247 -25.05 10.38 28.71
C THR D 247 -24.09 10.03 29.84
N SER D 248 -24.58 9.66 31.04
CA SER D 248 -26.00 9.51 31.37
C SER D 248 -26.70 10.84 31.62
N ARG D 249 -28.03 10.80 31.53
CA ARG D 249 -28.84 11.97 31.71
C ARG D 249 -30.20 11.63 32.28
N PRO D 250 -30.83 12.59 32.92
CA PRO D 250 -32.25 12.37 33.28
C PRO D 250 -33.21 12.62 32.12
N ASN D 251 -34.51 12.55 32.39
CA ASN D 251 -35.50 12.88 31.39
C ASN D 251 -35.40 14.34 31.04
N ASP D 252 -35.81 14.68 29.83
CA ASP D 252 -35.84 16.07 29.43
C ASP D 252 -36.87 16.78 30.31
N PRO D 253 -36.46 17.87 30.97
CA PRO D 253 -37.32 18.69 31.84
C PRO D 253 -38.20 19.64 31.02
N THR D 254 -39.08 20.40 31.67
CA THR D 254 -39.90 21.32 30.91
C THR D 254 -39.09 22.55 30.44
N ASN D 255 -38.04 22.90 31.20
CA ASN D 255 -37.14 24.00 30.84
C ASN D 255 -35.66 23.66 31.00
N GLY D 256 -34.87 23.96 29.97
CA GLY D 256 -33.43 23.83 30.10
C GLY D 256 -32.82 24.97 30.89
N LYS D 257 -31.49 25.00 30.91
CA LYS D 257 -30.75 26.01 31.61
C LYS D 257 -29.53 26.49 30.83
N CYS D 258 -29.42 27.79 30.64
CA CYS D 258 -28.32 28.40 29.89
C CYS D 258 -27.05 28.56 30.73
N GLU D 259 -27.23 28.83 32.01
CA GLU D 259 -26.13 29.36 32.82
C GLU D 259 -25.70 28.43 33.92
N ALA D 260 -26.26 27.22 33.95
CA ALA D 260 -25.95 26.28 35.00
C ALA D 260 -26.15 24.85 34.54
N PRO D 261 -25.43 23.91 35.18
CA PRO D 261 -25.70 22.52 34.83
C PRO D 261 -27.03 22.03 35.35
N ILE D 262 -27.68 21.19 34.56
CA ILE D 262 -28.79 20.36 35.00
C ILE D 262 -28.25 19.01 35.48
N THR D 263 -28.41 18.72 36.75
CA THR D 263 -27.86 17.47 37.27
C THR D 263 -28.82 16.31 37.11
N GLY D 264 -28.35 15.09 37.36
CA GLY D 264 -29.20 13.93 37.28
C GLY D 264 -28.66 12.94 36.28
N GLY D 265 -29.33 11.80 36.17
CA GLY D 265 -28.88 10.76 35.27
C GLY D 265 -28.09 9.73 36.01
N SER D 266 -28.17 8.48 35.55
CA SER D 266 -27.41 7.38 36.13
C SER D 266 -27.11 6.27 35.11
N PRO D 267 -25.94 5.60 35.21
CA PRO D 267 -24.86 5.66 36.21
C PRO D 267 -23.58 6.43 35.83
N ASP D 268 -23.48 6.88 34.58
CA ASP D 268 -22.23 7.44 34.06
C ASP D 268 -22.28 8.98 33.97
N PRO D 269 -21.11 9.64 34.19
CA PRO D 269 -21.07 11.10 34.22
C PRO D 269 -20.99 11.81 32.88
N GLY D 270 -20.68 11.11 31.80
CA GLY D 270 -20.62 11.81 30.53
C GLY D 270 -20.13 10.99 29.34
N VAL D 271 -20.35 11.54 28.16
CA VAL D 271 -19.84 10.91 26.93
C VAL D 271 -19.48 12.06 25.99
N LYS D 272 -18.43 11.92 25.17
CA LYS D 272 -18.26 12.97 24.16
C LYS D 272 -19.40 13.06 23.18
N GLY D 273 -19.85 14.27 22.88
CA GLY D 273 -20.90 14.52 21.91
C GLY D 273 -20.77 15.84 21.18
N PHE D 274 -21.82 16.25 20.50
CA PHE D 274 -21.72 17.41 19.62
C PHE D 274 -23.13 18.00 19.34
N ALA D 275 -23.11 19.20 18.80
CA ALA D 275 -24.30 19.81 18.18
C ALA D 275 -23.91 20.85 17.16
N PHE D 276 -24.85 21.11 16.23
CA PHE D 276 -24.73 22.25 15.32
C PHE D 276 -25.74 23.31 15.69
N LEU D 277 -25.25 24.52 15.98
CA LEU D 277 -26.10 25.56 16.60
C LEU D 277 -26.16 26.76 15.67
N ASP D 278 -27.31 26.91 15.02
CA ASP D 278 -27.39 27.90 13.97
C ASP D 278 -28.83 28.42 13.92
N GLY D 279 -29.29 28.98 15.03
CA GLY D 279 -30.67 29.47 15.08
C GLY D 279 -31.71 28.38 14.82
N GLU D 280 -32.60 28.64 13.85
CA GLU D 280 -33.61 27.68 13.46
C GLU D 280 -32.99 26.41 12.92
N ASN D 281 -31.79 26.57 12.35
CA ASN D 281 -31.06 25.45 11.72
C ASN D 281 -30.16 24.71 12.71
N SER D 282 -30.74 24.27 13.83
CA SER D 282 -29.93 23.67 14.87
C SER D 282 -30.29 22.21 15.04
N TRP D 283 -29.23 21.41 15.16
CA TRP D 283 -29.35 20.00 15.30
C TRP D 283 -28.52 19.49 16.48
N LEU D 284 -29.15 18.64 17.30
CA LEU D 284 -28.50 18.02 18.48
C LEU D 284 -28.41 16.53 18.33
N GLY D 285 -27.24 15.93 18.56
CA GLY D 285 -27.18 14.46 18.61
C GLY D 285 -27.19 13.95 20.01
N ARG D 286 -27.64 12.72 20.21
CA ARG D 286 -27.47 12.10 21.52
C ARG D 286 -27.64 10.61 21.41
N THR D 287 -27.19 9.86 22.42
CA THR D 287 -27.50 8.40 22.47
C THR D 287 -29.04 8.28 22.68
N ILE D 288 -29.63 7.21 22.18
CA ILE D 288 -31.09 7.04 22.38
C ILE D 288 -31.38 6.70 23.84
N SER D 289 -30.68 5.70 24.35
CA SER D 289 -30.76 5.42 25.79
C SER D 289 -30.32 6.64 26.62
N LYS D 290 -31.04 6.93 27.71
CA LYS D 290 -30.61 7.98 28.64
C LYS D 290 -29.49 7.55 29.59
N ASP D 291 -29.31 6.24 29.74
CA ASP D 291 -28.38 5.66 30.69
C ASP D 291 -27.08 5.26 30.05
N SER D 292 -27.18 4.61 28.88
CA SER D 292 -26.04 3.87 28.31
C SER D 292 -25.64 4.42 26.95
N ARG D 293 -24.42 4.08 26.55
CA ARG D 293 -23.98 4.42 25.19
C ARG D 293 -24.59 3.46 24.16
N SER D 294 -25.93 3.49 24.02
CA SER D 294 -26.64 2.64 23.03
C SER D 294 -27.55 3.50 22.17
N GLY D 295 -27.60 3.20 20.86
CA GLY D 295 -28.39 3.95 19.89
C GLY D 295 -27.80 5.33 19.63
N TYR D 296 -28.31 6.00 18.61
CA TYR D 296 -27.92 7.40 18.38
C TYR D 296 -29.00 8.09 17.57
N GLU D 297 -29.37 9.31 17.94
CA GLU D 297 -30.41 10.04 17.23
C GLU D 297 -30.04 11.50 17.01
N MET D 298 -30.51 12.04 15.89
CA MET D 298 -30.38 13.47 15.61
C MET D 298 -31.75 14.10 15.79
N LEU D 299 -31.78 15.24 16.48
CA LEU D 299 -32.99 16.01 16.75
C LEU D 299 -32.84 17.44 16.24
N LYS D 300 -33.75 17.90 15.39
CA LYS D 300 -33.69 19.27 14.90
C LYS D 300 -34.45 20.09 15.92
N VAL D 301 -33.72 20.97 16.57
CA VAL D 301 -34.23 21.73 17.73
C VAL D 301 -34.00 23.22 17.52
N PRO D 302 -34.98 23.92 16.90
CA PRO D 302 -34.75 25.34 16.62
C PRO D 302 -34.42 26.16 17.86
N ASN D 303 -33.40 27.00 17.69
CA ASN D 303 -32.92 27.87 18.74
C ASN D 303 -32.50 27.15 19.98
N ALA D 304 -32.06 25.90 19.83
CA ALA D 304 -31.53 25.15 20.97
C ALA D 304 -30.52 25.94 21.81
N GLU D 305 -29.77 26.84 21.16
CA GLU D 305 -28.66 27.54 21.84
C GLU D 305 -29.18 28.64 22.77
N THR D 306 -30.39 29.13 22.51
CA THR D 306 -30.86 30.34 23.17
C THR D 306 -32.20 30.19 23.87
N ASP D 307 -32.93 29.13 23.57
CA ASP D 307 -34.32 29.01 24.02
C ASP D 307 -34.48 27.79 24.97
N THR D 308 -34.68 28.03 26.28
CA THR D 308 -34.79 26.92 27.24
C THR D 308 -36.02 26.01 27.05
N GLN D 309 -37.00 26.46 26.28
CA GLN D 309 -38.18 25.65 25.99
C GLN D 309 -38.18 25.05 24.61
N SER D 310 -37.03 25.14 23.93
CA SER D 310 -36.95 24.62 22.57
C SER D 310 -37.06 23.09 22.59
N GLY D 311 -37.91 22.54 21.72
CA GLY D 311 -38.00 21.09 21.50
C GLY D 311 -37.73 20.67 20.06
N ALA D 312 -37.87 19.37 19.78
CA ALA D 312 -37.56 18.77 18.48
C ALA D 312 -38.71 18.93 17.48
N ILE D 313 -38.40 19.38 16.27
CA ILE D 313 -39.40 19.45 15.20
C ILE D 313 -39.17 18.40 14.15
N SER D 314 -38.03 17.69 14.23
CA SER D 314 -37.81 16.54 13.34
C SER D 314 -36.76 15.64 13.98
N HIS D 315 -36.65 14.29 13.64
CA HIS D 315 -35.94 13.21 14.29
C HIS D 315 -35.36 12.38 13.14
N GLN D 316 -34.11 11.99 13.39
CA GLN D 316 -33.64 10.88 12.59
C GLN D 316 -32.83 9.92 13.46
N ILE D 317 -33.19 8.63 13.41
CA ILE D 317 -32.43 7.60 14.07
C ILE D 317 -31.20 7.24 13.23
N ILE D 318 -30.03 7.34 13.83
CA ILE D 318 -28.77 6.99 13.14
C ILE D 318 -28.28 5.57 13.46
N VAL D 319 -28.39 5.16 14.74
CA VAL D 319 -28.11 3.81 15.20
C VAL D 319 -29.32 3.40 16.09
N ASN D 320 -29.97 2.27 15.78
CA ASN D 320 -31.13 1.93 16.61
C ASN D 320 -30.67 1.57 18.01
N ASN D 321 -31.65 1.61 18.93
CA ASN D 321 -31.30 1.40 20.33
C ASN D 321 -31.08 -0.08 20.73
N GLN D 322 -31.01 -1.00 19.78
CA GLN D 322 -30.57 -2.34 20.08
C GLN D 322 -29.08 -2.51 19.81
N ASN D 323 -28.41 -1.40 19.55
CA ASN D 323 -27.00 -1.43 19.18
C ASN D 323 -26.17 -0.44 19.93
N TRP D 324 -24.92 -0.78 20.15
CA TRP D 324 -23.98 0.08 20.86
C TRP D 324 -23.49 1.24 20.00
N SER D 325 -23.45 2.41 20.60
CA SER D 325 -22.82 3.60 20.03
C SER D 325 -21.54 3.89 20.83
N GLY D 326 -21.34 5.15 21.22
CA GLY D 326 -20.05 5.57 21.76
C GLY D 326 -19.90 7.07 21.61
N TYR D 327 -18.66 7.52 21.47
CA TYR D 327 -18.36 8.98 21.26
C TYR D 327 -18.96 9.48 19.97
N SER D 328 -19.23 10.76 19.86
CA SER D 328 -19.71 11.31 18.55
C SER D 328 -19.10 12.69 18.45
N GLY D 329 -18.92 13.22 17.22
CA GLY D 329 -18.24 14.50 17.09
C GLY D 329 -18.50 15.16 15.74
N ALA D 330 -18.20 16.45 15.67
CA ALA D 330 -18.41 17.28 14.47
C ALA D 330 -17.15 17.34 13.61
N PHE D 331 -17.39 17.41 12.30
CA PHE D 331 -16.36 17.82 11.34
C PHE D 331 -17.06 18.39 10.16
N ILE D 332 -16.32 19.20 9.39
CA ILE D 332 -16.87 19.77 8.13
C ILE D 332 -15.76 19.73 7.06
N ASP D 333 -16.17 19.42 5.83
CA ASP D 333 -15.26 19.63 4.74
C ASP D 333 -15.27 21.09 4.32
N TYR D 334 -14.38 21.85 4.95
CA TYR D 334 -14.31 23.28 4.67
C TYR D 334 -13.86 23.60 3.28
N TRP D 335 -13.40 22.59 2.53
CA TRP D 335 -12.86 22.83 1.18
C TRP D 335 -13.85 22.33 0.12
N ALA D 336 -15.08 22.02 0.52
CA ALA D 336 -16.10 21.61 -0.44
C ALA D 336 -16.49 22.70 -1.44
N ASN D 337 -17.05 22.27 -2.57
CA ASN D 337 -17.46 23.18 -3.62
C ASN D 337 -18.92 23.59 -3.46
N LYS D 338 -19.17 24.27 -2.35
CA LYS D 338 -20.51 24.75 -1.96
C LYS D 338 -20.35 26.17 -1.43
N GLU D 339 -21.44 26.93 -1.44
CA GLU D 339 -21.34 28.28 -0.93
C GLU D 339 -21.61 28.38 0.55
N CYS D 340 -21.87 27.24 1.17
CA CYS D 340 -22.03 27.09 2.60
C CYS D 340 -21.18 25.93 3.10
N PHE D 341 -20.88 25.92 4.42
CA PHE D 341 -20.15 24.79 5.09
C PHE D 341 -21.16 23.76 5.52
N ASN D 342 -21.05 22.53 5.04
CA ASN D 342 -22.10 21.56 5.38
C ASN D 342 -21.76 20.74 6.61
N PRO D 343 -22.59 20.80 7.64
CA PRO D 343 -22.36 19.96 8.83
C PRO D 343 -22.17 18.43 8.55
N CYS D 344 -21.15 17.86 9.17
CA CYS D 344 -20.99 16.41 9.23
C CYS D 344 -20.75 15.98 10.66
N PHE D 345 -21.02 14.70 10.90
CA PHE D 345 -20.66 14.15 12.20
C PHE D 345 -20.32 12.65 12.13
N TYR D 346 -19.66 12.11 13.15
CA TYR D 346 -19.42 10.68 13.19
C TYR D 346 -20.00 10.14 14.47
N VAL D 347 -20.29 8.85 14.44
CA VAL D 347 -20.57 8.07 15.66
C VAL D 347 -19.57 6.91 15.78
N GLU D 348 -18.88 6.90 16.92
CA GLU D 348 -18.06 5.76 17.36
C GLU D 348 -18.94 4.60 17.76
N LEU D 349 -18.74 3.42 17.15
CA LEU D 349 -19.59 2.26 17.45
C LEU D 349 -18.70 1.28 18.24
N ILE D 350 -18.81 1.34 19.57
CA ILE D 350 -17.96 0.59 20.46
C ILE D 350 -18.41 -0.86 20.60
N ARG D 351 -17.46 -1.77 20.38
CA ARG D 351 -17.75 -3.18 20.57
C ARG D 351 -16.80 -3.76 21.65
N GLY D 352 -17.27 -4.82 22.32
CA GLY D 352 -16.47 -5.49 23.33
C GLY D 352 -16.71 -4.93 24.73
N ARG D 353 -15.68 -4.91 25.58
CA ARG D 353 -15.90 -4.52 27.00
C ARG D 353 -16.21 -3.03 27.08
N PRO D 354 -16.94 -2.62 28.09
CA PRO D 354 -17.50 -3.46 29.16
C PRO D 354 -18.87 -4.05 28.83
N LYS D 355 -19.53 -3.58 27.79
CA LYS D 355 -20.93 -3.98 27.57
C LYS D 355 -21.04 -5.37 27.02
N GLU D 356 -19.98 -5.85 26.39
CA GLU D 356 -19.96 -7.15 25.76
C GLU D 356 -18.78 -7.97 26.33
N SER D 357 -18.99 -8.57 27.49
CA SER D 357 -17.88 -9.18 28.24
C SER D 357 -17.45 -10.58 27.84
N SER D 358 -18.07 -11.11 26.79
CA SER D 358 -17.68 -12.40 26.25
C SER D 358 -16.37 -12.33 25.49
N VAL D 359 -15.87 -11.13 25.27
CA VAL D 359 -14.52 -10.98 24.71
C VAL D 359 -13.61 -10.18 25.65
N LEU D 360 -12.29 -10.19 25.38
CA LEU D 360 -11.32 -9.59 26.28
C LEU D 360 -10.93 -8.18 25.86
N TRP D 361 -11.46 -7.73 24.73
CA TRP D 361 -11.01 -6.49 24.10
C TRP D 361 -12.10 -5.41 24.05
N THR D 362 -11.71 -4.17 23.72
CA THR D 362 -12.60 -3.06 23.47
C THR D 362 -12.05 -2.45 22.19
N SER D 363 -12.92 -2.21 21.22
CA SER D 363 -12.50 -1.49 20.01
C SER D 363 -13.75 -0.82 19.42
N ASN D 364 -13.73 -0.34 18.20
CA ASN D 364 -14.88 0.33 17.61
C ASN D 364 -14.79 0.28 16.08
N SER D 365 -15.90 0.59 15.45
CA SER D 365 -15.89 1.02 14.07
C SER D 365 -16.45 2.40 14.00
N ILE D 366 -16.57 2.93 12.79
CA ILE D 366 -17.00 4.29 12.60
C ILE D 366 -18.12 4.40 11.59
N VAL D 367 -19.10 5.28 11.83
CA VAL D 367 -20.00 5.70 10.76
C VAL D 367 -20.03 7.24 10.76
N ALA D 368 -20.13 7.84 9.59
CA ALA D 368 -20.16 9.31 9.45
C ALA D 368 -21.23 9.70 8.48
N LEU D 369 -21.88 10.82 8.76
CA LEU D 369 -23.02 11.34 7.95
C LEU D 369 -22.87 12.85 7.78
N CYS D 370 -23.41 13.39 6.69
CA CYS D 370 -23.48 14.86 6.48
C CYS D 370 -24.91 15.35 6.19
N GLY D 371 -25.07 16.64 6.32
CA GLY D 371 -26.39 17.21 6.19
C GLY D 371 -26.92 17.16 4.78
N SER D 372 -28.23 17.10 4.65
CA SER D 372 -28.90 17.24 3.37
C SER D 372 -30.03 18.23 3.50
N LYS D 373 -30.31 18.97 2.43
CA LYS D 373 -31.51 19.84 2.44
C LYS D 373 -32.76 19.04 2.06
N GLU D 374 -32.56 17.85 1.49
CA GLU D 374 -33.66 16.95 1.19
C GLU D 374 -34.22 16.33 2.46
N ARG D 375 -35.39 15.70 2.35
CA ARG D 375 -35.92 14.93 3.44
C ARG D 375 -35.76 13.49 3.11
N LEU D 376 -34.60 12.94 3.49
CA LEU D 376 -34.24 11.63 3.06
C LEU D 376 -34.81 10.60 3.99
N GLY D 377 -35.13 9.41 3.47
CA GLY D 377 -35.37 8.25 4.33
C GLY D 377 -34.11 7.84 5.06
N SER D 378 -34.22 6.96 6.04
CA SER D 378 -33.05 6.53 6.79
C SER D 378 -33.16 5.14 7.38
N TRP D 379 -32.01 4.56 7.68
CA TRP D 379 -32.02 3.31 8.45
C TRP D 379 -30.84 3.31 9.43
N SER D 380 -30.81 2.30 10.30
CA SER D 380 -29.73 2.20 11.27
C SER D 380 -28.37 1.80 10.70
N TRP D 381 -27.33 2.54 11.06
CA TRP D 381 -25.95 2.27 10.60
C TRP D 381 -25.12 1.69 11.74
N HIS D 382 -25.61 0.58 12.31
CA HIS D 382 -24.92 0.00 13.40
C HIS D 382 -23.66 -0.74 12.99
N ASP D 383 -22.82 -1.11 13.96
CA ASP D 383 -21.49 -1.73 13.68
C ASP D 383 -21.64 -2.95 12.78
N GLY D 384 -22.51 -3.90 13.11
CA GLY D 384 -22.80 -5.04 12.21
C GLY D 384 -22.03 -6.33 12.45
N ALA D 385 -21.13 -6.33 13.44
CA ALA D 385 -20.31 -7.52 13.72
C ALA D 385 -21.16 -8.41 14.60
N GLU D 386 -20.95 -9.70 14.43
CA GLU D 386 -21.55 -10.72 15.30
C GLU D 386 -20.59 -11.12 16.40
N ILE D 387 -20.88 -10.70 17.63
CA ILE D 387 -19.97 -10.94 18.73
C ILE D 387 -19.75 -12.46 18.98
N ILE D 388 -20.73 -13.29 18.63
CA ILE D 388 -20.56 -14.78 18.76
C ILE D 388 -19.36 -15.30 17.96
N TYR D 389 -19.10 -14.68 16.81
CA TYR D 389 -17.94 -15.07 16.03
C TYR D 389 -16.57 -14.84 16.70
N PHE D 390 -16.52 -13.99 17.71
CA PHE D 390 -15.29 -13.70 18.43
C PHE D 390 -15.11 -14.49 19.72
N LYS D 391 -16.11 -15.29 20.11
CA LYS D 391 -15.98 -15.98 21.40
C LYS D 391 -14.92 -17.07 21.39
#